data_7OCD
#
_entry.id   7OCD
#
_cell.length_a   1.00
_cell.length_b   1.00
_cell.length_c   1.00
_cell.angle_alpha   90.00
_cell.angle_beta   90.00
_cell.angle_gamma   90.00
#
_symmetry.space_group_name_H-M   'P 1'
#
loop_
_entity.id
_entity.type
_entity.pdbx_description
1 polymer 'Isoform Flip of Glutamate receptor 1'
2 polymer 'Glutamate receptor 2'
3 polymer 'Voltage-dependent calcium channel gamma-8 subunit'
4 non-polymer 6-nitro-2,3-bis(oxidanylidene)-1,4-dihydrobenzo[f]quinoxaline-7-sulfonamide
5 non-polymer 1,2-DIACYL-SN-GLYCERO-3-PHOSPHOCHOLINE
#
loop_
_entity_poly.entity_id
_entity_poly.type
_entity_poly.pdbx_seq_one_letter_code
_entity_poly.pdbx_strand_id
1 'polypeptide(L)'
;MPYIFAFFCTGFLGAVVGADYKDDDDKNFPNNIQIGGLFPNQQSQEHAAFRFALSQLTEPPKLLPQIDIVNISDSFEMTY
RFCSQFSKGVYAIFGFYERRTVNMLTSFCGALHVCFITPSFPVDTSNQFVLQLRPELQEALISIIDHYKWQTFVYIYDAD
RGLSVLQRVLDTAAEKNWQVTAVNILTTTEEGYRMLFQDLEKKKERLVVVDCESERLNAILGQIVKLEKNGIGYHYILAN
LGFMDIDLNKFKESGANVTGFQLVNYTDTIPARIMQQWRTSDSRDHTRVDWKRPKYTSALTYDGVKVMAEAFQSLRRQRI
DISRRGNAGDCLANPAVPWGQGIDIQRALQQVRFEGLTGNVQFNEKGRRTNYTLHVIEMKHDGIRKIGYWNEDDKFVPAA
TDAQAGGDNSSVQNRTYIVTTILEDPYVMLKKNANQFEGNDRYEGYCVELAAEIAKHVGYSYRLEIVSDGKYGARDPDTK
AWNGMVGELVYGRADVAVAPLTITLVREEVIDFSKPFMSLGISIMIKKPQKSKPGVFSFLDPLAYEIWMCIVFAYIGVSV
VLFLVSRFSPYEWHSEEFEEGRDQTTSDQSNEFGIFNSLWFSLGAFMQQGCDISPRSLSGRIVGGVWWFFTLIIISSYTA
NLAAFLTVERMVSPIESAEDLAKQTEIAYGTLEAGSTKEFFRRSKIAVFEKMWTYMKSAEPSVFVRTTEEGMIRVRKSKG
KYAYLLESTMNEYIEQRKPCDTMKVGGNLDSKGYGIATPKGSALRGPVNLAVLKLSEQGVLDKLKSKWWYDKGECGSKDS
GSKDKTSALSLSNVAGVFYILIGGLGLAMLVALIEFCYKSRSESKRMKGFCLIPQQSINEAIRTSTLPRNSGAGASGGGG
SGENGRVVSQDFPKSMQSIPCMSHSSGMPLGATGL
;
A,C
2 'polypeptide(L)'
;MQKIMHISVLLSPVLWGLIFGVSSNSIQIGGLFPRGADQEYSAFRVGMVQFSTSEFRLTPHIDNLEVANSFAVTNAFCSQ
FSRGVYAIFGFYDKKSVNTITSFCGTLHVSFITPSFPTDGTHPFVIQMRPDLKGALLSLIEYYQWDKFAYLYDSDRGLST
LQAVLDSAAEKKWQVTAINVGNINNDKKDETYRSLFQDLELKKERRVILDCERDKVNDIVDQVITIGKHVKGYHYIIANL
GFTDGDLLKIQFGGANVSGFQIVDYDDSLVSKFIERWSTLEEKEYPGAHTATIKYTSALTYDAVQVMTEAFRNLRKQRIE
ISRRGNAGDCLANPAVPWGQGVEIERALKQVQVEGLSGNIKFDQNGKRINYTINIMELKTNGPRKIGYWSEVDKMVVTLT
ELPSGNDTSGLENKTVVVTTILESPYVMMKKNHEMLEGNERYEGYCVDLAAEIAKHCGFKYKLTIVGDGKYGARDADTKI
WNGMVGELVYGKADIAIAPLTITLVREEVIDFSKPFMSLGISIMIKKPQKSKPGVFSFLDPLAYEIWMCIVFAYIGVSVV
LFLVSRFSPYEWHTEEFEDGRETQSSESTNEFGIFNSLWFSLGAFMRQGCDISPRSLSGRIVGGVWWFFTLIIISSYTAN
LAAFLTVERMVSPIESAEDLSKQTEIAYGTLDSGSTKEFFRRSKIAVFDKMWTYMRSAEPSVFVRTTAEGVARVRKSKGK
YAYLLESTMNEYIEQRKPCDTMKVGGNLDSKGYGIATPKGSSLGTPVNLAVLKLSEQGVLDKLKNKWWYDKGECGAKDSG
SKEKTSALSLSNVAGVFYILVGGLGLAMLVALIEFCYKSRAEAKRMKVAKNPQNINPSSS
;
D,B
3 'polypeptide(L)'
;GESLKRWNEERGLWCEKGVQVLLTTIGAFAAFGLMTIAISTDYWLYTRALICNTTNLTAGDDGPPHRGGSGSSEKKDPGG
LTHSGLWRICCLEGLKRGVCVKINHFPEDTDYDHDSAEYLLRVVRASSIFPILSAILLLLGGVCVAASRVYKSKRNIILG
AGILFVAAGLSNIIGVIVYISANAGEPGPKRDEEKKNHYSYGWSFYFGGLSFILAEVIGVLAVNIYIERSREAHCQSRSD
LLKAGGGAGGSGGSGPSAILRLPSYRFRYRRRSRSSSRGSSEASPSRDASPGGPGGPGFASTDISMYTLSRDPSKGSVAA
GLASAGGGGGGAGVGAYGGAAGAAGGGGTGSERDRGSSAGFLTLHNAFPKEAASGVTVTVTGPPAAPAPAPPAPAAPAPG
TLSKEAAASNTNTLNRKLEVLFQ
;
I,J
#
loop_
_chem_comp.id
_chem_comp.type
_chem_comp.name
_chem_comp.formula
E2Q non-polymer 6-nitro-2,3-bis(oxidanylidene)-1,4-dihydrobenzo[f]quinoxaline-7-sulfonamide 'C12 H8 N4 O6 S'
PC1 non-polymer 1,2-DIACYL-SN-GLYCERO-3-PHOSPHOCHOLINE 'C44 H88 N O8 P'
#
# COMPACT_ATOMS: atom_id res chain seq x y z
N TYR A 417 -30.80 -42.53 -35.92
CA TYR A 417 -31.06 -41.14 -36.22
C TYR A 417 -29.74 -40.37 -36.38
N ILE A 418 -29.64 -39.59 -37.45
CA ILE A 418 -28.43 -38.83 -37.69
C ILE A 418 -28.17 -37.92 -36.50
N VAL A 419 -26.89 -37.70 -36.22
CA VAL A 419 -26.45 -36.81 -35.16
C VAL A 419 -25.43 -35.86 -35.73
N THR A 420 -25.69 -34.57 -35.62
CA THR A 420 -24.74 -33.56 -36.04
C THR A 420 -23.79 -33.24 -34.90
N THR A 421 -22.57 -32.85 -35.25
CA THR A 421 -21.53 -32.61 -34.27
C THR A 421 -20.43 -31.78 -34.91
N ILE A 422 -19.45 -31.38 -34.10
CA ILE A 422 -18.31 -30.61 -34.55
C ILE A 422 -17.10 -31.06 -33.73
N LEU A 423 -15.91 -30.69 -34.20
CA LEU A 423 -14.66 -31.29 -33.75
C LEU A 423 -13.93 -30.49 -32.69
N GLU A 424 -14.55 -29.48 -32.10
CA GLU A 424 -13.90 -28.73 -31.03
C GLU A 424 -13.59 -29.67 -29.86
N ASP A 425 -12.33 -29.68 -29.45
CA ASP A 425 -11.93 -30.50 -28.32
C ASP A 425 -12.08 -29.73 -27.02
N PRO A 426 -12.25 -30.41 -25.89
CA PRO A 426 -12.26 -31.86 -25.68
C PRO A 426 -13.59 -32.53 -25.96
N TYR A 427 -14.47 -31.85 -26.69
CA TYR A 427 -15.67 -32.48 -27.16
C TYR A 427 -15.28 -33.42 -28.29
N VAL A 428 -16.25 -33.88 -29.07
CA VAL A 428 -15.98 -34.93 -30.06
C VAL A 428 -14.75 -34.59 -30.86
N MET A 429 -13.80 -35.51 -30.88
CA MET A 429 -12.53 -35.35 -31.57
C MET A 429 -12.19 -36.66 -32.26
N LEU A 430 -11.14 -36.63 -33.09
CA LEU A 430 -10.74 -37.79 -33.87
C LEU A 430 -9.96 -38.76 -32.98
N LYS A 431 -10.47 -39.98 -32.85
CA LYS A 431 -9.80 -40.97 -32.02
C LYS A 431 -8.44 -41.31 -32.59
N LYS A 432 -7.45 -41.43 -31.71
CA LYS A 432 -6.11 -41.81 -32.14
C LYS A 432 -6.17 -43.14 -32.87
N ASN A 433 -5.51 -43.20 -34.02
CA ASN A 433 -5.55 -44.37 -34.89
C ASN A 433 -6.98 -44.65 -35.36
N ALA A 434 -7.53 -43.66 -36.05
CA ALA A 434 -8.90 -43.77 -36.57
C ALA A 434 -9.05 -44.83 -37.65
N ASN A 435 -7.94 -45.25 -38.27
CA ASN A 435 -8.04 -46.25 -39.33
C ASN A 435 -8.57 -47.57 -38.78
N GLN A 436 -8.20 -47.92 -37.56
CA GLN A 436 -8.62 -49.16 -36.93
C GLN A 436 -10.04 -49.10 -36.38
N PHE A 437 -10.82 -48.06 -36.72
CA PHE A 437 -12.19 -47.96 -36.27
C PHE A 437 -12.98 -47.18 -37.32
N GLU A 438 -14.30 -47.36 -37.30
CA GLU A 438 -15.17 -46.66 -38.23
C GLU A 438 -16.51 -46.39 -37.57
N GLY A 439 -17.21 -45.39 -38.10
CA GLY A 439 -18.55 -45.09 -37.61
C GLY A 439 -18.53 -44.36 -36.28
N ASN A 440 -19.53 -44.67 -35.46
CA ASN A 440 -19.62 -44.03 -34.15
C ASN A 440 -18.37 -44.30 -33.32
N ASP A 441 -17.84 -45.53 -33.39
CA ASP A 441 -16.65 -45.88 -32.65
C ASP A 441 -15.42 -45.13 -33.15
N ARG A 442 -15.50 -44.47 -34.30
CA ARG A 442 -14.35 -43.76 -34.84
C ARG A 442 -14.04 -42.47 -34.09
N TYR A 443 -14.91 -42.04 -33.18
CA TYR A 443 -14.74 -40.78 -32.48
C TYR A 443 -14.92 -40.98 -30.99
N GLU A 444 -14.18 -40.19 -30.21
CA GLU A 444 -14.26 -40.19 -28.77
C GLU A 444 -14.24 -38.75 -28.27
N GLY A 445 -14.96 -38.50 -27.20
CA GLY A 445 -15.00 -37.16 -26.65
C GLY A 445 -16.14 -37.03 -25.66
N TYR A 446 -16.23 -35.82 -25.09
CA TYR A 446 -17.26 -35.55 -24.10
C TYR A 446 -18.64 -35.70 -24.72
N CYS A 447 -18.87 -35.03 -25.84
CA CYS A 447 -20.16 -35.10 -26.50
C CYS A 447 -20.46 -36.51 -26.98
N VAL A 448 -19.43 -37.27 -27.34
CA VAL A 448 -19.65 -38.65 -27.76
C VAL A 448 -20.24 -39.47 -26.62
N GLU A 449 -19.63 -39.36 -25.44
CA GLU A 449 -20.14 -40.09 -24.28
C GLU A 449 -21.53 -39.59 -23.89
N LEU A 450 -21.74 -38.27 -23.97
CA LEU A 450 -23.04 -37.73 -23.62
C LEU A 450 -24.13 -38.26 -24.55
N ALA A 451 -23.85 -38.30 -25.84
CA ALA A 451 -24.82 -38.82 -26.79
C ALA A 451 -25.03 -40.31 -26.58
N ALA A 452 -23.97 -41.02 -26.22
CA ALA A 452 -24.13 -42.44 -25.89
C ALA A 452 -25.11 -42.61 -24.73
N GLU A 453 -24.93 -41.82 -23.68
CA GLU A 453 -25.83 -41.91 -22.54
C GLU A 453 -27.25 -41.56 -22.95
N ILE A 454 -27.42 -40.49 -23.73
CA ILE A 454 -28.76 -40.07 -24.11
C ILE A 454 -29.44 -41.14 -24.94
N ALA A 455 -28.68 -41.77 -25.84
CA ALA A 455 -29.24 -42.87 -26.62
C ALA A 455 -29.67 -44.00 -25.71
N LYS A 456 -28.84 -44.35 -24.74
CA LYS A 456 -29.20 -45.42 -23.82
C LYS A 456 -30.46 -45.09 -23.04
N HIS A 457 -30.69 -43.81 -22.75
CA HIS A 457 -31.87 -43.43 -21.96
C HIS A 457 -33.12 -43.36 -22.81
N VAL A 458 -33.13 -42.49 -23.82
CA VAL A 458 -34.32 -42.32 -24.64
C VAL A 458 -34.67 -43.63 -25.34
N GLY A 459 -33.68 -44.30 -25.91
CA GLY A 459 -33.86 -45.59 -26.53
C GLY A 459 -33.91 -45.61 -28.03
N TYR A 460 -33.22 -44.70 -28.70
CA TYR A 460 -33.18 -44.69 -30.15
C TYR A 460 -31.78 -45.08 -30.63
N SER A 461 -31.59 -45.10 -31.94
CA SER A 461 -30.31 -45.42 -32.56
C SER A 461 -29.80 -44.21 -33.31
N TYR A 462 -28.48 -44.08 -33.37
CA TYR A 462 -27.86 -42.91 -33.96
C TYR A 462 -26.60 -43.29 -34.71
N ARG A 463 -26.23 -42.43 -35.66
CA ARG A 463 -24.99 -42.57 -36.42
C ARG A 463 -24.33 -41.21 -36.48
N LEU A 464 -23.19 -41.07 -35.80
CA LEU A 464 -22.51 -39.80 -35.74
C LEU A 464 -22.18 -39.29 -37.15
N GLU A 465 -22.37 -37.99 -37.33
CA GLU A 465 -22.12 -37.35 -38.61
C GLU A 465 -21.71 -35.91 -38.41
N ILE A 466 -20.48 -35.59 -38.73
CA ILE A 466 -19.92 -34.28 -38.45
C ILE A 466 -20.39 -33.28 -39.49
N VAL A 467 -20.45 -32.01 -39.08
CA VAL A 467 -20.85 -30.95 -39.98
C VAL A 467 -19.75 -30.72 -41.01
N SER A 468 -20.18 -30.26 -42.19
CA SER A 468 -19.25 -30.02 -43.28
C SER A 468 -18.66 -28.60 -43.22
N ASP A 469 -19.50 -27.59 -43.05
CA ASP A 469 -19.00 -26.22 -43.03
C ASP A 469 -18.04 -26.00 -41.88
N GLY A 470 -18.30 -26.62 -40.73
CA GLY A 470 -17.50 -26.41 -39.55
C GLY A 470 -17.90 -25.23 -38.71
N LYS A 471 -19.03 -24.60 -39.01
CA LYS A 471 -19.50 -23.44 -38.28
C LYS A 471 -20.75 -23.80 -37.49
N TYR A 472 -20.82 -23.28 -36.26
CA TYR A 472 -21.95 -23.59 -35.39
C TYR A 472 -23.26 -23.13 -36.00
N GLY A 473 -23.30 -21.89 -36.49
CA GLY A 473 -24.52 -21.38 -37.08
C GLY A 473 -24.68 -19.88 -36.95
N ALA A 474 -25.14 -19.24 -38.03
CA ALA A 474 -25.43 -17.83 -38.01
C ALA A 474 -26.24 -17.48 -39.25
N ARG A 475 -27.09 -16.46 -39.12
CA ARG A 475 -27.94 -16.04 -40.21
C ARG A 475 -27.11 -15.25 -41.22
N ASP A 476 -27.06 -15.74 -42.44
CA ASP A 476 -26.34 -15.02 -43.49
C ASP A 476 -26.98 -13.65 -43.68
N PRO A 477 -26.20 -12.57 -43.72
CA PRO A 477 -26.83 -11.24 -43.83
C PRO A 477 -27.39 -10.96 -45.21
N ASP A 478 -26.68 -11.37 -46.27
CA ASP A 478 -27.18 -11.16 -47.62
C ASP A 478 -28.47 -11.96 -47.84
N THR A 479 -28.44 -13.24 -47.55
CA THR A 479 -29.61 -14.11 -47.62
C THR A 479 -29.91 -14.64 -46.23
N LYS A 480 -31.18 -14.59 -45.83
CA LYS A 480 -31.58 -14.98 -44.49
C LYS A 480 -31.31 -16.45 -44.21
N ALA A 481 -30.80 -17.18 -45.21
CA ALA A 481 -30.47 -18.58 -45.02
C ALA A 481 -29.40 -18.74 -43.95
N TRP A 482 -29.53 -19.81 -43.17
CA TRP A 482 -28.56 -20.11 -42.13
C TRP A 482 -27.29 -20.69 -42.75
N ASN A 483 -26.25 -20.81 -41.92
CA ASN A 483 -24.95 -21.27 -42.39
C ASN A 483 -24.23 -21.96 -41.26
N GLY A 484 -24.19 -23.29 -41.31
CA GLY A 484 -23.45 -24.06 -40.34
C GLY A 484 -24.22 -25.25 -39.78
N MET A 485 -23.93 -25.58 -38.53
CA MET A 485 -24.54 -26.76 -37.90
C MET A 485 -26.05 -26.57 -37.75
N VAL A 486 -26.46 -25.44 -37.17
CA VAL A 486 -27.87 -25.15 -37.07
C VAL A 486 -28.49 -25.10 -38.46
N GLY A 487 -27.70 -24.76 -39.48
CA GLY A 487 -28.18 -24.89 -40.84
C GLY A 487 -28.47 -26.34 -41.20
N GLU A 488 -27.56 -27.24 -40.81
CA GLU A 488 -27.78 -28.66 -41.06
C GLU A 488 -28.97 -29.20 -40.30
N LEU A 489 -29.40 -28.51 -39.25
CA LEU A 489 -30.59 -28.91 -38.50
C LEU A 489 -31.88 -28.36 -39.10
N VAL A 490 -31.94 -27.05 -39.31
CA VAL A 490 -33.19 -26.38 -39.61
C VAL A 490 -33.74 -26.75 -40.98
N TYR A 491 -32.91 -27.32 -41.86
CA TYR A 491 -33.34 -27.67 -43.21
C TYR A 491 -33.60 -29.16 -43.36
N GLY A 492 -33.79 -29.87 -42.24
CA GLY A 492 -34.23 -31.25 -42.27
C GLY A 492 -33.16 -32.28 -42.48
N ARG A 493 -31.91 -31.87 -42.74
CA ARG A 493 -30.85 -32.84 -42.93
C ARG A 493 -30.60 -33.65 -41.68
N ALA A 494 -30.62 -33.00 -40.51
CA ALA A 494 -30.17 -33.61 -39.28
C ALA A 494 -31.31 -33.74 -38.28
N ASP A 495 -31.17 -34.71 -37.38
CA ASP A 495 -32.21 -35.06 -36.42
C ASP A 495 -31.99 -34.40 -35.07
N VAL A 496 -30.76 -34.38 -34.57
CA VAL A 496 -30.39 -33.66 -33.36
C VAL A 496 -29.00 -33.08 -33.56
N ALA A 497 -28.50 -32.44 -32.50
CA ALA A 497 -27.16 -31.87 -32.51
C ALA A 497 -26.66 -31.79 -31.08
N VAL A 498 -25.58 -32.49 -30.79
CA VAL A 498 -24.98 -32.52 -29.47
C VAL A 498 -23.61 -31.89 -29.59
N ALA A 499 -23.48 -30.67 -29.12
CA ALA A 499 -22.22 -29.96 -29.24
C ALA A 499 -22.25 -28.70 -28.38
N PRO A 500 -21.14 -28.04 -28.19
CA PRO A 500 -21.16 -26.78 -27.46
C PRO A 500 -21.91 -25.71 -28.23
N LEU A 501 -23.21 -25.87 -28.28
CA LEU A 501 -24.10 -24.96 -28.98
C LEU A 501 -24.66 -23.93 -28.00
N THR A 502 -24.00 -22.79 -27.92
CA THR A 502 -24.47 -21.72 -27.05
C THR A 502 -25.86 -21.29 -27.49
N ILE A 503 -26.82 -21.42 -26.60
CA ILE A 503 -28.21 -21.11 -26.89
C ILE A 503 -28.41 -19.60 -26.82
N THR A 504 -28.99 -19.05 -27.87
CA THR A 504 -29.25 -17.62 -27.97
C THR A 504 -30.64 -17.42 -28.56
N LEU A 505 -31.07 -16.16 -28.63
CA LEU A 505 -32.43 -15.86 -29.04
C LEU A 505 -32.65 -16.21 -30.50
N VAL A 506 -31.71 -15.84 -31.36
CA VAL A 506 -31.87 -16.07 -32.79
C VAL A 506 -32.02 -17.57 -33.06
N ARG A 507 -31.20 -18.39 -32.43
CA ARG A 507 -31.30 -19.82 -32.62
C ARG A 507 -32.54 -20.38 -31.95
N GLU A 508 -32.89 -19.86 -30.77
CA GLU A 508 -34.10 -20.32 -30.10
C GLU A 508 -35.34 -20.06 -30.94
N GLU A 509 -35.30 -19.03 -31.79
CA GLU A 509 -36.45 -18.74 -32.65
C GLU A 509 -36.67 -19.85 -33.66
N VAL A 510 -35.60 -20.40 -34.23
CA VAL A 510 -35.72 -21.36 -35.32
C VAL A 510 -35.38 -22.78 -34.89
N ILE A 511 -34.44 -22.98 -33.98
CA ILE A 511 -34.12 -24.28 -33.43
C ILE A 511 -34.45 -24.26 -31.95
N ASP A 512 -34.91 -25.39 -31.44
CA ASP A 512 -35.33 -25.50 -30.04
C ASP A 512 -34.35 -26.36 -29.28
N PHE A 513 -33.93 -25.86 -28.12
CA PHE A 513 -32.92 -26.50 -27.31
C PHE A 513 -33.58 -27.28 -26.18
N SER A 514 -32.75 -27.93 -25.39
CA SER A 514 -33.13 -28.52 -24.12
C SER A 514 -32.58 -27.65 -23.00
N LYS A 515 -32.77 -28.12 -21.78
CA LYS A 515 -32.18 -27.41 -20.66
C LYS A 515 -30.65 -27.53 -20.76
N PRO A 516 -29.92 -26.50 -20.36
CA PRO A 516 -28.48 -26.53 -20.54
C PRO A 516 -27.85 -27.66 -19.75
N PHE A 517 -27.14 -28.53 -20.45
CA PHE A 517 -26.43 -29.62 -19.82
C PHE A 517 -25.09 -29.20 -19.26
N MET A 518 -24.65 -27.98 -19.54
CA MET A 518 -23.37 -27.53 -19.04
C MET A 518 -23.30 -26.01 -19.13
N SER A 519 -23.18 -25.36 -17.98
CA SER A 519 -23.20 -23.91 -17.89
C SER A 519 -21.78 -23.37 -17.93
N LEU A 520 -21.67 -22.09 -18.24
CA LEU A 520 -20.37 -21.47 -18.49
C LEU A 520 -20.57 -19.96 -18.58
N GLY A 521 -19.47 -19.28 -18.91
CA GLY A 521 -19.49 -17.86 -19.12
C GLY A 521 -18.09 -17.37 -19.41
N ILE A 522 -18.00 -16.09 -19.72
CA ILE A 522 -16.71 -15.48 -19.95
C ILE A 522 -15.86 -15.57 -18.69
N SER A 523 -14.60 -15.90 -18.88
CA SER A 523 -13.65 -16.02 -17.79
C SER A 523 -12.40 -15.25 -18.18
N ILE A 524 -11.35 -15.45 -17.41
CA ILE A 524 -10.06 -14.80 -17.66
C ILE A 524 -8.97 -15.86 -17.60
N MET A 525 -8.05 -15.78 -18.56
CA MET A 525 -6.90 -16.66 -18.62
C MET A 525 -5.65 -15.81 -18.49
N ILE A 526 -4.75 -16.21 -17.60
CA ILE A 526 -3.49 -15.52 -17.42
C ILE A 526 -2.36 -16.53 -17.41
N LYS A 527 -1.18 -16.07 -17.79
CA LYS A 527 -0.01 -16.92 -17.75
C LYS A 527 0.24 -17.37 -16.32
N LYS A 528 0.46 -18.66 -16.15
CA LYS A 528 0.71 -19.17 -14.81
C LYS A 528 2.06 -18.67 -14.34
N PRO A 529 2.14 -18.05 -13.15
CA PRO A 529 3.44 -17.56 -12.67
C PRO A 529 4.29 -18.70 -12.17
N GLN A 530 5.36 -18.99 -12.89
CA GLN A 530 6.29 -20.04 -12.46
C GLN A 530 6.84 -19.71 -11.09
N LYS A 531 7.03 -20.75 -10.28
CA LYS A 531 7.52 -20.55 -8.92
C LYS A 531 8.95 -20.04 -9.02
N SER A 532 9.11 -18.74 -8.91
CA SER A 532 10.42 -18.10 -9.09
C SER A 532 11.33 -18.53 -7.95
N LYS A 533 12.15 -19.53 -8.19
CA LYS A 533 13.09 -19.97 -7.18
C LYS A 533 14.07 -18.84 -6.90
N PRO A 534 14.13 -18.31 -5.68
CA PRO A 534 15.09 -17.24 -5.41
C PRO A 534 16.51 -17.70 -5.65
N GLY A 535 17.32 -16.78 -6.16
CA GLY A 535 18.71 -17.08 -6.38
C GLY A 535 19.39 -17.52 -5.10
N VAL A 536 20.42 -18.36 -5.27
CA VAL A 536 21.17 -18.83 -4.12
C VAL A 536 21.80 -17.66 -3.37
N PHE A 537 22.08 -16.57 -4.07
CA PHE A 537 22.66 -15.38 -3.48
C PHE A 537 21.67 -14.21 -3.58
N SER A 538 20.40 -14.50 -3.32
CA SER A 538 19.38 -13.47 -3.35
C SER A 538 19.47 -12.52 -2.16
N PHE A 539 20.21 -12.90 -1.12
CA PHE A 539 20.30 -12.07 0.07
C PHE A 539 21.17 -10.84 -0.13
N LEU A 540 21.86 -10.72 -1.25
CA LEU A 540 22.65 -9.54 -1.57
C LEU A 540 21.91 -8.56 -2.46
N ASP A 541 20.72 -8.95 -2.94
CA ASP A 541 19.97 -8.05 -3.81
C ASP A 541 19.66 -6.71 -3.18
N PRO A 542 19.46 -6.58 -1.88
CA PRO A 542 19.17 -5.25 -1.31
C PRO A 542 20.19 -4.21 -1.70
N LEU A 543 21.45 -4.60 -1.79
CA LEU A 543 22.52 -3.71 -2.20
C LEU A 543 23.05 -4.14 -3.55
N ALA A 544 23.55 -3.16 -4.28
CA ALA A 544 24.08 -3.43 -5.61
C ALA A 544 25.45 -4.07 -5.53
N TYR A 545 25.82 -4.75 -6.61
CA TYR A 545 27.11 -5.41 -6.68
C TYR A 545 28.25 -4.39 -6.54
N GLU A 546 28.08 -3.22 -7.13
CA GLU A 546 29.10 -2.18 -7.03
C GLU A 546 29.33 -1.78 -5.58
N ILE A 547 28.27 -1.71 -4.79
CA ILE A 547 28.41 -1.30 -3.40
C ILE A 547 29.19 -2.34 -2.62
N TRP A 548 28.94 -3.62 -2.87
CA TRP A 548 29.72 -4.66 -2.23
C TRP A 548 31.19 -4.57 -2.62
N MET A 549 31.46 -4.34 -3.90
CA MET A 549 32.84 -4.24 -4.34
C MET A 549 33.54 -3.08 -3.65
N CYS A 550 32.90 -1.92 -3.62
CA CYS A 550 33.50 -0.76 -2.97
C CYS A 550 33.59 -0.97 -1.47
N ILE A 551 32.70 -1.76 -0.88
CA ILE A 551 32.83 -2.10 0.53
C ILE A 551 34.11 -2.87 0.77
N VAL A 552 34.38 -3.85 -0.09
CA VAL A 552 35.60 -4.63 0.04
C VAL A 552 36.81 -3.73 -0.11
N PHE A 553 36.79 -2.87 -1.13
CA PHE A 553 37.90 -1.96 -1.36
C PHE A 553 38.14 -1.07 -0.16
N ALA A 554 37.06 -0.50 0.38
CA ALA A 554 37.18 0.40 1.52
C ALA A 554 37.65 -0.33 2.76
N TYR A 555 37.20 -1.57 2.94
CA TYR A 555 37.65 -2.37 4.08
C TYR A 555 39.16 -2.58 4.01
N ILE A 556 39.65 -2.96 2.83
CA ILE A 556 41.08 -3.16 2.67
C ILE A 556 41.82 -1.84 2.94
N GLY A 557 41.32 -0.75 2.36
CA GLY A 557 41.99 0.52 2.51
C GLY A 557 42.04 0.97 3.95
N VAL A 558 40.94 0.82 4.66
CA VAL A 558 40.88 1.25 6.06
C VAL A 558 41.82 0.40 6.90
N SER A 559 41.81 -0.91 6.68
CA SER A 559 42.69 -1.77 7.46
C SER A 559 44.15 -1.41 7.24
N VAL A 560 44.51 -1.19 5.98
CA VAL A 560 45.89 -0.85 5.65
C VAL A 560 46.27 0.49 6.27
N VAL A 561 45.40 1.48 6.14
CA VAL A 561 45.70 2.79 6.67
C VAL A 561 45.82 2.74 8.18
N LEU A 562 44.95 1.97 8.83
CA LEU A 562 45.01 1.88 10.28
C LEU A 562 46.32 1.25 10.72
N PHE A 563 46.69 0.12 10.11
CA PHE A 563 48.01 -0.45 10.35
C PHE A 563 49.11 0.58 10.16
N LEU A 564 49.19 1.17 8.97
CA LEU A 564 50.26 2.10 8.68
C LEU A 564 50.33 3.20 9.72
N VAL A 565 49.21 3.86 9.99
CA VAL A 565 49.23 5.00 10.89
C VAL A 565 49.62 4.56 12.30
N SER A 566 49.03 3.48 12.79
CA SER A 566 49.25 3.11 14.18
C SER A 566 50.64 2.53 14.39
N ARG A 567 51.25 2.00 13.34
CA ARG A 567 52.45 1.17 13.50
C ARG A 567 53.70 2.02 13.58
N PHE A 568 54.03 2.76 12.52
CA PHE A 568 55.34 3.39 12.48
C PHE A 568 55.40 4.51 13.51
N SER A 569 56.55 5.18 13.56
CA SER A 569 56.79 6.25 14.52
C SER A 569 56.46 5.80 15.95
N ASN A 591 52.19 -0.54 17.75
CA ASN A 591 51.59 -0.95 19.02
C ASN A 591 51.16 -2.41 18.95
N GLU A 592 50.11 -2.75 19.70
CA GLU A 592 49.56 -4.10 19.66
C GLU A 592 48.95 -4.41 18.30
N PHE A 593 48.74 -3.42 17.45
CA PHE A 593 48.05 -3.63 16.19
C PHE A 593 48.98 -4.37 15.24
N GLY A 594 48.52 -4.53 14.01
CA GLY A 594 49.15 -5.43 13.06
C GLY A 594 48.29 -5.54 11.83
N ILE A 595 48.95 -5.82 10.71
CA ILE A 595 48.21 -5.94 9.46
C ILE A 595 47.13 -7.01 9.60
N PHE A 596 47.50 -8.15 10.18
CA PHE A 596 46.51 -9.17 10.50
C PHE A 596 45.52 -8.65 11.53
N ASN A 597 46.02 -8.00 12.58
CA ASN A 597 45.15 -7.46 13.61
C ASN A 597 44.33 -6.28 13.08
N SER A 598 44.90 -5.46 12.21
CA SER A 598 44.14 -4.36 11.64
C SER A 598 42.99 -4.89 10.80
N LEU A 599 43.26 -5.91 9.98
CA LEU A 599 42.20 -6.55 9.21
C LEU A 599 41.14 -7.12 10.13
N TRP A 600 41.56 -7.77 11.21
CA TRP A 600 40.61 -8.36 12.15
C TRP A 600 39.73 -7.28 12.77
N PHE A 601 40.34 -6.18 13.20
CA PHE A 601 39.60 -5.10 13.83
C PHE A 601 38.59 -4.50 12.87
N SER A 602 39.02 -4.24 11.63
CA SER A 602 38.11 -3.67 10.65
C SER A 602 36.96 -4.62 10.37
N LEU A 603 37.26 -5.91 10.22
CA LEU A 603 36.23 -6.89 9.92
C LEU A 603 35.23 -7.00 11.06
N GLY A 604 35.71 -6.94 12.29
CA GLY A 604 34.81 -7.04 13.43
C GLY A 604 34.02 -5.77 13.65
N ALA A 605 34.56 -4.64 13.23
CA ALA A 605 33.84 -3.37 13.34
C ALA A 605 32.77 -3.25 12.27
N PHE A 606 33.02 -3.81 11.09
CA PHE A 606 31.99 -3.78 10.06
C PHE A 606 30.77 -4.57 10.49
N MET A 607 31.00 -5.68 11.19
CA MET A 607 29.94 -6.60 11.54
C MET A 607 29.38 -6.32 12.93
N GLN A 608 29.83 -5.25 13.56
CA GLN A 608 29.29 -4.80 14.83
C GLN A 608 29.41 -5.87 15.91
N GLN A 609 30.47 -6.66 15.86
CA GLN A 609 30.67 -7.77 16.77
C GLN A 609 31.77 -7.48 17.78
N GLY A 610 31.95 -6.21 18.14
CA GLY A 610 32.92 -5.84 19.15
C GLY A 610 34.34 -5.95 18.66
N CYS A 611 35.22 -5.14 19.24
CA CYS A 611 36.63 -5.12 18.89
C CYS A 611 37.45 -5.56 20.08
N ASP A 612 38.32 -6.54 19.87
CA ASP A 612 39.21 -6.99 20.92
C ASP A 612 40.15 -5.87 21.35
N ILE A 613 40.61 -5.07 20.39
CA ILE A 613 41.61 -4.04 20.61
C ILE A 613 41.09 -2.73 20.05
N SER A 614 41.34 -1.65 20.77
CA SER A 614 40.88 -0.34 20.38
C SER A 614 42.08 0.59 20.20
N PRO A 615 42.15 1.34 19.11
CA PRO A 615 43.28 2.24 18.91
C PRO A 615 43.38 3.26 20.04
N ARG A 616 44.62 3.51 20.47
CA ARG A 616 44.90 4.48 21.52
C ARG A 616 45.48 5.78 20.99
N SER A 617 45.71 5.87 19.69
CA SER A 617 46.28 7.05 19.07
C SER A 617 45.20 7.81 18.32
N LEU A 618 45.35 9.14 18.30
CA LEU A 618 44.31 10.00 17.77
C LEU A 618 43.94 9.63 16.35
N SER A 619 44.94 9.41 15.50
CA SER A 619 44.66 9.09 14.11
C SER A 619 43.97 7.73 13.99
N GLY A 620 44.43 6.76 14.77
CA GLY A 620 43.74 5.48 14.79
C GLY A 620 42.30 5.63 15.22
N ARG A 621 42.05 6.48 16.23
CA ARG A 621 40.69 6.72 16.67
C ARG A 621 39.86 7.38 15.58
N ILE A 622 40.44 8.30 14.84
CA ILE A 622 39.73 8.96 13.75
C ILE A 622 39.30 7.93 12.72
N VAL A 623 40.24 7.12 12.26
CA VAL A 623 39.92 6.15 11.23
C VAL A 623 38.90 5.14 11.74
N GLY A 624 39.03 4.72 12.98
CA GLY A 624 38.06 3.80 13.54
C GLY A 624 36.66 4.39 13.61
N GLY A 625 36.55 5.64 14.04
CA GLY A 625 35.25 6.26 14.11
C GLY A 625 34.61 6.39 12.73
N VAL A 626 35.42 6.75 11.73
CA VAL A 626 34.86 6.91 10.39
C VAL A 626 34.40 5.57 9.85
N TRP A 627 35.20 4.52 10.05
CA TRP A 627 34.79 3.17 9.65
C TRP A 627 33.50 2.79 10.35
N TRP A 628 33.37 3.16 11.62
CA TRP A 628 32.16 2.85 12.37
C TRP A 628 30.94 3.52 11.75
N PHE A 629 31.07 4.81 11.42
CA PHE A 629 29.99 5.52 10.76
C PHE A 629 29.59 4.81 9.48
N PHE A 630 30.59 4.45 8.68
CA PHE A 630 30.32 3.83 7.38
C PHE A 630 29.57 2.54 7.55
N THR A 631 30.03 1.67 8.46
CA THR A 631 29.37 0.38 8.63
C THR A 631 27.97 0.55 9.16
N LEU A 632 27.77 1.48 10.09
CA LEU A 632 26.44 1.70 10.64
C LEU A 632 25.47 2.12 9.56
N ILE A 633 25.86 3.10 8.75
CA ILE A 633 24.99 3.57 7.68
C ILE A 633 24.70 2.43 6.71
N ILE A 634 25.74 1.70 6.33
CA ILE A 634 25.57 0.66 5.33
C ILE A 634 24.62 -0.42 5.82
N ILE A 635 24.79 -0.86 7.06
CA ILE A 635 23.95 -1.91 7.59
C ILE A 635 22.52 -1.45 7.72
N SER A 636 22.31 -0.22 8.21
CA SER A 636 20.96 0.27 8.33
C SER A 636 20.30 0.34 6.96
N SER A 637 21.03 0.80 5.95
CA SER A 637 20.47 0.87 4.61
C SER A 637 20.13 -0.52 4.08
N TYR A 638 21.02 -1.49 4.31
CA TYR A 638 20.75 -2.85 3.87
C TYR A 638 19.47 -3.37 4.49
N THR A 639 19.34 -3.24 5.81
CA THR A 639 18.18 -3.75 6.49
C THR A 639 16.91 -3.07 6.02
N ALA A 640 16.95 -1.74 5.85
CA ALA A 640 15.77 -1.02 5.41
C ALA A 640 15.36 -1.41 4.01
N ASN A 641 16.32 -1.53 3.11
CA ASN A 641 15.98 -1.90 1.74
C ASN A 641 15.44 -3.32 1.67
N LEU A 642 15.99 -4.21 2.48
CA LEU A 642 15.43 -5.56 2.55
C LEU A 642 14.00 -5.53 3.06
N ALA A 643 13.73 -4.71 4.06
CA ALA A 643 12.37 -4.56 4.55
C ALA A 643 11.45 -4.06 3.44
N ALA A 644 11.93 -3.12 2.64
CA ALA A 644 11.14 -2.61 1.54
C ALA A 644 10.85 -3.69 0.52
N PHE A 645 11.88 -4.47 0.17
CA PHE A 645 11.67 -5.59 -0.74
C PHE A 645 10.57 -6.50 -0.23
N LEU A 646 10.69 -6.93 1.02
CA LEU A 646 9.78 -7.93 1.55
C LEU A 646 8.37 -7.38 1.74
N THR A 647 8.26 -6.08 2.01
CA THR A 647 6.94 -5.48 2.18
C THR A 647 6.27 -5.30 0.83
N VAL A 648 7.02 -4.87 -0.18
CA VAL A 648 6.45 -4.67 -1.50
C VAL A 648 6.04 -6.00 -2.10
N GLU A 649 6.91 -7.01 -1.97
CA GLU A 649 6.59 -8.34 -2.46
C GLU A 649 5.44 -8.98 -1.72
N ARG A 650 4.95 -8.35 -0.66
CA ARG A 650 3.87 -8.91 0.13
C ARG A 650 2.52 -8.29 -0.21
N MET A 651 2.49 -6.98 -0.44
CA MET A 651 1.25 -6.31 -0.80
C MET A 651 1.07 -6.23 -2.31
N VAL A 652 1.21 -7.38 -2.97
CA VAL A 652 0.90 -7.53 -4.39
C VAL A 652 -0.33 -8.42 -4.50
N SER A 653 -1.36 -7.90 -5.14
CA SER A 653 -2.60 -8.63 -5.33
C SER A 653 -2.65 -9.15 -6.75
N PRO A 654 -2.54 -10.45 -6.99
CA PRO A 654 -2.65 -10.95 -8.36
C PRO A 654 -4.05 -10.73 -8.90
N ILE A 655 -4.14 -10.67 -10.23
CA ILE A 655 -5.43 -10.42 -10.86
C ILE A 655 -6.37 -11.56 -10.45
N GLU A 656 -7.34 -11.22 -9.61
CA GLU A 656 -8.28 -12.21 -9.08
C GLU A 656 -9.72 -11.85 -9.42
N SER A 657 -9.93 -10.89 -10.31
CA SER A 657 -11.27 -10.48 -10.70
C SER A 657 -11.17 -9.65 -11.97
N ALA A 658 -12.33 -9.38 -12.56
CA ALA A 658 -12.37 -8.54 -13.76
C ALA A 658 -12.17 -7.07 -13.42
N GLU A 659 -12.66 -6.63 -12.27
CA GLU A 659 -12.42 -5.26 -11.85
C GLU A 659 -10.93 -5.00 -11.68
N ASP A 660 -10.22 -5.96 -11.09
CA ASP A 660 -8.77 -5.84 -10.99
C ASP A 660 -8.15 -5.60 -12.35
N LEU A 661 -8.69 -6.22 -13.41
CA LEU A 661 -8.23 -5.93 -14.75
C LEU A 661 -8.64 -4.52 -15.17
N ALA A 662 -9.80 -4.06 -14.71
CA ALA A 662 -10.29 -2.74 -15.08
C ALA A 662 -9.39 -1.63 -14.57
N LYS A 663 -8.51 -1.93 -13.62
CA LYS A 663 -7.62 -0.94 -13.03
C LYS A 663 -6.16 -1.33 -13.25
N GLN A 664 -5.89 -1.97 -14.38
CA GLN A 664 -4.54 -2.41 -14.73
C GLN A 664 -4.14 -1.78 -16.05
N THR A 665 -2.89 -1.34 -16.12
CA THR A 665 -2.34 -0.74 -17.32
C THR A 665 -1.07 -1.41 -17.82
N GLU A 666 -0.31 -2.08 -16.95
CA GLU A 666 0.87 -2.80 -17.38
C GLU A 666 0.54 -4.16 -17.98
N ILE A 667 -0.71 -4.61 -17.86
CA ILE A 667 -1.17 -5.85 -18.45
C ILE A 667 -2.31 -5.53 -19.40
N ALA A 668 -2.21 -6.03 -20.61
CA ALA A 668 -3.25 -5.85 -21.62
C ALA A 668 -4.02 -7.14 -21.79
N TYR A 669 -5.23 -7.01 -22.35
CA TYR A 669 -6.09 -8.16 -22.56
C TYR A 669 -6.85 -7.97 -23.86
N GLY A 670 -7.37 -9.08 -24.38
CA GLY A 670 -8.15 -9.02 -25.59
C GLY A 670 -9.03 -10.25 -25.73
N THR A 671 -9.76 -10.28 -26.85
CA THR A 671 -10.69 -11.36 -27.13
C THR A 671 -10.48 -11.86 -28.55
N LEU A 672 -11.42 -12.67 -29.04
CA LEU A 672 -11.39 -13.06 -30.43
C LEU A 672 -11.74 -11.87 -31.31
N GLU A 673 -11.38 -11.97 -32.60
CA GLU A 673 -11.57 -10.85 -33.50
C GLU A 673 -13.04 -10.45 -33.55
N ALA A 674 -13.94 -11.42 -33.64
CA ALA A 674 -15.36 -11.16 -33.66
C ALA A 674 -16.10 -12.39 -33.17
N GLY A 675 -16.85 -12.24 -32.08
CA GLY A 675 -17.59 -13.34 -31.54
C GLY A 675 -18.63 -12.86 -30.54
N SER A 676 -19.16 -13.81 -29.78
CA SER A 676 -20.14 -13.45 -28.76
C SER A 676 -19.53 -12.57 -27.68
N THR A 677 -18.21 -12.65 -27.49
CA THR A 677 -17.55 -11.85 -26.46
C THR A 677 -17.47 -10.39 -26.85
N LYS A 678 -17.03 -10.11 -28.07
CA LYS A 678 -16.99 -8.73 -28.54
C LYS A 678 -18.39 -8.13 -28.55
N GLU A 679 -19.38 -8.91 -28.96
CA GLU A 679 -20.76 -8.44 -28.93
C GLU A 679 -21.21 -8.19 -27.49
N PHE A 680 -20.80 -9.06 -26.57
CA PHE A 680 -21.20 -8.89 -25.17
C PHE A 680 -20.66 -7.59 -24.61
N PHE A 681 -19.41 -7.28 -24.92
CA PHE A 681 -18.84 -6.02 -24.45
C PHE A 681 -19.44 -4.84 -25.18
N ARG A 682 -19.79 -5.03 -26.46
CA ARG A 682 -20.36 -3.95 -27.26
C ARG A 682 -21.70 -3.49 -26.69
N ARG A 683 -22.62 -4.43 -26.48
CA ARG A 683 -23.94 -4.12 -25.96
C ARG A 683 -23.99 -4.19 -24.44
N SER A 684 -22.87 -3.97 -23.78
CA SER A 684 -22.80 -4.09 -22.34
C SER A 684 -23.36 -2.85 -21.66
N LYS A 685 -24.32 -3.06 -20.77
CA LYS A 685 -24.89 -2.00 -19.95
C LYS A 685 -24.28 -1.94 -18.56
N ILE A 686 -23.19 -2.68 -18.33
CA ILE A 686 -22.54 -2.74 -17.03
C ILE A 686 -21.36 -1.79 -17.03
N ALA A 687 -21.07 -1.24 -15.85
CA ALA A 687 -20.06 -0.19 -15.75
C ALA A 687 -18.66 -0.75 -15.95
N VAL A 688 -18.33 -1.85 -15.28
CA VAL A 688 -16.99 -2.40 -15.38
C VAL A 688 -16.70 -2.83 -16.81
N PHE A 689 -17.65 -3.54 -17.42
CA PHE A 689 -17.45 -3.97 -18.81
C PHE A 689 -17.50 -2.78 -19.75
N GLU A 690 -18.26 -1.74 -19.40
CA GLU A 690 -18.22 -0.52 -20.20
C GLU A 690 -16.83 0.10 -20.20
N LYS A 691 -16.20 0.14 -19.03
CA LYS A 691 -14.84 0.67 -18.95
C LYS A 691 -13.87 -0.20 -19.74
N MET A 692 -14.02 -1.52 -19.63
CA MET A 692 -13.12 -2.41 -20.37
C MET A 692 -13.33 -2.27 -21.87
N TRP A 693 -14.56 -1.98 -22.29
CA TRP A 693 -14.81 -1.82 -23.72
C TRP A 693 -14.29 -0.48 -24.21
N THR A 694 -14.36 0.55 -23.36
CA THR A 694 -13.72 1.81 -23.70
C THR A 694 -12.22 1.61 -23.85
N TYR A 695 -11.61 0.83 -22.96
CA TYR A 695 -10.20 0.50 -23.09
C TYR A 695 -9.93 -0.22 -24.41
N MET A 696 -10.68 -1.28 -24.69
CA MET A 696 -10.47 -2.05 -25.90
C MET A 696 -10.75 -1.23 -27.15
N LYS A 697 -11.52 -0.14 -27.03
CA LYS A 697 -11.71 0.75 -28.17
C LYS A 697 -10.39 1.33 -28.62
N SER A 698 -9.55 1.75 -27.66
CA SER A 698 -8.17 2.14 -27.96
C SER A 698 -7.32 0.88 -28.09
N ALA A 699 -7.67 0.07 -29.10
CA ALA A 699 -7.11 -1.25 -29.25
C ALA A 699 -5.62 -1.23 -29.60
N GLU A 700 -5.07 -0.08 -29.96
CA GLU A 700 -3.68 -0.05 -30.40
C GLU A 700 -2.73 -0.13 -29.22
N PRO A 701 -1.73 -1.03 -29.23
CA PRO A 701 -1.50 -2.05 -30.27
C PRO A 701 -2.51 -3.17 -30.19
N SER A 702 -2.88 -3.72 -31.35
CA SER A 702 -4.02 -4.63 -31.44
C SER A 702 -3.94 -5.72 -30.38
N VAL A 703 -5.01 -5.84 -29.60
CA VAL A 703 -5.15 -6.91 -28.63
C VAL A 703 -6.03 -8.05 -29.16
N PHE A 704 -7.02 -7.74 -29.99
CA PHE A 704 -7.88 -8.77 -30.54
C PHE A 704 -7.05 -9.81 -31.28
N VAL A 705 -7.65 -10.98 -31.48
CA VAL A 705 -6.96 -12.12 -32.05
C VAL A 705 -7.86 -12.80 -33.08
N ARG A 706 -7.22 -13.33 -34.13
CA ARG A 706 -7.97 -14.00 -35.19
C ARG A 706 -8.42 -15.39 -34.79
N THR A 707 -7.62 -16.13 -34.02
CA THR A 707 -7.96 -17.48 -33.62
C THR A 707 -7.58 -17.68 -32.16
N THR A 708 -8.34 -18.55 -31.48
CA THR A 708 -8.13 -18.76 -30.06
C THR A 708 -6.75 -19.34 -29.78
N GLU A 709 -6.29 -20.27 -30.62
CA GLU A 709 -4.94 -20.79 -30.45
C GLU A 709 -3.91 -19.68 -30.55
N GLU A 710 -4.18 -18.70 -31.42
CA GLU A 710 -3.29 -17.55 -31.52
C GLU A 710 -3.26 -16.78 -30.21
N GLY A 711 -4.42 -16.62 -29.56
CA GLY A 711 -4.44 -15.92 -28.28
C GLY A 711 -3.72 -16.68 -27.19
N MET A 712 -3.91 -18.00 -27.15
CA MET A 712 -3.21 -18.81 -26.17
C MET A 712 -1.70 -18.70 -26.36
N ILE A 713 -1.24 -18.74 -27.62
CA ILE A 713 0.19 -18.59 -27.88
C ILE A 713 0.67 -17.21 -27.49
N ARG A 714 -0.14 -16.18 -27.78
CA ARG A 714 0.26 -14.81 -27.46
C ARG A 714 0.42 -14.63 -25.96
N VAL A 715 -0.51 -15.18 -25.18
CA VAL A 715 -0.38 -15.11 -23.73
C VAL A 715 0.84 -15.91 -23.27
N ARG A 716 1.01 -17.12 -23.82
CA ARG A 716 2.11 -17.97 -23.39
C ARG A 716 3.46 -17.35 -23.72
N LYS A 717 3.52 -16.44 -24.69
CA LYS A 717 4.75 -15.78 -25.07
C LYS A 717 4.87 -14.35 -24.55
N SER A 718 3.81 -13.80 -23.96
CA SER A 718 3.82 -12.44 -23.47
C SER A 718 4.44 -12.31 -22.07
N LYS A 719 4.82 -13.42 -21.46
CA LYS A 719 5.51 -13.42 -20.17
C LYS A 719 4.71 -12.64 -19.12
N GLY A 720 3.45 -13.06 -18.95
CA GLY A 720 2.63 -12.51 -17.89
C GLY A 720 2.19 -11.08 -18.08
N LYS A 721 2.47 -10.48 -19.23
CA LYS A 721 2.02 -9.14 -19.54
C LYS A 721 0.75 -9.14 -20.37
N TYR A 722 0.21 -10.31 -20.69
CA TYR A 722 -0.97 -10.43 -21.53
C TYR A 722 -1.96 -11.39 -20.90
N ALA A 723 -3.24 -11.01 -20.93
CA ALA A 723 -4.34 -11.85 -20.47
C ALA A 723 -5.32 -12.04 -21.61
N TYR A 724 -6.12 -13.10 -21.51
CA TYR A 724 -7.09 -13.42 -22.55
C TYR A 724 -8.45 -13.63 -21.93
N LEU A 725 -9.49 -13.33 -22.70
CA LEU A 725 -10.87 -13.53 -22.29
C LEU A 725 -11.53 -14.52 -23.23
N LEU A 726 -12.07 -15.59 -22.65
CA LEU A 726 -12.70 -16.64 -23.45
C LEU A 726 -13.66 -17.42 -22.56
N GLU A 727 -14.27 -18.43 -23.14
CA GLU A 727 -15.22 -19.24 -22.41
C GLU A 727 -14.53 -20.00 -21.28
N SER A 728 -15.20 -20.07 -20.14
CA SER A 728 -14.60 -20.70 -18.97
C SER A 728 -14.21 -22.14 -19.24
N THR A 729 -14.97 -22.84 -20.07
CA THR A 729 -14.73 -24.26 -20.29
C THR A 729 -13.39 -24.48 -20.99
N MET A 730 -13.16 -23.74 -22.07
CA MET A 730 -11.89 -23.88 -22.79
C MET A 730 -10.73 -23.42 -21.93
N ASN A 731 -10.95 -22.41 -21.10
CA ASN A 731 -9.90 -21.94 -20.21
C ASN A 731 -9.50 -23.04 -19.22
N GLU A 732 -10.50 -23.68 -18.61
CA GLU A 732 -10.22 -24.76 -17.69
C GLU A 732 -9.55 -25.93 -18.39
N TYR A 733 -10.00 -26.25 -19.60
CA TYR A 733 -9.38 -27.35 -20.34
C TYR A 733 -7.93 -27.05 -20.65
N ILE A 734 -7.65 -25.83 -21.11
CA ILE A 734 -6.29 -25.46 -21.48
C ILE A 734 -5.40 -25.45 -20.24
N GLU A 735 -5.92 -24.97 -19.11
CA GLU A 735 -5.14 -24.98 -17.88
C GLU A 735 -4.73 -26.38 -17.45
N GLN A 736 -5.23 -27.42 -18.14
CA GLN A 736 -4.89 -28.79 -17.82
C GLN A 736 -4.12 -29.50 -18.92
N ARG A 737 -4.13 -28.98 -20.15
CA ARG A 737 -3.40 -29.57 -21.26
C ARG A 737 -1.98 -29.03 -21.22
N LYS A 738 -1.01 -29.93 -21.10
CA LYS A 738 0.38 -29.52 -21.06
C LYS A 738 0.72 -28.78 -22.35
N PRO A 739 1.49 -27.68 -22.29
CA PRO A 739 2.13 -27.05 -21.13
C PRO A 739 1.15 -26.39 -20.15
N CYS A 740 1.54 -26.38 -18.87
CA CYS A 740 0.68 -25.84 -17.82
C CYS A 740 1.07 -24.38 -17.58
N ASP A 741 0.98 -23.61 -18.66
CA ASP A 741 1.47 -22.23 -18.67
C ASP A 741 0.35 -21.21 -18.45
N THR A 742 -0.85 -21.66 -18.11
CA THR A 742 -1.99 -20.77 -17.95
C THR A 742 -2.82 -21.20 -16.75
N MET A 743 -3.62 -20.27 -16.26
CA MET A 743 -4.63 -20.59 -15.25
C MET A 743 -5.76 -19.60 -15.35
N LYS A 744 -6.90 -20.02 -14.80
CA LYS A 744 -8.13 -19.26 -14.79
C LYS A 744 -8.27 -18.54 -13.45
N VAL A 745 -8.75 -17.30 -13.51
CA VAL A 745 -8.81 -16.44 -12.33
C VAL A 745 -10.22 -15.88 -12.19
N GLY A 746 -10.55 -15.50 -10.97
CA GLY A 746 -11.82 -14.89 -10.74
C GLY A 746 -12.95 -15.86 -11.03
N GLY A 747 -14.08 -15.29 -11.41
CA GLY A 747 -15.27 -16.05 -11.74
C GLY A 747 -15.84 -15.62 -13.07
N ASN A 748 -16.90 -16.30 -13.46
CA ASN A 748 -17.55 -16.00 -14.73
C ASN A 748 -18.11 -14.58 -14.73
N LEU A 749 -17.93 -13.90 -15.85
CA LEU A 749 -18.45 -12.55 -16.04
C LEU A 749 -19.88 -12.55 -16.53
N ASP A 750 -20.24 -13.49 -17.40
CA ASP A 750 -21.60 -13.62 -17.88
C ASP A 750 -22.09 -15.02 -17.60
N SER A 751 -23.27 -15.37 -18.12
CA SER A 751 -23.82 -16.70 -17.94
C SER A 751 -24.41 -17.16 -19.27
N LYS A 752 -24.02 -18.36 -19.69
CA LYS A 752 -24.56 -18.97 -20.89
C LYS A 752 -24.81 -20.43 -20.58
N GLY A 753 -25.06 -21.22 -21.62
CA GLY A 753 -25.26 -22.64 -21.42
C GLY A 753 -25.24 -23.42 -22.71
N TYR A 754 -24.42 -24.45 -22.77
CA TYR A 754 -24.44 -25.33 -23.92
C TYR A 754 -25.65 -26.24 -23.83
N GLY A 755 -26.34 -26.40 -24.94
CA GLY A 755 -27.59 -27.12 -24.94
C GLY A 755 -27.72 -28.01 -26.15
N ILE A 756 -28.51 -29.06 -25.96
CA ILE A 756 -28.81 -30.00 -27.03
C ILE A 756 -29.94 -29.44 -27.87
N ALA A 757 -29.67 -29.25 -29.15
CA ALA A 757 -30.62 -28.67 -30.07
C ALA A 757 -31.52 -29.75 -30.64
N THR A 758 -32.41 -29.34 -31.51
CA THR A 758 -33.39 -30.23 -32.11
C THR A 758 -34.19 -29.44 -33.13
N PRO A 759 -34.69 -30.05 -34.19
CA PRO A 759 -35.50 -29.30 -35.16
C PRO A 759 -36.76 -28.78 -34.51
N LYS A 760 -37.16 -27.59 -34.92
CA LYS A 760 -38.39 -27.00 -34.40
C LYS A 760 -39.56 -27.92 -34.68
N GLY A 761 -40.35 -28.19 -33.65
CA GLY A 761 -41.49 -29.07 -33.80
C GLY A 761 -41.11 -30.53 -33.99
N SER A 762 -39.91 -30.92 -33.58
CA SER A 762 -39.52 -32.31 -33.66
C SER A 762 -40.31 -33.13 -32.65
N ALA A 763 -40.02 -34.43 -32.62
CA ALA A 763 -40.71 -35.37 -31.74
C ALA A 763 -39.73 -35.97 -30.73
N LEU A 764 -38.79 -35.16 -30.27
CA LEU A 764 -37.77 -35.63 -29.33
C LEU A 764 -37.53 -34.65 -28.19
N ARG A 765 -38.21 -33.51 -28.17
CA ARG A 765 -38.00 -32.54 -27.11
C ARG A 765 -38.16 -33.17 -25.73
N GLY A 766 -39.26 -33.90 -25.55
CA GLY A 766 -39.58 -34.46 -24.27
C GLY A 766 -38.49 -35.38 -23.77
N PRO A 767 -38.24 -36.47 -24.49
CA PRO A 767 -37.23 -37.43 -24.05
C PRO A 767 -35.87 -36.82 -23.88
N VAL A 768 -35.46 -35.94 -24.79
CA VAL A 768 -34.09 -35.41 -24.71
C VAL A 768 -33.95 -34.50 -23.50
N ASN A 769 -34.91 -33.61 -23.28
CA ASN A 769 -34.85 -32.72 -22.13
C ASN A 769 -34.89 -33.52 -20.84
N LEU A 770 -35.80 -34.50 -20.76
CA LEU A 770 -35.92 -35.29 -19.55
C LEU A 770 -34.67 -36.10 -19.29
N ALA A 771 -34.05 -36.63 -20.34
CA ALA A 771 -32.83 -37.39 -20.15
C ALA A 771 -31.69 -36.49 -19.71
N VAL A 772 -31.61 -35.28 -20.25
CA VAL A 772 -30.59 -34.34 -19.82
C VAL A 772 -30.74 -34.06 -18.33
N LEU A 773 -31.97 -33.79 -17.91
CA LEU A 773 -32.19 -33.46 -16.50
C LEU A 773 -31.93 -34.66 -15.61
N LYS A 774 -32.30 -35.86 -16.06
CA LYS A 774 -32.01 -37.06 -15.28
C LYS A 774 -30.52 -37.25 -15.13
N LEU A 775 -29.76 -37.06 -16.21
CA LEU A 775 -28.32 -37.18 -16.15
C LEU A 775 -27.72 -36.17 -15.21
N SER A 776 -28.18 -34.92 -15.27
CA SER A 776 -27.63 -33.89 -14.41
C SER A 776 -27.98 -34.15 -12.95
N GLU A 777 -29.18 -34.66 -12.69
CA GLU A 777 -29.64 -34.83 -11.33
C GLU A 777 -28.91 -35.96 -10.62
N GLN A 778 -28.58 -37.03 -11.34
CA GLN A 778 -27.89 -38.18 -10.76
C GLN A 778 -26.39 -38.10 -10.97
N GLY A 779 -25.87 -36.92 -11.30
CA GLY A 779 -24.43 -36.70 -11.26
C GLY A 779 -23.62 -37.48 -12.26
N VAL A 780 -24.08 -37.54 -13.51
CA VAL A 780 -23.28 -38.14 -14.56
C VAL A 780 -22.46 -37.09 -15.30
N LEU A 781 -23.08 -35.95 -15.60
CA LEU A 781 -22.39 -34.92 -16.35
C LEU A 781 -21.17 -34.40 -15.59
N ASP A 782 -21.29 -34.30 -14.27
CA ASP A 782 -20.14 -33.93 -13.47
C ASP A 782 -19.03 -34.96 -13.59
N LYS A 783 -19.40 -36.24 -13.52
CA LYS A 783 -18.41 -37.31 -13.67
C LYS A 783 -17.73 -37.21 -15.03
N LEU A 784 -18.52 -37.05 -16.08
CA LEU A 784 -17.96 -37.03 -17.43
C LEU A 784 -17.06 -35.82 -17.63
N LYS A 785 -17.48 -34.65 -17.13
CA LYS A 785 -16.67 -33.46 -17.23
C LYS A 785 -15.36 -33.63 -16.49
N SER A 786 -15.41 -34.18 -15.27
CA SER A 786 -14.17 -34.42 -14.54
C SER A 786 -13.28 -35.39 -15.28
N LYS A 787 -13.89 -36.39 -15.93
CA LYS A 787 -13.12 -37.38 -16.66
C LYS A 787 -12.36 -36.74 -17.82
N TRP A 788 -13.05 -35.91 -18.59
CA TRP A 788 -12.47 -35.41 -19.83
C TRP A 788 -11.64 -34.15 -19.63
N TRP A 789 -11.87 -33.40 -18.56
CA TRP A 789 -11.11 -32.19 -18.29
C TRP A 789 -9.97 -32.44 -17.32
N TYR A 790 -10.16 -33.34 -16.36
CA TYR A 790 -9.19 -33.58 -15.30
C TYR A 790 -8.58 -34.97 -15.37
N ASP A 791 -9.42 -36.02 -15.39
CA ASP A 791 -8.88 -37.37 -15.38
C ASP A 791 -7.94 -37.59 -16.55
N LYS A 792 -8.38 -37.27 -17.76
CA LYS A 792 -7.51 -37.33 -18.94
C LYS A 792 -6.84 -35.99 -19.18
N GLY A 793 -6.25 -35.44 -18.12
CA GLY A 793 -5.50 -34.22 -18.18
C GLY A 793 -4.02 -34.51 -18.12
N GLU A 794 -3.23 -33.66 -18.76
CA GLU A 794 -1.78 -33.81 -18.83
C GLU A 794 -1.08 -32.95 -17.79
N CYS A 795 -1.70 -32.79 -16.62
CA CYS A 795 -1.22 -31.79 -15.67
C CYS A 795 -1.95 -32.03 -14.35
N GLY A 796 -1.73 -31.14 -13.40
CA GLY A 796 -2.34 -31.27 -12.08
C GLY A 796 -2.05 -32.61 -11.44
N THR A 806 1.88 -19.05 2.79
CA THR A 806 2.89 -18.79 3.81
C THR A 806 3.82 -17.66 3.37
N SER A 807 4.10 -16.75 4.29
CA SER A 807 4.96 -15.60 4.02
C SER A 807 6.24 -15.61 4.84
N ALA A 808 6.41 -16.56 5.75
CA ALA A 808 7.64 -16.62 6.52
C ALA A 808 8.82 -16.82 5.59
N LEU A 809 9.92 -16.17 5.91
CA LEU A 809 11.11 -16.26 5.07
C LEU A 809 11.64 -17.69 5.09
N SER A 810 11.85 -18.24 3.91
CA SER A 810 12.18 -19.66 3.77
C SER A 810 13.68 -19.85 3.63
N LEU A 811 14.09 -21.10 3.78
CA LEU A 811 15.50 -21.44 3.72
C LEU A 811 16.07 -21.18 2.33
N SER A 812 15.23 -21.19 1.30
CA SER A 812 15.73 -20.96 -0.04
C SER A 812 16.19 -19.52 -0.22
N ASN A 813 15.60 -18.58 0.53
CA ASN A 813 15.96 -17.18 0.40
C ASN A 813 17.35 -16.88 0.93
N VAL A 814 17.92 -17.80 1.71
CA VAL A 814 19.09 -17.48 2.53
C VAL A 814 20.20 -18.50 2.35
N ALA A 815 19.90 -19.61 1.67
CA ALA A 815 20.86 -20.71 1.60
C ALA A 815 22.24 -20.24 1.17
N GLY A 816 22.33 -19.08 0.53
CA GLY A 816 23.64 -18.59 0.11
C GLY A 816 24.58 -18.37 1.28
N VAL A 817 24.08 -17.77 2.36
CA VAL A 817 24.96 -17.53 3.51
C VAL A 817 25.33 -18.84 4.17
N PHE A 818 24.42 -19.81 4.18
CA PHE A 818 24.77 -21.12 4.73
C PHE A 818 25.88 -21.77 3.92
N TYR A 819 25.80 -21.69 2.59
CA TYR A 819 26.86 -22.24 1.77
C TYR A 819 28.17 -21.50 2.02
N ILE A 820 28.11 -20.18 2.15
CA ILE A 820 29.31 -19.42 2.49
C ILE A 820 29.89 -19.89 3.80
N LEU A 821 29.03 -20.16 4.78
CA LEU A 821 29.50 -20.58 6.09
C LEU A 821 30.16 -21.94 6.02
N ILE A 822 29.56 -22.88 5.29
CA ILE A 822 30.14 -24.20 5.17
C ILE A 822 31.49 -24.12 4.45
N GLY A 823 31.56 -23.31 3.39
CA GLY A 823 32.83 -23.14 2.71
C GLY A 823 33.88 -22.52 3.60
N GLY A 824 33.50 -21.53 4.40
CA GLY A 824 34.44 -20.91 5.31
C GLY A 824 34.93 -21.88 6.37
N LEU A 825 34.04 -22.74 6.86
CA LEU A 825 34.45 -23.75 7.84
C LEU A 825 35.41 -24.76 7.21
N GLY A 826 35.14 -25.18 5.98
CA GLY A 826 36.06 -26.07 5.31
C GLY A 826 37.42 -25.43 5.10
N LEU A 827 37.41 -24.18 4.66
CA LEU A 827 38.67 -23.45 4.50
C LEU A 827 39.39 -23.31 5.82
N ALA A 828 38.64 -23.11 6.90
CA ALA A 828 39.26 -22.99 8.22
C ALA A 828 39.90 -24.29 8.65
N MET A 829 39.23 -25.43 8.42
CA MET A 829 39.82 -26.71 8.76
C MET A 829 41.07 -26.96 7.92
N LEU A 830 41.01 -26.64 6.64
CA LEU A 830 42.19 -26.77 5.78
C LEU A 830 43.33 -25.91 6.29
N VAL A 831 43.05 -24.65 6.64
CA VAL A 831 44.08 -23.75 7.12
C VAL A 831 44.65 -24.26 8.43
N ALA A 832 43.80 -24.83 9.28
CA ALA A 832 44.29 -25.39 10.54
C ALA A 832 45.24 -26.55 10.27
N LEU A 833 44.89 -27.40 9.31
CA LEU A 833 45.78 -28.50 8.95
C LEU A 833 47.11 -27.98 8.43
N ILE A 834 47.06 -26.96 7.58
CA ILE A 834 48.30 -26.39 7.04
C ILE A 834 49.14 -25.79 8.15
N GLU A 835 48.50 -25.07 9.07
CA GLU A 835 49.23 -24.47 10.17
C GLU A 835 49.85 -25.54 11.06
N PHE A 836 49.13 -26.64 11.27
CA PHE A 836 49.67 -27.73 12.07
C PHE A 836 50.88 -28.36 11.40
N CYS A 837 50.80 -28.59 10.09
CA CYS A 837 51.93 -29.15 9.37
C CYS A 837 53.12 -28.19 9.41
N TYR A 838 52.85 -26.90 9.25
CA TYR A 838 53.92 -25.90 9.26
C TYR A 838 54.53 -25.75 10.65
N LYS A 839 53.75 -26.03 11.70
CA LYS A 839 54.26 -25.93 13.05
C LYS A 839 55.37 -26.94 13.31
N SER A 840 55.36 -28.08 12.61
CA SER A 840 56.47 -29.02 12.71
C SER A 840 57.76 -28.36 12.27
N ARG A 841 57.70 -27.38 11.38
CA ARG A 841 58.88 -26.65 10.94
C ARG A 841 59.85 -27.58 10.24
N TYR B 417 -33.46 53.24 -9.70
CA TYR B 417 -34.13 51.99 -10.05
C TYR B 417 -34.04 50.99 -8.91
N ILE B 418 -35.18 50.38 -8.56
CA ILE B 418 -35.18 49.43 -7.48
C ILE B 418 -34.21 48.30 -7.78
N VAL B 419 -33.60 47.77 -6.73
CA VAL B 419 -32.68 46.65 -6.82
C VAL B 419 -33.11 45.60 -5.82
N THR B 420 -33.35 44.39 -6.30
CA THR B 420 -33.66 43.28 -5.43
C THR B 420 -32.38 42.59 -4.99
N THR B 421 -32.43 42.00 -3.81
CA THR B 421 -31.24 41.39 -3.21
C THR B 421 -31.69 40.46 -2.10
N ILE B 422 -30.73 39.73 -1.54
CA ILE B 422 -30.97 38.82 -0.43
C ILE B 422 -29.75 38.85 0.48
N LEU B 423 -29.90 38.31 1.68
CA LEU B 423 -28.97 38.56 2.79
C LEU B 423 -27.94 37.45 2.97
N GLU B 424 -27.80 36.53 2.03
CA GLU B 424 -26.77 35.50 2.15
C GLU B 424 -25.39 36.14 2.18
N ASP B 425 -24.63 35.84 3.22
CA ASP B 425 -23.28 36.37 3.33
C ASP B 425 -22.30 35.46 2.62
N PRO B 426 -21.13 35.96 2.19
CA PRO B 426 -20.63 37.33 2.33
C PRO B 426 -21.14 38.30 1.29
N TYR B 427 -22.25 37.97 0.65
CA TYR B 427 -22.90 38.92 -0.23
C TYR B 427 -23.62 39.92 0.67
N VAL B 428 -24.54 40.69 0.10
CA VAL B 428 -25.16 41.79 0.84
C VAL B 428 -25.59 41.32 2.22
N MET B 429 -25.12 42.02 3.25
CA MET B 429 -25.39 41.67 4.64
C MET B 429 -25.62 42.96 5.41
N LEU B 430 -26.11 42.82 6.64
CA LEU B 430 -26.47 43.95 7.47
C LEU B 430 -25.20 44.58 8.04
N LYS B 431 -24.97 45.86 7.71
CA LYS B 431 -23.79 46.55 8.19
C LYS B 431 -23.83 46.66 9.70
N LYS B 432 -22.67 46.44 10.33
CA LYS B 432 -22.58 46.59 11.78
C LYS B 432 -22.99 48.00 12.18
N ASN B 433 -23.85 48.08 13.19
CA ASN B 433 -24.40 49.36 13.63
C ASN B 433 -25.21 50.00 12.50
N ALA B 434 -26.25 49.29 12.08
CA ALA B 434 -27.11 49.75 11.00
C ALA B 434 -27.93 50.98 11.40
N ASN B 435 -28.08 51.25 12.69
CA ASN B 435 -28.88 52.39 13.12
C ASN B 435 -28.25 53.70 12.65
N GLN B 436 -26.92 53.76 12.62
CA GLN B 436 -26.20 54.96 12.20
C GLN B 436 -26.14 55.12 10.69
N PHE B 437 -26.91 54.34 9.93
CA PHE B 437 -26.94 54.46 8.49
C PHE B 437 -28.32 54.04 7.99
N GLU B 438 -28.66 54.49 6.79
CA GLU B 438 -29.94 54.15 6.20
C GLU B 438 -29.81 54.08 4.68
N GLY B 439 -30.73 53.35 4.07
CA GLY B 439 -30.76 53.28 2.61
C GLY B 439 -29.66 52.38 2.07
N ASN B 440 -29.13 52.76 0.90
CA ASN B 440 -28.09 51.97 0.28
C ASN B 440 -26.88 51.84 1.20
N ASP B 441 -26.52 52.92 1.90
CA ASP B 441 -25.39 52.88 2.81
C ASP B 441 -25.63 51.98 4.01
N ARG B 442 -26.87 51.53 4.22
CA ARG B 442 -27.19 50.68 5.35
C ARG B 442 -26.66 49.26 5.19
N TYR B 443 -26.20 48.89 4.00
CA TYR B 443 -25.75 47.53 3.73
C TYR B 443 -24.38 47.54 3.07
N GLU B 444 -23.61 46.50 3.38
CA GLU B 444 -22.29 46.30 2.80
C GLU B 444 -22.15 44.83 2.44
N GLY B 445 -21.41 44.57 1.38
CA GLY B 445 -21.20 43.20 0.94
C GLY B 445 -20.67 43.16 -0.48
N TYR B 446 -20.43 41.93 -0.93
CA TYR B 446 -19.89 41.75 -2.27
C TYR B 446 -20.86 42.28 -3.32
N CYS B 447 -22.11 41.85 -3.23
CA CYS B 447 -23.10 42.31 -4.21
C CYS B 447 -23.33 43.80 -4.10
N VAL B 448 -23.18 44.37 -2.90
CA VAL B 448 -23.34 45.81 -2.75
C VAL B 448 -22.29 46.54 -3.56
N GLU B 449 -21.02 46.13 -3.43
CA GLU B 449 -19.95 46.76 -4.18
C GLU B 449 -20.12 46.52 -5.68
N LEU B 450 -20.56 45.31 -6.04
CA LEU B 450 -20.74 45.01 -7.46
C LEU B 450 -21.82 45.89 -8.07
N ALA B 451 -22.92 46.07 -7.36
CA ALA B 451 -23.99 46.94 -7.85
C ALA B 451 -23.53 48.38 -7.90
N ALA B 452 -22.71 48.80 -6.93
CA ALA B 452 -22.15 50.14 -6.97
C ALA B 452 -21.34 50.34 -8.24
N GLU B 453 -20.48 49.37 -8.55
CA GLU B 453 -19.68 49.48 -9.76
C GLU B 453 -20.56 49.51 -11.00
N ILE B 454 -21.58 48.64 -11.05
CA ILE B 454 -22.43 48.58 -12.24
C ILE B 454 -23.18 49.89 -12.42
N ALA B 455 -23.64 50.47 -11.31
CA ALA B 455 -24.30 51.77 -11.39
C ALA B 455 -23.34 52.82 -11.93
N LYS B 456 -22.10 52.81 -11.43
CA LYS B 456 -21.14 53.79 -11.91
C LYS B 456 -20.86 53.62 -13.41
N HIS B 457 -20.95 52.38 -13.92
CA HIS B 457 -20.65 52.16 -15.33
C HIS B 457 -21.85 52.50 -16.21
N VAL B 458 -22.97 51.81 -16.01
CA VAL B 458 -24.13 52.04 -16.86
C VAL B 458 -24.61 53.47 -16.74
N GLY B 459 -24.68 53.99 -15.52
CA GLY B 459 -25.02 55.38 -15.29
C GLY B 459 -26.44 55.63 -14.82
N TYR B 460 -27.04 54.71 -14.08
CA TYR B 460 -28.37 54.93 -13.55
C TYR B 460 -28.30 55.08 -12.03
N SER B 461 -29.46 55.26 -11.41
CA SER B 461 -29.57 55.39 -9.96
C SER B 461 -30.38 54.23 -9.41
N TYR B 462 -30.05 53.83 -8.19
CA TYR B 462 -30.66 52.65 -7.59
C TYR B 462 -30.90 52.86 -6.10
N ARG B 463 -31.85 52.10 -5.58
CA ARG B 463 -32.14 52.08 -4.15
C ARG B 463 -32.29 50.64 -3.72
N LEU B 464 -31.35 50.16 -2.92
CA LEU B 464 -31.36 48.76 -2.50
C LEU B 464 -32.68 48.42 -1.81
N GLU B 465 -33.19 47.23 -2.11
CA GLU B 465 -34.43 46.77 -1.54
C GLU B 465 -34.44 45.25 -1.45
N ILE B 466 -34.43 44.73 -0.26
CA ILE B 466 -34.29 43.30 -0.03
C ILE B 466 -35.62 42.60 -0.26
N VAL B 467 -35.53 41.34 -0.66
CA VAL B 467 -36.71 40.54 -0.89
C VAL B 467 -37.39 40.23 0.45
N SER B 468 -38.70 40.06 0.39
CA SER B 468 -39.49 39.78 1.59
C SER B 468 -39.55 38.29 1.90
N ASP B 469 -39.88 37.47 0.90
CA ASP B 469 -40.00 36.04 1.14
C ASP B 469 -38.69 35.44 1.61
N GLY B 470 -37.57 35.92 1.06
CA GLY B 470 -36.28 35.36 1.38
C GLY B 470 -35.89 34.17 0.55
N LYS B 471 -36.63 33.87 -0.51
CA LYS B 471 -36.35 32.75 -1.37
C LYS B 471 -35.93 33.24 -2.75
N TYR B 472 -34.93 32.56 -3.32
CA TYR B 472 -34.40 32.98 -4.61
C TYR B 472 -35.48 32.91 -5.69
N GLY B 473 -36.20 31.80 -5.74
CA GLY B 473 -37.23 31.66 -6.76
C GLY B 473 -37.49 30.23 -7.18
N ALA B 474 -38.76 29.88 -7.33
CA ALA B 474 -39.14 28.57 -7.83
C ALA B 474 -40.62 28.61 -8.21
N ARG B 475 -40.97 27.80 -9.20
CA ARG B 475 -42.33 27.73 -9.68
C ARG B 475 -43.18 26.95 -8.69
N ASP B 476 -44.20 27.60 -8.15
CA ASP B 476 -45.10 26.91 -7.24
C ASP B 476 -45.77 25.75 -7.99
N PRO B 477 -45.80 24.55 -7.42
CA PRO B 477 -46.39 23.42 -8.17
C PRO B 477 -47.90 23.50 -8.27
N ASP B 478 -48.58 23.88 -7.18
CA ASP B 478 -50.03 24.00 -7.22
C ASP B 478 -50.45 25.08 -8.21
N THR B 479 -49.89 26.27 -8.08
CA THR B 479 -50.13 27.37 -9.00
C THR B 479 -48.81 27.75 -9.67
N LYS B 480 -48.85 27.90 -10.99
CA LYS B 480 -47.64 28.16 -11.76
C LYS B 480 -46.98 29.48 -11.37
N ALA B 481 -47.60 30.22 -10.46
CA ALA B 481 -47.01 31.48 -10.00
C ALA B 481 -45.66 31.23 -9.35
N TRP B 482 -44.73 32.16 -9.57
CA TRP B 482 -43.41 32.07 -8.97
C TRP B 482 -43.47 32.44 -7.49
N ASN B 483 -42.37 32.22 -6.80
CA ASN B 483 -42.32 32.44 -5.35
C ASN B 483 -40.89 32.79 -4.98
N GLY B 484 -40.64 34.07 -4.72
CA GLY B 484 -39.34 34.51 -4.24
C GLY B 484 -38.81 35.73 -4.97
N MET B 485 -37.49 35.80 -5.07
CA MET B 485 -36.85 36.97 -5.66
C MET B 485 -37.18 37.09 -7.15
N VAL B 486 -37.02 36.01 -7.90
CA VAL B 486 -37.42 36.02 -9.30
C VAL B 486 -38.91 36.32 -9.40
N GLY B 487 -39.68 35.97 -8.38
CA GLY B 487 -41.06 36.41 -8.33
C GLY B 487 -41.16 37.92 -8.25
N GLU B 488 -40.34 38.53 -7.41
CA GLU B 488 -40.33 39.99 -7.29
C GLU B 488 -39.85 40.66 -8.57
N LEU B 489 -39.18 39.92 -9.45
CA LEU B 489 -38.76 40.46 -10.74
C LEU B 489 -39.83 40.30 -11.82
N VAL B 490 -40.33 39.08 -12.00
CA VAL B 490 -41.14 38.75 -13.16
C VAL B 490 -42.49 39.44 -13.13
N TYR B 491 -42.92 39.95 -11.99
CA TYR B 491 -44.22 40.60 -11.85
C TYR B 491 -44.11 42.12 -11.83
N GLY B 492 -42.99 42.66 -12.30
CA GLY B 492 -42.84 44.09 -12.49
C GLY B 492 -42.49 44.88 -11.26
N ARG B 493 -42.43 44.25 -10.09
CA ARG B 493 -42.08 44.98 -8.88
C ARG B 493 -40.66 45.52 -8.93
N ALA B 494 -39.73 44.71 -9.44
CA ALA B 494 -38.32 45.01 -9.36
C ALA B 494 -37.71 45.23 -10.74
N ASP B 495 -36.63 46.00 -10.77
CA ASP B 495 -35.97 46.41 -12.00
C ASP B 495 -34.79 45.52 -12.36
N VAL B 496 -33.98 45.14 -11.37
CA VAL B 496 -32.90 44.20 -11.56
C VAL B 496 -32.77 43.37 -10.29
N ALA B 497 -31.80 42.45 -10.30
CA ALA B 497 -31.51 41.62 -9.14
C ALA B 497 -30.05 41.22 -9.18
N VAL B 498 -29.29 41.62 -8.17
CA VAL B 498 -27.88 41.32 -8.07
C VAL B 498 -27.71 40.43 -6.84
N ALA B 499 -27.51 39.15 -7.07
CA ALA B 499 -27.40 38.21 -5.98
C ALA B 499 -26.88 36.88 -6.49
N PRO B 500 -26.50 35.97 -5.62
CA PRO B 500 -26.11 34.63 -6.09
C PRO B 500 -27.28 33.90 -6.68
N LEU B 501 -27.69 34.33 -7.86
CA LEU B 501 -28.82 33.75 -8.57
C LEU B 501 -28.31 32.74 -9.58
N THR B 502 -28.32 31.48 -9.18
CA THR B 502 -27.89 30.42 -10.08
C THR B 502 -28.80 30.38 -11.29
N ILE B 503 -28.21 30.59 -12.47
CA ILE B 503 -28.97 30.63 -13.71
C ILE B 503 -29.29 29.22 -14.15
N THR B 504 -30.57 28.96 -14.41
CA THR B 504 -31.04 27.65 -14.84
C THR B 504 -32.06 27.86 -15.96
N LEU B 505 -32.52 26.74 -16.52
CA LEU B 505 -33.38 26.81 -17.69
C LEU B 505 -34.73 27.42 -17.34
N VAL B 506 -35.32 27.00 -16.22
CA VAL B 506 -36.64 27.48 -15.85
C VAL B 506 -36.62 28.98 -15.67
N ARG B 507 -35.60 29.50 -14.99
CA ARG B 507 -35.50 30.93 -14.80
C ARG B 507 -35.13 31.65 -16.10
N GLU B 508 -34.27 31.04 -16.91
CA GLU B 508 -33.91 31.64 -18.19
C GLU B 508 -35.13 31.78 -19.09
N GLU B 509 -36.12 30.91 -18.93
CA GLU B 509 -37.33 31.00 -19.73
C GLU B 509 -38.10 32.28 -19.43
N VAL B 510 -38.17 32.66 -18.16
CA VAL B 510 -39.01 33.78 -17.74
C VAL B 510 -38.21 35.02 -17.37
N ILE B 511 -37.03 34.86 -16.78
CA ILE B 511 -36.16 35.98 -16.45
C ILE B 511 -34.88 35.79 -17.25
N ASP B 512 -34.30 36.90 -17.70
CA ASP B 512 -33.12 36.88 -18.53
C ASP B 512 -31.91 37.37 -17.75
N PHE B 513 -30.81 36.64 -17.84
CA PHE B 513 -29.62 36.92 -17.08
C PHE B 513 -28.59 37.62 -17.97
N SER B 514 -27.47 37.96 -17.36
CA SER B 514 -26.29 38.41 -18.06
C SER B 514 -25.27 37.28 -18.07
N LYS B 515 -24.10 37.58 -18.59
CA LYS B 515 -23.03 36.61 -18.53
C LYS B 515 -22.64 36.39 -17.07
N PRO B 516 -22.27 35.18 -16.69
CA PRO B 516 -21.98 34.93 -15.27
C PRO B 516 -20.82 35.76 -14.80
N PHE B 517 -21.07 36.55 -13.77
CA PHE B 517 -20.04 37.37 -13.16
C PHE B 517 -19.18 36.58 -12.19
N MET B 518 -19.56 35.35 -11.88
CA MET B 518 -18.77 34.56 -10.96
C MET B 518 -19.19 33.10 -11.06
N SER B 519 -18.24 32.24 -11.42
CA SER B 519 -18.50 30.84 -11.67
C SER B 519 -18.22 30.02 -10.43
N LEU B 520 -18.74 28.80 -10.43
CA LEU B 520 -18.71 27.96 -9.25
C LEU B 520 -19.17 26.56 -9.62
N GLY B 521 -19.29 25.72 -8.60
CA GLY B 521 -19.81 24.39 -8.77
C GLY B 521 -19.75 23.66 -7.45
N ILE B 522 -20.30 22.45 -7.46
CA ILE B 522 -20.26 21.61 -6.27
C ILE B 522 -18.81 21.32 -5.90
N SER B 523 -18.51 21.40 -4.61
CA SER B 523 -17.19 21.14 -4.09
C SER B 523 -17.33 20.19 -2.92
N ILE B 524 -16.26 20.03 -2.17
CA ILE B 524 -16.25 19.17 -0.99
C ILE B 524 -15.62 19.95 0.16
N MET B 525 -16.24 19.82 1.33
CA MET B 525 -15.77 20.43 2.55
C MET B 525 -15.45 19.31 3.54
N ILE B 526 -14.25 19.36 4.12
CA ILE B 526 -13.85 18.39 5.13
C ILE B 526 -13.27 19.12 6.32
N LYS B 527 -13.38 18.48 7.48
CA LYS B 527 -12.80 19.04 8.69
C LYS B 527 -11.30 19.19 8.50
N LYS B 528 -10.78 20.36 8.83
CA LYS B 528 -9.36 20.59 8.70
C LYS B 528 -8.61 19.73 9.71
N PRO B 529 -7.64 18.94 9.28
CA PRO B 529 -6.90 18.09 10.23
C PRO B 529 -5.91 18.93 11.03
N GLN B 530 -6.19 19.08 12.32
CA GLN B 530 -5.29 19.82 13.19
C GLN B 530 -3.91 19.20 13.17
N LYS B 531 -2.88 20.04 13.25
CA LYS B 531 -1.50 19.57 13.22
C LYS B 531 -1.27 18.79 14.49
N SER B 532 -1.44 17.47 14.41
CA SER B 532 -1.36 16.61 15.60
C SER B 532 0.07 16.62 16.10
N LYS B 533 0.32 17.43 17.11
CA LYS B 533 1.66 17.50 17.68
C LYS B 533 1.97 16.14 18.32
N PRO B 534 3.01 15.44 17.88
CA PRO B 534 3.33 14.15 18.50
C PRO B 534 3.63 14.31 19.98
N GLY B 535 3.20 13.33 20.76
CA GLY B 535 3.49 13.35 22.17
C GLY B 535 4.98 13.44 22.43
N VAL B 536 5.32 14.05 23.56
CA VAL B 536 6.72 14.17 23.94
C VAL B 536 7.35 12.80 24.10
N PHE B 537 6.55 11.79 24.45
CA PHE B 537 7.03 10.42 24.59
C PHE B 537 6.38 9.53 23.54
N SER B 538 6.29 10.03 22.31
CA SER B 538 5.71 9.25 21.23
C SER B 538 6.62 8.13 20.79
N PHE B 539 7.90 8.18 21.15
CA PHE B 539 8.85 7.17 20.71
C PHE B 539 8.66 5.82 21.39
N LEU B 540 7.83 5.74 22.41
CA LEU B 540 7.53 4.48 23.08
C LEU B 540 6.28 3.82 22.55
N ASP B 541 5.55 4.49 21.67
CA ASP B 541 4.31 3.98 21.11
C ASP B 541 4.49 2.62 20.45
N PRO B 542 5.59 2.38 19.74
CA PRO B 542 5.75 1.09 19.07
C PRO B 542 5.50 -0.09 19.97
N LEU B 543 5.88 0.01 21.23
CA LEU B 543 5.64 -1.02 22.22
C LEU B 543 4.63 -0.53 23.23
N ALA B 544 3.85 -1.46 23.78
CA ALA B 544 2.85 -1.11 24.75
C ALA B 544 3.49 -0.79 26.10
N TYR B 545 2.75 -0.03 26.90
CA TYR B 545 3.22 0.34 28.23
C TYR B 545 3.48 -0.90 29.08
N GLU B 546 2.63 -1.91 28.95
CA GLU B 546 2.82 -3.14 29.71
C GLU B 546 4.14 -3.79 29.37
N ILE B 547 4.52 -3.76 28.10
CA ILE B 547 5.77 -4.40 27.69
C ILE B 547 6.96 -3.69 28.31
N TRP B 548 6.92 -2.36 28.34
CA TRP B 548 7.99 -1.62 29.01
C TRP B 548 8.06 -1.98 30.49
N MET B 549 6.90 -2.04 31.15
CA MET B 549 6.89 -2.38 32.57
C MET B 549 7.50 -3.74 32.80
N CYS B 550 7.07 -4.74 32.02
CA CYS B 550 7.60 -6.08 32.20
C CYS B 550 9.07 -6.16 31.80
N ILE B 551 9.51 -5.29 30.89
CA ILE B 551 10.93 -5.21 30.57
C ILE B 551 11.71 -4.78 31.80
N VAL B 552 11.22 -3.75 32.49
CA VAL B 552 11.89 -3.28 33.69
C VAL B 552 11.92 -4.39 34.74
N PHE B 553 10.78 -5.05 34.93
CA PHE B 553 10.70 -6.13 35.90
C PHE B 553 11.69 -7.23 35.57
N ALA B 554 11.74 -7.64 34.31
CA ALA B 554 12.63 -8.71 33.90
C ALA B 554 14.08 -8.30 34.03
N TYR B 555 14.39 -7.03 33.74
CA TYR B 555 15.75 -6.55 33.90
C TYR B 555 16.20 -6.66 35.34
N ILE B 556 15.35 -6.20 36.26
CA ILE B 556 15.67 -6.32 37.68
C ILE B 556 15.85 -7.77 38.06
N GLY B 557 14.92 -8.62 37.64
CA GLY B 557 15.00 -10.02 38.01
C GLY B 557 16.25 -10.69 37.49
N VAL B 558 16.61 -10.41 36.24
CA VAL B 558 17.79 -11.03 35.65
C VAL B 558 19.04 -10.56 36.36
N SER B 559 19.12 -9.26 36.63
CA SER B 559 20.31 -8.74 37.32
C SER B 559 20.45 -9.37 38.68
N VAL B 560 19.35 -9.47 39.43
CA VAL B 560 19.39 -10.05 40.76
C VAL B 560 19.78 -11.51 40.69
N VAL B 561 19.18 -12.27 39.78
CA VAL B 561 19.49 -13.68 39.67
C VAL B 561 20.94 -13.88 39.28
N LEU B 562 21.44 -13.05 38.36
CA LEU B 562 22.83 -13.18 37.94
C LEU B 562 23.77 -12.94 39.10
N PHE B 563 23.56 -11.85 39.84
CA PHE B 563 24.30 -11.63 41.06
C PHE B 563 24.25 -12.83 41.99
N LEU B 564 23.05 -13.23 42.39
CA LEU B 564 22.90 -14.32 43.33
C LEU B 564 23.65 -15.55 42.86
N VAL B 565 23.40 -15.99 41.63
CA VAL B 565 24.01 -17.20 41.13
C VAL B 565 25.52 -17.09 41.10
N SER B 566 26.04 -15.99 40.57
CA SER B 566 27.49 -15.89 40.36
C SER B 566 28.22 -15.67 41.67
N ARG B 567 27.55 -15.13 42.68
CA ARG B 567 28.26 -14.62 43.84
C ARG B 567 28.53 -15.72 44.87
N PHE B 568 27.50 -16.34 45.41
CA PHE B 568 27.71 -17.23 46.54
C PHE B 568 28.45 -18.48 46.07
N SER B 569 28.71 -19.37 47.02
CA SER B 569 29.43 -20.61 46.76
C SER B 569 30.75 -20.32 46.03
N ASN B 591 32.51 -13.59 42.42
CA ASN B 591 33.58 -13.25 41.49
C ASN B 591 33.70 -11.73 41.34
N GLU B 592 34.15 -11.29 40.17
CA GLU B 592 34.22 -9.87 39.88
C GLU B 592 32.85 -9.22 39.81
N PHE B 593 31.79 -10.02 39.76
CA PHE B 593 30.45 -9.48 39.59
C PHE B 593 30.01 -8.82 40.90
N GLY B 594 28.77 -8.37 40.92
CA GLY B 594 28.28 -7.50 41.97
C GLY B 594 26.90 -7.01 41.61
N ILE B 595 26.12 -6.70 42.64
CA ILE B 595 24.76 -6.23 42.41
C ILE B 595 24.80 -4.99 41.52
N PHE B 596 25.69 -4.06 41.84
CA PHE B 596 25.91 -2.92 40.97
C PHE B 596 26.44 -3.36 39.63
N ASN B 597 27.43 -4.26 39.63
CA ASN B 597 27.99 -4.76 38.39
C ASN B 597 27.01 -5.62 37.63
N SER B 598 26.19 -6.40 38.33
CA SER B 598 25.19 -7.21 37.65
C SER B 598 24.17 -6.32 36.96
N LEU B 599 23.73 -5.27 37.64
CA LEU B 599 22.83 -4.30 37.01
C LEU B 599 23.48 -3.66 35.80
N TRP B 600 24.75 -3.28 35.92
CA TRP B 600 25.45 -2.67 34.81
C TRP B 600 25.53 -3.62 33.62
N PHE B 601 25.87 -4.87 33.89
CA PHE B 601 25.99 -5.86 32.81
C PHE B 601 24.66 -6.06 32.11
N SER B 602 23.59 -6.21 32.88
CA SER B 602 22.28 -6.41 32.28
C SER B 602 21.87 -5.19 31.46
N LEU B 603 22.12 -4.00 31.99
CA LEU B 603 21.73 -2.79 31.29
C LEU B 603 22.50 -2.64 29.99
N GLY B 604 23.79 -2.98 30.00
CA GLY B 604 24.58 -2.88 28.79
C GLY B 604 24.28 -3.97 27.79
N ALA B 605 23.81 -5.12 28.27
CA ALA B 605 23.41 -6.20 27.37
C ALA B 605 22.07 -5.92 26.73
N PHE B 606 21.16 -5.26 27.43
CA PHE B 606 19.90 -4.90 26.82
C PHE B 606 20.10 -3.94 25.66
N MET B 607 21.04 -3.01 25.81
CA MET B 607 21.25 -1.96 24.84
C MET B 607 22.30 -2.33 23.81
N GLN B 608 22.81 -3.55 23.86
CA GLN B 608 23.74 -4.08 22.86
C GLN B 608 25.01 -3.24 22.77
N GLN B 609 25.42 -2.64 23.88
CA GLN B 609 26.56 -1.75 23.89
C GLN B 609 27.81 -2.41 24.47
N GLY B 610 27.79 -3.72 24.64
CA GLY B 610 28.99 -4.41 25.06
C GLY B 610 29.15 -4.45 26.57
N CYS B 611 29.89 -5.45 27.02
CA CYS B 611 30.13 -5.67 28.44
C CYS B 611 31.62 -5.90 28.66
N ASP B 612 32.21 -5.14 29.57
CA ASP B 612 33.61 -5.33 29.92
C ASP B 612 33.83 -6.66 30.63
N ILE B 613 32.86 -7.08 31.42
CA ILE B 613 32.94 -8.34 32.14
C ILE B 613 31.94 -9.31 31.53
N SER B 614 32.21 -10.60 31.71
CA SER B 614 31.36 -11.64 31.18
C SER B 614 31.36 -12.81 32.16
N PRO B 615 30.21 -13.42 32.40
CA PRO B 615 30.17 -14.54 33.34
C PRO B 615 31.09 -15.67 32.90
N ARG B 616 31.78 -16.26 33.86
CA ARG B 616 32.66 -17.39 33.62
C ARG B 616 32.07 -18.70 34.14
N SER B 617 30.91 -18.66 34.78
CA SER B 617 30.26 -19.84 35.32
C SER B 617 29.07 -20.23 34.46
N LEU B 618 28.79 -21.53 34.42
CA LEU B 618 27.80 -22.04 33.49
C LEU B 618 26.45 -21.39 33.70
N SER B 619 26.02 -21.26 34.94
CA SER B 619 24.71 -20.68 35.22
C SER B 619 24.67 -19.21 34.82
N GLY B 620 25.75 -18.48 35.14
CA GLY B 620 25.85 -17.10 34.68
C GLY B 620 25.77 -17.00 33.17
N ARG B 621 26.44 -17.92 32.47
CA ARG B 621 26.39 -17.92 31.02
C ARG B 621 24.98 -18.20 30.51
N ILE B 622 24.27 -19.11 31.17
CA ILE B 622 22.90 -19.42 30.78
C ILE B 622 22.03 -18.17 30.89
N VAL B 623 22.08 -17.52 32.05
CA VAL B 623 21.24 -16.34 32.25
C VAL B 623 21.61 -15.24 31.28
N GLY B 624 22.91 -15.06 31.05
CA GLY B 624 23.33 -14.05 30.10
C GLY B 624 22.84 -14.32 28.69
N GLY B 625 22.93 -15.57 28.25
CA GLY B 625 22.45 -15.89 26.92
C GLY B 625 20.96 -15.67 26.77
N VAL B 626 20.20 -16.04 27.81
CA VAL B 626 18.75 -15.86 27.73
C VAL B 626 18.41 -14.37 27.69
N TRP B 627 19.07 -13.58 28.53
CA TRP B 627 18.87 -12.14 28.49
C TRP B 627 19.21 -11.58 27.12
N TRP B 628 20.25 -12.12 26.49
CA TRP B 628 20.65 -11.67 25.17
C TRP B 628 19.56 -11.96 24.14
N PHE B 629 19.00 -13.17 24.19
CA PHE B 629 17.90 -13.52 23.30
C PHE B 629 16.75 -12.54 23.49
N PHE B 630 16.39 -12.28 24.74
CA PHE B 630 15.26 -11.43 25.02
C PHE B 630 15.46 -10.03 24.47
N THR B 631 16.64 -9.45 24.72
CA THR B 631 16.89 -8.09 24.24
C THR B 631 16.91 -8.04 22.73
N LEU B 632 17.50 -9.05 22.09
CA LEU B 632 17.55 -9.05 20.63
C LEU B 632 16.14 -9.07 20.04
N ILE B 633 15.31 -9.98 20.54
CA ILE B 633 13.95 -10.07 20.02
C ILE B 633 13.21 -8.76 20.26
N ILE B 634 13.33 -8.22 21.47
CA ILE B 634 12.58 -7.02 21.82
C ILE B 634 12.98 -5.86 20.93
N ILE B 635 14.27 -5.66 20.74
CA ILE B 635 14.74 -4.55 19.94
C ILE B 635 14.32 -4.70 18.49
N SER B 636 14.44 -5.91 17.95
CA SER B 636 14.02 -6.12 16.58
C SER B 636 12.55 -5.83 16.42
N SER B 637 11.74 -6.27 17.37
CA SER B 637 10.31 -6.00 17.30
C SER B 637 10.02 -4.51 17.38
N TYR B 638 10.72 -3.80 18.27
CA TYR B 638 10.52 -2.37 18.37
C TYR B 638 10.82 -1.68 17.05
N THR B 639 11.98 -2.00 16.46
CA THR B 639 12.37 -1.36 15.23
C THR B 639 11.39 -1.67 14.11
N ALA B 640 10.96 -2.92 14.01
CA ALA B 640 10.04 -3.30 12.95
C ALA B 640 8.69 -2.61 13.11
N ASN B 641 8.17 -2.56 14.33
CA ASN B 641 6.88 -1.93 14.54
C ASN B 641 6.96 -0.43 14.28
N LEU B 642 8.08 0.19 14.65
CA LEU B 642 8.26 1.60 14.32
C LEU B 642 8.29 1.80 12.81
N ALA B 643 8.96 0.91 12.10
CA ALA B 643 8.96 0.99 10.64
C ALA B 643 7.55 0.88 10.10
N ALA B 644 6.75 -0.02 10.66
CA ALA B 644 5.37 -0.16 10.23
C ALA B 644 4.58 1.11 10.48
N PHE B 645 4.74 1.69 11.66
CA PHE B 645 4.07 2.96 11.96
C PHE B 645 4.41 3.99 10.91
N LEU B 646 5.70 4.19 10.65
CA LEU B 646 6.12 5.26 9.78
C LEU B 646 5.75 5.00 8.33
N THR B 647 5.69 3.73 7.93
CA THR B 647 5.31 3.41 6.56
C THR B 647 3.82 3.60 6.36
N VAL B 648 3.02 3.17 7.34
CA VAL B 648 1.58 3.32 7.23
C VAL B 648 1.19 4.79 7.26
N GLU B 649 1.79 5.55 8.17
CA GLU B 649 1.52 6.98 8.25
C GLU B 649 2.02 7.73 7.03
N ARG B 650 2.69 7.06 6.10
CA ARG B 650 3.22 7.70 4.92
C ARG B 650 2.36 7.45 3.69
N MET B 651 1.85 6.23 3.54
CA MET B 651 0.99 5.91 2.41
C MET B 651 -0.48 6.12 2.75
N VAL B 652 -0.80 7.29 3.28
CA VAL B 652 -2.16 7.72 3.51
C VAL B 652 -2.45 8.87 2.54
N SER B 653 -3.49 8.69 1.73
CA SER B 653 -3.88 9.69 0.76
C SER B 653 -5.10 10.42 1.27
N PRO B 654 -5.01 11.69 1.66
CA PRO B 654 -6.20 12.41 2.11
C PRO B 654 -7.17 12.59 0.97
N ILE B 655 -8.45 12.75 1.32
CA ILE B 655 -9.47 12.89 0.30
C ILE B 655 -9.14 14.12 -0.53
N GLU B 656 -8.72 13.89 -1.78
CA GLU B 656 -8.31 14.96 -2.67
C GLU B 656 -9.14 14.98 -3.94
N SER B 657 -10.23 14.23 -4.00
CA SER B 657 -11.11 14.20 -5.16
C SER B 657 -12.42 13.57 -4.77
N ALA B 658 -13.38 13.65 -5.67
CA ALA B 658 -14.68 13.03 -5.44
C ALA B 658 -14.63 11.53 -5.58
N GLU B 659 -13.81 11.03 -6.51
CA GLU B 659 -13.65 9.59 -6.65
C GLU B 659 -13.09 8.99 -5.37
N ASP B 660 -12.12 9.67 -4.75
CA ASP B 660 -11.61 9.22 -3.46
C ASP B 660 -12.74 9.07 -2.45
N LEU B 661 -13.74 9.95 -2.51
CA LEU B 661 -14.92 9.76 -1.67
C LEU B 661 -15.74 8.57 -2.13
N ALA B 662 -15.78 8.32 -3.43
CA ALA B 662 -16.54 7.20 -3.96
C ALA B 662 -16.04 5.86 -3.47
N LYS B 663 -14.81 5.81 -2.94
CA LYS B 663 -14.22 4.57 -2.47
C LYS B 663 -13.89 4.65 -0.97
N GLN B 664 -14.71 5.39 -0.23
CA GLN B 664 -14.52 5.56 1.21
C GLN B 664 -15.76 5.09 1.94
N THR B 665 -15.55 4.39 3.04
CA THR B 665 -16.63 3.88 3.87
C THR B 665 -16.56 4.34 5.32
N GLU B 666 -15.38 4.67 5.83
CA GLU B 666 -15.26 5.18 7.19
C GLU B 666 -15.61 6.66 7.29
N ILE B 667 -15.79 7.34 6.16
CA ILE B 667 -16.20 8.73 6.12
C ILE B 667 -17.50 8.81 5.35
N ALA B 668 -18.50 9.46 5.93
CA ALA B 668 -19.78 9.67 5.29
C ALA B 668 -19.89 11.11 4.82
N TYR B 669 -20.81 11.33 3.88
CA TYR B 669 -21.02 12.67 3.34
C TYR B 669 -22.49 12.85 3.03
N GLY B 670 -22.89 14.11 2.90
CA GLY B 670 -24.27 14.41 2.60
C GLY B 670 -24.40 15.80 2.01
N THR B 671 -25.65 16.17 1.73
CA THR B 671 -25.96 17.45 1.12
C THR B 671 -27.10 18.11 1.88
N LEU B 672 -27.67 19.16 1.30
CA LEU B 672 -28.87 19.75 1.87
C LEU B 672 -30.05 18.82 1.66
N GLU B 673 -31.10 19.04 2.44
CA GLU B 673 -32.26 18.14 2.39
C GLU B 673 -32.83 18.07 0.99
N ALA B 674 -32.97 19.22 0.34
CA ALA B 674 -33.49 19.27 -1.03
C ALA B 674 -32.98 20.55 -1.68
N GLY B 675 -32.25 20.40 -2.77
CA GLY B 675 -31.72 21.54 -3.48
C GLY B 675 -31.22 21.15 -4.84
N SER B 676 -30.46 22.06 -5.45
CA SER B 676 -29.90 21.77 -6.76
C SER B 676 -28.90 20.63 -6.70
N THR B 677 -28.31 20.38 -5.52
CA THR B 677 -27.33 19.31 -5.40
C THR B 677 -27.99 17.94 -5.42
N LYS B 678 -29.04 17.77 -4.64
CA LYS B 678 -29.76 16.50 -4.65
C LYS B 678 -30.33 16.23 -6.03
N GLU B 679 -30.85 17.27 -6.69
CA GLU B 679 -31.33 17.10 -8.05
C GLU B 679 -30.20 16.74 -9.00
N PHE B 680 -29.02 17.35 -8.81
CA PHE B 680 -27.90 17.06 -9.68
C PHE B 680 -27.49 15.60 -9.57
N PHE B 681 -27.46 15.08 -8.34
CA PHE B 681 -27.12 13.66 -8.17
C PHE B 681 -28.25 12.77 -8.67
N ARG B 682 -29.49 13.22 -8.53
CA ARG B 682 -30.64 12.43 -8.96
C ARG B 682 -30.63 12.20 -10.46
N ARG B 683 -30.51 13.27 -11.24
CA ARG B 683 -30.50 13.19 -12.69
C ARG B 683 -29.09 13.03 -13.25
N SER B 684 -28.19 12.46 -12.46
CA SER B 684 -26.79 12.33 -12.86
C SER B 684 -26.61 11.16 -13.81
N LYS B 685 -26.02 11.43 -14.97
CA LYS B 685 -25.67 10.40 -15.94
C LYS B 685 -24.20 10.01 -15.85
N ILE B 686 -23.50 10.46 -14.82
CA ILE B 686 -22.08 10.17 -14.65
C ILE B 686 -21.93 8.99 -13.70
N ALA B 687 -20.87 8.22 -13.92
CA ALA B 687 -20.69 6.97 -13.17
C ALA B 687 -20.33 7.23 -11.72
N VAL B 688 -19.37 8.11 -11.48
CA VAL B 688 -18.94 8.37 -10.11
C VAL B 688 -20.08 8.94 -9.29
N PHE B 689 -20.78 9.94 -9.84
CA PHE B 689 -21.91 10.51 -9.13
C PHE B 689 -23.06 9.52 -9.04
N GLU B 690 -23.19 8.62 -10.02
CA GLU B 690 -24.19 7.58 -9.91
C GLU B 690 -23.90 6.68 -8.71
N LYS B 691 -22.63 6.31 -8.53
CA LYS B 691 -22.26 5.49 -7.38
C LYS B 691 -22.50 6.25 -6.08
N MET B 692 -22.16 7.53 -6.04
CA MET B 692 -22.38 8.31 -4.83
C MET B 692 -23.87 8.45 -4.53
N TRP B 693 -24.70 8.51 -5.57
CA TRP B 693 -26.13 8.63 -5.35
C TRP B 693 -26.72 7.29 -4.90
N THR B 694 -26.17 6.19 -5.41
CA THR B 694 -26.57 4.89 -4.89
C THR B 694 -26.21 4.77 -3.42
N TYR B 695 -25.02 5.26 -3.05
CA TYR B 695 -24.63 5.30 -1.64
C TYR B 695 -25.62 6.12 -0.83
N MET B 696 -25.88 7.35 -1.27
CA MET B 696 -26.78 8.23 -0.53
C MET B 696 -28.21 7.70 -0.49
N LYS B 697 -28.55 6.81 -1.42
CA LYS B 697 -29.86 6.16 -1.34
C LYS B 697 -30.01 5.37 -0.06
N SER B 698 -28.96 4.64 0.32
CA SER B 698 -28.89 4.02 1.64
C SER B 698 -28.49 5.07 2.68
N ALA B 699 -29.36 6.07 2.82
CA ALA B 699 -29.05 7.26 3.60
C ALA B 699 -28.92 6.97 5.09
N GLU B 700 -29.32 5.80 5.54
CA GLU B 700 -29.32 5.52 6.98
C GLU B 700 -27.91 5.22 7.46
N PRO B 701 -27.42 5.88 8.53
CA PRO B 701 -28.09 6.96 9.28
C PRO B 701 -28.09 8.25 8.48
N SER B 702 -29.16 9.04 8.62
CA SER B 702 -29.38 10.18 7.73
C SER B 702 -28.14 11.05 7.61
N VAL B 703 -27.71 11.27 6.37
CA VAL B 703 -26.62 12.19 6.08
C VAL B 703 -27.13 13.55 5.62
N PHE B 704 -28.27 13.60 4.94
CA PHE B 704 -28.83 14.87 4.49
C PHE B 704 -29.04 15.81 5.66
N VAL B 705 -29.14 17.09 5.36
CA VAL B 705 -29.22 18.14 6.38
C VAL B 705 -30.30 19.14 6.00
N ARG B 706 -30.96 19.68 7.03
CA ARG B 706 -32.03 20.64 6.81
C ARG B 706 -31.49 22.03 6.46
N THR B 707 -30.39 22.44 7.06
CA THR B 707 -29.81 23.75 6.82
C THR B 707 -28.30 23.64 6.71
N THR B 708 -27.72 24.53 5.90
CA THR B 708 -26.28 24.47 5.64
C THR B 708 -25.48 24.68 6.92
N GLU B 709 -25.92 25.60 7.77
CA GLU B 709 -25.24 25.80 9.05
C GLU B 709 -25.25 24.52 9.86
N GLU B 710 -26.34 23.76 9.77
CA GLU B 710 -26.41 22.47 10.44
C GLU B 710 -25.34 21.52 9.91
N GLY B 711 -25.14 21.50 8.59
CA GLY B 711 -24.12 20.64 8.03
C GLY B 711 -22.72 21.06 8.43
N MET B 712 -22.46 22.37 8.44
CA MET B 712 -21.16 22.85 8.87
C MET B 712 -20.90 22.45 10.32
N ILE B 713 -21.91 22.59 11.18
CA ILE B 713 -21.75 22.20 12.57
C ILE B 713 -21.52 20.70 12.68
N ARG B 714 -22.27 19.91 11.91
CA ARG B 714 -22.13 18.46 11.99
C ARG B 714 -20.73 18.02 11.59
N VAL B 715 -20.19 18.61 10.51
CA VAL B 715 -18.82 18.30 10.11
C VAL B 715 -17.86 18.75 11.20
N ARG B 716 -18.05 19.96 11.73
CA ARG B 716 -17.15 20.48 12.74
C ARG B 716 -17.17 19.64 14.02
N LYS B 717 -18.24 18.87 14.22
CA LYS B 717 -18.38 18.03 15.40
C LYS B 717 -18.21 16.55 15.09
N SER B 718 -18.10 16.16 13.82
CA SER B 718 -17.93 14.77 13.45
C SER B 718 -16.49 14.29 13.53
N LYS B 719 -15.55 15.18 13.86
CA LYS B 719 -14.16 14.82 14.07
C LYS B 719 -13.59 14.09 12.85
N GLY B 720 -13.70 14.74 11.70
CA GLY B 720 -13.08 14.24 10.49
C GLY B 720 -13.70 12.98 9.93
N LYS B 721 -14.81 12.52 10.48
CA LYS B 721 -15.53 11.38 9.96
C LYS B 721 -16.69 11.77 9.07
N TYR B 722 -16.89 13.07 8.85
CA TYR B 722 -18.00 13.57 8.06
C TYR B 722 -17.51 14.62 7.08
N ALA B 723 -18.02 14.54 5.86
CA ALA B 723 -17.74 15.51 4.82
C ALA B 723 -19.06 16.09 4.31
N TYR B 724 -18.98 17.27 3.72
CA TYR B 724 -20.16 17.95 3.22
C TYR B 724 -19.96 18.36 1.77
N LEU B 725 -21.07 18.41 1.03
CA LEU B 725 -21.06 18.84 -0.36
C LEU B 725 -21.92 20.09 -0.50
N LEU B 726 -21.32 21.15 -1.03
CA LEU B 726 -22.01 22.42 -1.17
C LEU B 726 -21.31 23.22 -2.25
N GLU B 727 -21.81 24.44 -2.46
CA GLU B 727 -21.25 25.31 -3.48
C GLU B 727 -19.82 25.70 -3.11
N SER B 728 -18.96 25.74 -4.12
CA SER B 728 -17.55 26.01 -3.88
C SER B 728 -17.35 27.36 -3.20
N THR B 729 -18.18 28.34 -3.55
CA THR B 729 -17.98 29.69 -3.04
C THR B 729 -18.19 29.75 -1.54
N MET B 730 -19.29 29.15 -1.07
CA MET B 730 -19.56 29.16 0.36
C MET B 730 -18.53 28.33 1.10
N ASN B 731 -18.06 27.25 0.50
CA ASN B 731 -17.03 26.43 1.12
C ASN B 731 -15.76 27.24 1.32
N GLU B 732 -15.35 27.97 0.28
CA GLU B 732 -14.16 28.81 0.39
C GLU B 732 -14.35 29.90 1.42
N TYR B 733 -15.53 30.51 1.47
CA TYR B 733 -15.80 31.55 2.45
C TYR B 733 -15.72 30.99 3.87
N ILE B 734 -16.32 29.82 4.09
CA ILE B 734 -16.33 29.23 5.42
C ILE B 734 -14.92 28.84 5.84
N GLU B 735 -14.14 28.30 4.90
CA GLU B 735 -12.75 27.95 5.21
C GLU B 735 -11.93 29.14 5.65
N GLN B 736 -12.48 30.37 5.57
CA GLN B 736 -11.77 31.56 5.99
C GLN B 736 -12.39 32.25 7.19
N ARG B 737 -13.64 31.91 7.53
CA ARG B 737 -14.30 32.51 8.69
C ARG B 737 -13.96 31.68 9.92
N LYS B 738 -13.35 32.31 10.91
CA LYS B 738 -12.98 31.60 12.12
C LYS B 738 -14.24 31.03 12.77
N PRO B 739 -14.20 29.78 13.28
CA PRO B 739 -13.07 28.85 13.37
C PRO B 739 -12.60 28.28 12.04
N CYS B 740 -11.30 27.98 11.96
CA CYS B 740 -10.69 27.49 10.72
C CYS B 740 -10.68 25.96 10.78
N ASP B 741 -11.87 25.40 10.95
CA ASP B 741 -12.03 23.97 11.19
C ASP B 741 -12.38 23.20 9.92
N THR B 742 -12.34 23.85 8.76
CA THR B 742 -12.73 23.21 7.51
C THR B 742 -11.79 23.63 6.40
N MET B 743 -11.78 22.82 5.33
CA MET B 743 -11.09 23.19 4.12
C MET B 743 -11.75 22.50 2.94
N LYS B 744 -11.50 23.07 1.77
CA LYS B 744 -12.02 22.59 0.50
C LYS B 744 -10.98 21.73 -0.19
N VAL B 745 -11.44 20.64 -0.81
CA VAL B 745 -10.56 19.66 -1.40
C VAL B 745 -10.98 19.40 -2.84
N GLY B 746 -10.04 18.91 -3.63
CA GLY B 746 -10.34 18.56 -4.99
C GLY B 746 -10.76 19.77 -5.79
N GLY B 747 -11.58 19.53 -6.80
CA GLY B 747 -12.08 20.59 -7.66
C GLY B 747 -13.59 20.49 -7.81
N ASN B 748 -14.12 21.46 -8.56
CA ASN B 748 -15.56 21.51 -8.77
C ASN B 748 -16.03 20.27 -9.51
N LEU B 749 -17.15 19.73 -9.04
CA LEU B 749 -17.78 18.58 -9.66
C LEU B 749 -18.67 18.95 -10.83
N ASP B 750 -19.38 20.08 -10.72
CA ASP B 750 -20.22 20.57 -11.80
C ASP B 750 -19.80 22.00 -12.14
N SER B 751 -20.57 22.66 -12.99
CA SER B 751 -20.30 24.04 -13.35
C SER B 751 -21.60 24.81 -13.38
N LYS B 752 -21.61 25.94 -12.70
CA LYS B 752 -22.75 26.84 -12.69
C LYS B 752 -22.22 28.26 -12.80
N GLY B 753 -23.08 29.23 -12.56
CA GLY B 753 -22.65 30.61 -12.59
C GLY B 753 -23.67 31.56 -12.02
N TYR B 754 -23.25 32.39 -11.07
CA TYR B 754 -24.13 33.41 -10.57
C TYR B 754 -24.22 34.54 -11.58
N GLY B 755 -25.43 35.02 -11.80
CA GLY B 755 -25.67 35.98 -12.86
C GLY B 755 -26.64 37.06 -12.43
N ILE B 756 -26.48 38.20 -13.06
CA ILE B 756 -27.34 39.34 -12.83
C ILE B 756 -28.59 39.19 -13.68
N ALA B 757 -29.73 39.13 -13.01
CA ALA B 757 -31.01 38.93 -13.67
C ALA B 757 -31.57 40.26 -14.15
N THR B 758 -32.74 40.18 -14.76
CA THR B 758 -33.39 41.35 -15.32
C THR B 758 -34.76 40.91 -15.83
N PRO B 759 -35.77 41.79 -15.83
CA PRO B 759 -37.06 41.38 -16.37
C PRO B 759 -36.97 41.06 -17.85
N LYS B 760 -37.73 40.05 -18.25
CA LYS B 760 -37.75 39.67 -19.65
C LYS B 760 -38.16 40.85 -20.50
N GLY B 761 -37.39 41.13 -21.55
CA GLY B 761 -37.68 42.24 -22.42
C GLY B 761 -37.44 43.59 -21.79
N SER B 762 -36.61 43.65 -20.75
CA SER B 762 -36.26 44.91 -20.14
C SER B 762 -35.39 45.72 -21.09
N ALA B 763 -34.99 46.92 -20.64
CA ALA B 763 -34.17 47.83 -21.42
C ALA B 763 -32.81 48.04 -20.77
N LEU B 764 -32.26 46.98 -20.17
CA LEU B 764 -30.99 47.06 -19.48
C LEU B 764 -30.07 45.90 -19.79
N ARG B 765 -30.50 44.95 -20.62
CA ARG B 765 -29.66 43.80 -20.93
C ARG B 765 -28.31 44.23 -21.46
N GLY B 766 -28.31 45.14 -22.43
CA GLY B 766 -27.09 45.56 -23.06
C GLY B 766 -26.09 46.12 -22.08
N PRO B 767 -26.46 47.23 -21.45
CA PRO B 767 -25.53 47.88 -20.52
C PRO B 767 -25.08 46.97 -19.39
N VAL B 768 -25.99 46.16 -18.84
CA VAL B 768 -25.63 45.35 -17.70
C VAL B 768 -24.65 44.24 -18.11
N ASN B 769 -24.95 43.57 -19.21
CA ASN B 769 -24.04 42.52 -19.69
C ASN B 769 -22.69 43.10 -20.04
N LEU B 770 -22.68 44.22 -20.74
CA LEU B 770 -21.43 44.83 -21.16
C LEU B 770 -20.62 45.30 -19.96
N ALA B 771 -21.29 45.83 -18.95
CA ALA B 771 -20.58 46.27 -17.76
C ALA B 771 -20.02 45.09 -16.99
N VAL B 772 -20.76 43.99 -16.93
CA VAL B 772 -20.25 42.80 -16.28
C VAL B 772 -18.99 42.32 -16.97
N LEU B 773 -19.02 42.27 -18.29
CA LEU B 773 -17.86 41.78 -19.03
C LEU B 773 -16.69 42.74 -18.91
N LYS B 774 -16.96 44.05 -18.91
CA LYS B 774 -15.89 45.01 -18.73
C LYS B 774 -15.24 44.86 -17.35
N LEU B 775 -16.07 44.67 -16.33
CA LEU B 775 -15.54 44.48 -14.98
C LEU B 775 -14.70 43.22 -14.90
N SER B 776 -15.18 42.13 -15.51
CA SER B 776 -14.43 40.88 -15.44
C SER B 776 -13.13 40.98 -16.24
N GLU B 777 -13.15 41.70 -17.35
CA GLU B 777 -11.99 41.75 -18.22
C GLU B 777 -10.86 42.57 -17.61
N GLN B 778 -11.20 43.64 -16.89
CA GLN B 778 -10.19 44.50 -16.27
C GLN B 778 -9.94 44.13 -14.81
N GLY B 779 -10.35 42.94 -14.41
CA GLY B 779 -9.92 42.40 -13.12
C GLY B 779 -10.44 43.14 -11.91
N VAL B 780 -11.72 43.49 -11.89
CA VAL B 780 -12.33 44.05 -10.70
C VAL B 780 -12.98 42.98 -9.86
N LEU B 781 -13.70 42.07 -10.50
CA LEU B 781 -14.42 41.04 -9.76
C LEU B 781 -13.44 40.16 -8.98
N ASP B 782 -12.28 39.88 -9.56
CA ASP B 782 -11.27 39.14 -8.82
C ASP B 782 -10.81 39.92 -7.59
N LYS B 783 -10.57 41.22 -7.76
CA LYS B 783 -10.20 42.05 -6.63
C LYS B 783 -11.26 42.02 -5.54
N LEU B 784 -12.52 42.20 -5.94
CA LEU B 784 -13.59 42.27 -4.97
C LEU B 784 -13.77 40.94 -4.25
N LYS B 785 -13.69 39.84 -4.99
CA LYS B 785 -13.79 38.52 -4.38
C LYS B 785 -12.66 38.29 -3.40
N SER B 786 -11.43 38.63 -3.78
CA SER B 786 -10.33 38.47 -2.84
C SER B 786 -10.53 39.34 -1.62
N LYS B 787 -11.10 40.53 -1.81
CA LYS B 787 -11.33 41.42 -0.69
C LYS B 787 -12.31 40.83 0.31
N TRP B 788 -13.43 40.31 -0.19
CA TRP B 788 -14.50 39.89 0.70
C TRP B 788 -14.34 38.47 1.22
N TRP B 789 -13.59 37.63 0.51
CA TRP B 789 -13.37 36.26 0.93
C TRP B 789 -12.06 36.09 1.71
N TYR B 790 -11.03 36.84 1.34
CA TYR B 790 -9.71 36.70 1.92
C TYR B 790 -9.28 37.92 2.72
N ASP B 791 -9.32 39.12 2.11
CA ASP B 791 -8.85 40.31 2.81
C ASP B 791 -9.60 40.50 4.11
N LYS B 792 -10.94 40.48 4.06
CA LYS B 792 -11.74 40.53 5.28
C LYS B 792 -12.06 39.13 5.78
N GLY B 793 -11.01 38.32 5.87
CA GLY B 793 -11.11 36.98 6.42
C GLY B 793 -10.54 36.93 7.82
N GLU B 794 -11.06 36.02 8.63
CA GLU B 794 -10.64 35.87 10.01
C GLU B 794 -9.66 34.71 10.17
N CYS B 795 -8.79 34.52 9.19
CA CYS B 795 -7.98 33.31 9.15
C CYS B 795 -6.94 33.48 8.05
N GLY B 796 -6.18 32.43 7.79
CA GLY B 796 -5.12 32.48 6.80
C GLY B 796 -4.14 33.61 7.05
N THR B 806 7.30 17.51 3.76
CA THR B 806 8.49 16.89 4.32
C THR B 806 8.12 15.67 5.15
N SER B 807 8.85 14.57 4.93
CA SER B 807 8.61 13.32 5.64
C SER B 807 9.76 12.93 6.55
N ALA B 808 10.87 13.66 6.54
CA ALA B 808 11.96 13.34 7.44
C ALA B 808 11.50 13.42 8.89
N LEU B 809 12.00 12.50 9.70
CA LEU B 809 11.61 12.46 11.10
C LEU B 809 12.09 13.72 11.80
N SER B 810 11.19 14.39 12.48
CA SER B 810 11.46 15.70 13.06
C SER B 810 11.83 15.58 14.53
N LEU B 811 12.37 16.68 15.05
CA LEU B 811 12.81 16.71 16.44
C LEU B 811 11.66 16.54 17.40
N SER B 812 10.44 16.90 16.98
CA SER B 812 9.29 16.76 17.85
C SER B 812 8.96 15.31 18.12
N ASN B 813 9.28 14.42 17.18
CA ASN B 813 8.95 13.01 17.34
C ASN B 813 9.81 12.33 18.39
N VAL B 814 10.89 12.97 18.81
CA VAL B 814 11.94 12.28 19.55
C VAL B 814 12.33 13.05 20.81
N ALA B 815 11.88 14.31 20.91
CA ALA B 815 12.33 15.17 22.00
C ALA B 815 12.27 14.49 23.36
N GLY B 816 11.45 13.44 23.50
CA GLY B 816 11.36 12.76 24.77
C GLY B 816 12.68 12.17 25.21
N VAL B 817 13.39 11.52 24.29
CA VAL B 817 14.66 10.92 24.66
C VAL B 817 15.68 11.99 24.99
N PHE B 818 15.62 13.13 24.30
CA PHE B 818 16.52 14.23 24.64
C PHE B 818 16.25 14.74 26.04
N TYR B 819 14.97 14.89 26.41
CA TYR B 819 14.65 15.31 27.76
C TYR B 819 15.14 14.29 28.77
N ILE B 820 14.95 13.00 28.47
CA ILE B 820 15.45 11.96 29.35
C ILE B 820 16.95 12.09 29.52
N LEU B 821 17.66 12.35 28.42
CA LEU B 821 19.11 12.46 28.49
C LEU B 821 19.55 13.64 29.33
N ILE B 822 18.89 14.79 29.14
CA ILE B 822 19.25 15.96 29.93
C ILE B 822 18.99 15.69 31.41
N GLY B 823 17.86 15.07 31.73
CA GLY B 823 17.57 14.75 33.11
C GLY B 823 18.59 13.79 33.70
N GLY B 824 18.98 12.77 32.93
CA GLY B 824 19.98 11.84 33.40
C GLY B 824 21.32 12.50 33.63
N LEU B 825 21.69 13.43 32.75
CA LEU B 825 22.94 14.15 32.93
C LEU B 825 22.90 15.01 34.18
N GLY B 826 21.79 15.70 34.41
CA GLY B 826 21.67 16.49 35.63
C GLY B 826 21.73 15.61 36.87
N LEU B 827 21.04 14.47 36.83
CA LEU B 827 21.09 13.55 37.94
C LEU B 827 22.49 13.03 38.16
N ALA B 828 23.24 12.82 37.06
CA ALA B 828 24.61 12.37 37.18
C ALA B 828 25.49 13.42 37.83
N MET B 829 25.31 14.68 37.45
CA MET B 829 26.07 15.75 38.08
C MET B 829 25.75 15.82 39.57
N LEU B 830 24.46 15.72 39.91
CA LEU B 830 24.07 15.73 41.31
C LEU B 830 24.69 14.56 42.06
N VAL B 831 24.65 13.37 41.48
CA VAL B 831 25.20 12.19 42.13
C VAL B 831 26.71 12.34 42.29
N ALA B 832 27.36 12.95 41.31
CA ALA B 832 28.80 13.19 41.42
C ALA B 832 29.09 14.14 42.57
N LEU B 833 28.28 15.19 42.70
CA LEU B 833 28.47 16.12 43.81
C LEU B 833 28.28 15.40 45.15
N ILE B 834 27.24 14.56 45.24
CA ILE B 834 27.00 13.83 46.47
C ILE B 834 28.15 12.90 46.79
N GLU B 835 28.65 12.20 45.77
CA GLU B 835 29.77 11.28 45.98
C GLU B 835 31.01 12.05 46.41
N PHE B 836 31.23 13.23 45.83
CA PHE B 836 32.37 14.04 46.21
C PHE B 836 32.27 14.50 47.66
N CYS B 837 31.08 14.95 48.08
CA CYS B 837 30.90 15.35 49.46
C CYS B 837 31.08 14.17 50.40
N TYR B 838 30.55 13.00 50.02
CA TYR B 838 30.67 11.81 50.85
C TYR B 838 32.11 11.31 50.91
N LYS B 839 32.91 11.58 49.87
CA LYS B 839 34.30 11.16 49.88
C LYS B 839 35.09 11.88 50.96
N SER B 840 34.68 13.07 51.35
CA SER B 840 35.30 13.73 52.49
C SER B 840 35.17 12.90 53.76
N ARG B 841 34.12 12.08 53.84
CA ARG B 841 33.91 11.20 54.97
C ARG B 841 33.74 12.00 56.26
N VAL C 418 -22.79 26.46 -40.22
CA VAL C 418 -22.02 26.16 -39.03
C VAL C 418 -20.53 26.33 -39.30
N THR C 419 -19.96 27.42 -38.84
CA THR C 419 -18.53 27.67 -38.96
C THR C 419 -17.84 27.30 -37.65
N THR C 420 -16.76 26.53 -37.78
CA THR C 420 -15.96 26.13 -36.63
C THR C 420 -14.50 26.46 -36.90
N ILE C 421 -13.62 26.05 -35.99
CA ILE C 421 -12.19 26.19 -36.18
C ILE C 421 -11.57 24.87 -35.76
N LEU C 422 -10.37 24.61 -36.27
CA LEU C 422 -9.67 23.35 -36.01
C LEU C 422 -8.68 23.56 -34.88
N GLU C 423 -9.01 23.00 -33.72
CA GLU C 423 -8.16 23.02 -32.54
C GLU C 423 -8.54 21.83 -31.68
N SER C 424 -7.56 21.07 -31.24
CA SER C 424 -7.87 19.76 -30.71
C SER C 424 -7.96 19.77 -29.18
N PRO C 425 -8.81 18.92 -28.59
CA PRO C 425 -9.88 18.21 -29.29
C PRO C 425 -11.16 19.02 -29.32
N TYR C 426 -11.42 19.67 -30.43
CA TYR C 426 -12.73 20.22 -30.73
C TYR C 426 -13.17 19.91 -32.15
N VAL C 427 -12.26 19.97 -33.10
CA VAL C 427 -12.53 19.70 -34.51
C VAL C 427 -11.27 19.08 -35.08
N MET C 428 -11.35 17.82 -35.47
CA MET C 428 -10.19 17.12 -36.00
C MET C 428 -10.63 16.22 -37.13
N MET C 429 -9.67 15.83 -37.96
CA MET C 429 -9.96 15.00 -39.12
C MET C 429 -10.18 13.56 -38.68
N LYS C 430 -11.35 13.02 -39.02
CA LYS C 430 -11.65 11.65 -38.65
C LYS C 430 -10.68 10.69 -39.34
N LYS C 431 -10.68 9.44 -38.88
CA LYS C 431 -9.86 8.42 -39.52
C LYS C 431 -10.20 8.35 -41.01
N ASN C 432 -9.16 8.30 -41.84
CA ASN C 432 -9.33 8.39 -43.29
C ASN C 432 -9.98 9.72 -43.66
N HIS C 433 -9.25 10.81 -43.39
CA HIS C 433 -9.77 12.13 -43.66
C HIS C 433 -10.20 12.29 -45.11
N GLU C 434 -9.51 11.63 -46.04
CA GLU C 434 -9.86 11.67 -47.45
C GLU C 434 -10.82 10.56 -47.86
N MET C 435 -10.74 9.39 -47.21
CA MET C 435 -11.65 8.30 -47.51
C MET C 435 -13.01 8.47 -46.85
N LEU C 436 -13.13 9.34 -45.85
CA LEU C 436 -14.38 9.63 -45.18
C LEU C 436 -14.88 10.99 -45.68
N GLU C 437 -16.11 11.03 -46.17
CA GLU C 437 -16.69 12.23 -46.75
C GLU C 437 -18.05 12.48 -46.15
N GLY C 438 -18.41 13.77 -46.05
CA GLY C 438 -19.66 14.17 -45.45
C GLY C 438 -19.45 14.88 -44.13
N ASN C 439 -20.36 14.67 -43.19
CA ASN C 439 -20.18 15.20 -41.84
C ASN C 439 -19.40 14.25 -40.95
N GLU C 440 -19.12 13.03 -41.41
CA GLU C 440 -18.33 12.07 -40.66
C GLU C 440 -16.83 12.29 -40.82
N ARG C 441 -16.43 13.19 -41.70
CA ARG C 441 -15.01 13.49 -41.88
C ARG C 441 -14.37 14.08 -40.64
N TYR C 442 -15.16 14.60 -39.71
CA TYR C 442 -14.65 15.29 -38.54
C TYR C 442 -15.07 14.56 -37.28
N GLU C 443 -14.26 14.74 -36.23
CA GLU C 443 -14.55 14.17 -34.92
C GLU C 443 -14.01 15.12 -33.87
N GLY C 444 -14.67 15.12 -32.72
CA GLY C 444 -14.24 15.96 -31.61
C GLY C 444 -15.42 16.36 -30.75
N TYR C 445 -15.11 17.23 -29.79
CA TYR C 445 -16.10 17.65 -28.81
C TYR C 445 -17.15 18.56 -29.44
N CYS C 446 -16.71 19.56 -30.19
CA CYS C 446 -17.65 20.49 -30.78
C CYS C 446 -18.55 19.82 -31.82
N VAL C 447 -18.10 18.74 -32.43
CA VAL C 447 -18.97 18.04 -33.37
C VAL C 447 -20.16 17.44 -32.62
N ASP C 448 -19.89 16.74 -31.53
CA ASP C 448 -20.97 16.19 -30.72
C ASP C 448 -21.83 17.30 -30.14
N LEU C 449 -21.21 18.42 -29.78
CA LEU C 449 -21.99 19.54 -29.25
C LEU C 449 -22.92 20.11 -30.29
N ALA C 450 -22.44 20.28 -31.52
CA ALA C 450 -23.31 20.76 -32.59
C ALA C 450 -24.44 19.78 -32.85
N ALA C 451 -24.14 18.49 -32.81
CA ALA C 451 -25.19 17.50 -32.99
C ALA C 451 -26.23 17.60 -31.90
N GLU C 452 -25.79 17.75 -30.65
CA GLU C 452 -26.73 17.86 -29.54
C GLU C 452 -27.56 19.13 -29.64
N ILE C 453 -26.93 20.23 -30.08
CA ILE C 453 -27.65 21.49 -30.23
C ILE C 453 -28.67 21.38 -31.34
N ALA C 454 -28.33 20.66 -32.42
CA ALA C 454 -29.27 20.47 -33.52
C ALA C 454 -30.44 19.60 -33.06
N LYS C 455 -30.16 18.57 -32.27
CA LYS C 455 -31.22 17.68 -31.79
C LYS C 455 -32.31 18.43 -31.04
N HIS C 456 -32.05 19.65 -30.60
CA HIS C 456 -33.04 20.51 -29.98
C HIS C 456 -33.54 21.59 -30.93
N CYS C 457 -32.61 22.32 -31.55
CA CYS C 457 -32.99 23.30 -32.55
C CYS C 457 -33.68 22.66 -33.74
N GLY C 458 -33.26 21.45 -34.13
CA GLY C 458 -33.83 20.79 -35.28
C GLY C 458 -33.56 21.55 -36.57
N PHE C 459 -32.32 21.98 -36.76
CA PHE C 459 -31.91 22.72 -37.94
C PHE C 459 -31.12 21.80 -38.87
N LYS C 460 -30.78 22.33 -40.03
CA LYS C 460 -29.95 21.63 -41.02
C LYS C 460 -28.63 22.37 -41.13
N TYR C 461 -27.53 21.66 -40.95
CA TYR C 461 -26.22 22.27 -40.93
C TYR C 461 -25.21 21.38 -41.63
N LYS C 462 -24.12 22.00 -42.09
CA LYS C 462 -23.00 21.29 -42.67
C LYS C 462 -21.72 21.77 -42.01
N LEU C 463 -20.90 20.83 -41.56
CA LEU C 463 -19.65 21.19 -40.91
C LEU C 463 -18.79 22.04 -41.83
N THR C 464 -18.19 23.09 -41.26
CA THR C 464 -17.39 24.03 -42.02
C THR C 464 -16.21 24.47 -41.16
N ILE C 465 -15.28 25.17 -41.79
CA ILE C 465 -14.08 25.65 -41.13
C ILE C 465 -13.78 27.07 -41.59
N VAL C 466 -13.21 27.86 -40.67
CA VAL C 466 -12.83 29.23 -40.99
C VAL C 466 -11.69 29.23 -42.00
N GLY C 467 -11.54 30.36 -42.68
CA GLY C 467 -10.56 30.48 -43.74
C GLY C 467 -9.25 31.09 -43.29
N ASP C 468 -9.32 32.20 -42.56
CA ASP C 468 -8.11 32.91 -42.17
C ASP C 468 -7.21 32.02 -41.30
N GLY C 469 -7.81 31.26 -40.41
CA GLY C 469 -7.07 30.41 -39.50
C GLY C 469 -7.08 30.86 -38.05
N LYS C 470 -7.89 31.86 -37.69
CA LYS C 470 -7.99 32.35 -36.34
C LYS C 470 -9.45 32.32 -35.91
N TYR C 471 -9.67 32.27 -34.60
CA TYR C 471 -11.04 32.27 -34.10
C TYR C 471 -11.75 33.56 -34.48
N GLY C 472 -11.08 34.68 -34.32
CA GLY C 472 -11.66 35.97 -34.65
C GLY C 472 -11.04 37.09 -33.84
N ALA C 473 -10.87 38.24 -34.47
CA ALA C 473 -10.32 39.40 -33.79
C ALA C 473 -10.60 40.63 -34.62
N ARG C 474 -10.42 41.79 -33.99
CA ARG C 474 -10.61 43.07 -34.67
C ARG C 474 -9.34 43.44 -35.41
N ASP C 475 -9.47 43.65 -36.72
CA ASP C 475 -8.31 43.99 -37.52
C ASP C 475 -7.67 45.27 -37.02
N ALA C 476 -6.34 45.34 -37.14
CA ALA C 476 -5.61 46.47 -36.58
C ALA C 476 -6.10 47.79 -37.18
N ASP C 477 -6.25 47.83 -38.50
CA ASP C 477 -6.72 49.03 -39.19
C ASP C 477 -7.92 48.77 -40.09
N THR C 478 -7.96 47.62 -40.76
CA THR C 478 -9.09 47.32 -41.62
C THR C 478 -10.38 47.18 -40.81
N LYS C 479 -10.29 46.76 -39.57
CA LYS C 479 -11.46 46.56 -38.70
C LYS C 479 -12.42 45.54 -39.29
N ILE C 480 -11.92 44.65 -40.14
CA ILE C 480 -12.72 43.61 -40.75
C ILE C 480 -12.61 42.35 -39.90
N TRP C 481 -13.74 41.86 -39.41
CA TRP C 481 -13.73 40.68 -38.55
C TRP C 481 -13.27 39.48 -39.36
N ASN C 482 -12.36 38.72 -38.77
CA ASN C 482 -11.78 37.53 -39.39
C ASN C 482 -12.22 36.29 -38.62
N GLY C 483 -11.89 35.13 -39.18
CA GLY C 483 -12.18 33.90 -38.48
C GLY C 483 -13.66 33.62 -38.34
N MET C 484 -14.01 32.94 -37.25
CA MET C 484 -15.40 32.56 -37.04
C MET C 484 -16.29 33.78 -36.91
N VAL C 485 -15.83 34.80 -36.18
CA VAL C 485 -16.62 36.01 -36.01
C VAL C 485 -16.80 36.72 -37.34
N GLY C 486 -15.75 36.77 -38.16
CA GLY C 486 -15.88 37.37 -39.47
C GLY C 486 -16.89 36.65 -40.34
N GLU C 487 -16.82 35.31 -40.35
CA GLU C 487 -17.75 34.53 -41.14
C GLU C 487 -19.17 34.71 -40.66
N LEU C 488 -19.36 34.81 -39.34
CA LEU C 488 -20.71 34.91 -38.79
C LEU C 488 -21.30 36.29 -39.05
N VAL C 489 -20.53 37.34 -38.83
CA VAL C 489 -21.01 38.70 -38.97
C VAL C 489 -21.24 39.14 -40.41
N TYR C 490 -20.72 38.38 -41.37
CA TYR C 490 -20.85 38.71 -42.78
C TYR C 490 -21.71 37.69 -43.53
N GLY C 491 -22.52 36.93 -42.82
CA GLY C 491 -23.46 36.02 -43.44
C GLY C 491 -22.86 34.75 -44.00
N LYS C 492 -21.55 34.56 -43.88
CA LYS C 492 -20.93 33.35 -44.41
C LYS C 492 -21.47 32.11 -43.71
N ALA C 493 -21.67 32.19 -42.40
CA ALA C 493 -22.19 31.08 -41.60
C ALA C 493 -23.28 31.59 -40.67
N ASP C 494 -24.10 30.65 -40.20
CA ASP C 494 -25.24 30.98 -39.34
C ASP C 494 -24.85 30.98 -37.87
N ILE C 495 -24.34 29.85 -37.37
CA ILE C 495 -23.91 29.72 -35.98
C ILE C 495 -22.45 29.28 -35.97
N ALA C 496 -21.82 29.44 -34.82
CA ALA C 496 -20.42 29.04 -34.63
C ALA C 496 -20.33 28.15 -33.41
N ILE C 497 -19.47 27.14 -33.51
CA ILE C 497 -19.25 26.22 -32.40
C ILE C 497 -17.76 25.96 -32.31
N ALA C 498 -17.08 26.66 -31.41
CA ALA C 498 -15.64 26.53 -31.27
C ALA C 498 -15.24 27.08 -29.92
N PRO C 499 -14.05 26.77 -29.45
CA PRO C 499 -13.59 27.35 -28.18
C PRO C 499 -13.36 28.84 -28.30
N LEU C 500 -14.45 29.59 -28.40
CA LEU C 500 -14.41 31.05 -28.44
C LEU C 500 -14.37 31.62 -27.04
N THR C 501 -13.37 32.43 -26.76
CA THR C 501 -13.28 33.10 -25.47
C THR C 501 -14.25 34.26 -25.45
N ILE C 502 -15.35 34.11 -24.72
CA ILE C 502 -16.30 35.19 -24.55
C ILE C 502 -15.56 36.43 -24.08
N THR C 503 -15.88 37.57 -24.67
CA THR C 503 -15.28 38.82 -24.27
C THR C 503 -16.17 39.98 -24.69
N LEU C 504 -15.85 41.16 -24.15
CA LEU C 504 -16.66 42.34 -24.40
C LEU C 504 -16.65 42.72 -25.88
N VAL C 505 -15.48 42.67 -26.49
CA VAL C 505 -15.33 43.18 -27.85
C VAL C 505 -16.23 42.41 -28.80
N ARG C 506 -16.22 41.09 -28.70
CA ARG C 506 -17.11 40.27 -29.52
C ARG C 506 -18.55 40.33 -29.05
N GLU C 507 -18.79 40.50 -27.75
CA GLU C 507 -20.15 40.66 -27.27
C GLU C 507 -20.79 41.92 -27.84
N GLU C 508 -19.98 42.89 -28.28
CA GLU C 508 -20.54 44.11 -28.83
C GLU C 508 -21.12 43.91 -30.22
N VAL C 509 -20.62 42.92 -30.96
CA VAL C 509 -20.98 42.77 -32.37
C VAL C 509 -21.88 41.56 -32.57
N ILE C 510 -21.81 40.59 -31.66
CA ILE C 510 -22.61 39.37 -31.75
C ILE C 510 -23.12 39.01 -30.37
N ASP C 511 -24.08 38.09 -30.35
CA ASP C 511 -24.73 37.63 -29.13
C ASP C 511 -24.31 36.19 -28.88
N PHE C 512 -23.60 35.98 -27.79
CA PHE C 512 -23.17 34.65 -27.40
C PHE C 512 -24.32 33.92 -26.71
N SER C 513 -24.02 32.78 -26.12
CA SER C 513 -24.90 32.08 -25.22
C SER C 513 -24.25 31.99 -23.85
N LYS C 514 -24.93 31.36 -22.92
CA LYS C 514 -24.30 31.08 -21.65
C LYS C 514 -23.16 30.11 -21.88
N PRO C 515 -22.06 30.26 -21.14
CA PRO C 515 -20.90 29.41 -21.40
C PRO C 515 -21.24 27.94 -21.28
N PHE C 516 -20.78 27.16 -22.25
CA PHE C 516 -20.87 25.71 -22.20
C PHE C 516 -19.63 25.07 -21.65
N MET C 517 -18.62 25.87 -21.29
CA MET C 517 -17.45 25.34 -20.62
C MET C 517 -16.68 26.50 -20.02
N SER C 518 -16.46 26.43 -18.72
CA SER C 518 -15.71 27.43 -17.98
C SER C 518 -14.27 26.98 -17.81
N LEU C 519 -13.39 27.96 -17.67
CA LEU C 519 -11.96 27.70 -17.64
C LEU C 519 -11.25 28.92 -17.08
N GLY C 520 -9.93 28.87 -17.12
CA GLY C 520 -9.12 29.99 -16.68
C GLY C 520 -7.66 29.64 -16.84
N ILE C 521 -6.82 30.65 -16.58
CA ILE C 521 -5.39 30.43 -16.63
C ILE C 521 -4.98 29.44 -15.55
N SER C 522 -4.06 28.56 -15.89
CA SER C 522 -3.59 27.53 -14.96
C SER C 522 -2.07 27.44 -15.10
N ILE C 523 -1.50 26.42 -14.49
CA ILE C 523 -0.05 26.23 -14.46
C ILE C 523 0.29 24.84 -14.93
N MET C 524 1.28 24.76 -15.82
CA MET C 524 1.73 23.54 -16.45
C MET C 524 3.19 23.33 -16.14
N ILE C 525 3.54 22.13 -15.67
CA ILE C 525 4.92 21.80 -15.34
C ILE C 525 5.21 20.38 -15.84
N LYS C 526 6.48 20.02 -15.80
CA LYS C 526 6.88 18.65 -16.10
C LYS C 526 6.53 17.74 -14.92
N LYS C 527 6.00 16.57 -15.23
CA LYS C 527 5.65 15.64 -14.17
C LYS C 527 6.90 15.31 -13.36
N PRO C 528 6.92 15.58 -12.06
CA PRO C 528 8.16 15.38 -11.30
C PRO C 528 8.56 13.91 -11.29
N GLN C 529 9.86 13.67 -11.43
CA GLN C 529 10.43 12.34 -11.51
C GLN C 529 11.39 12.12 -10.36
N LYS C 530 11.91 10.89 -10.28
CA LYS C 530 12.86 10.54 -9.25
C LYS C 530 14.19 11.22 -9.55
N SER C 531 14.44 12.34 -8.87
CA SER C 531 15.72 13.02 -9.03
C SER C 531 16.85 12.09 -8.61
N LYS C 532 17.95 12.17 -9.34
CA LYS C 532 19.10 11.35 -9.02
C LYS C 532 19.51 11.63 -7.58
N PRO C 533 19.64 10.63 -6.73
CA PRO C 533 19.91 10.90 -5.31
C PRO C 533 21.19 11.69 -5.14
N GLY C 534 21.11 12.76 -4.40
CA GLY C 534 22.24 13.61 -4.18
C GLY C 534 23.19 13.06 -3.15
N VAL C 535 24.44 13.50 -3.23
CA VAL C 535 25.39 13.18 -2.18
C VAL C 535 24.82 13.63 -0.85
N PHE C 536 25.04 12.84 0.19
CA PHE C 536 24.47 13.09 1.51
C PHE C 536 22.96 12.88 1.52
N SER C 537 22.45 12.03 0.63
CA SER C 537 21.06 11.63 0.68
C SER C 537 20.78 10.69 1.84
N PHE C 538 21.81 10.12 2.44
CA PHE C 538 21.62 9.21 3.57
C PHE C 538 21.20 9.92 4.84
N LEU C 539 21.21 11.25 4.85
CA LEU C 539 20.71 12.03 5.97
C LEU C 539 19.25 12.40 5.82
N ASP C 540 18.64 12.08 4.67
CA ASP C 540 17.24 12.42 4.47
C ASP C 540 16.33 11.89 5.57
N PRO C 541 16.54 10.68 6.10
CA PRO C 541 15.60 10.15 7.09
C PRO C 541 15.41 11.04 8.29
N LEU C 542 16.45 11.77 8.70
CA LEU C 542 16.40 12.62 9.88
C LEU C 542 16.66 14.06 9.50
N ALA C 543 15.91 14.95 10.15
CA ALA C 543 16.06 16.37 9.89
C ALA C 543 17.39 16.88 10.43
N TYR C 544 17.87 17.97 9.83
CA TYR C 544 19.15 18.52 10.23
C TYR C 544 19.13 18.99 11.67
N GLU C 545 17.98 19.42 12.16
CA GLU C 545 17.87 19.77 13.57
C GLU C 545 18.26 18.59 14.44
N ILE C 546 17.84 17.38 14.06
CA ILE C 546 18.15 16.21 14.85
C ILE C 546 19.65 15.92 14.80
N TRP C 547 20.26 16.04 13.63
CA TRP C 547 21.70 15.79 13.53
C TRP C 547 22.48 16.78 14.39
N MET C 548 22.11 18.05 14.33
CA MET C 548 22.79 19.04 15.14
C MET C 548 22.62 18.75 16.62
N CYS C 549 21.40 18.39 17.04
CA CYS C 549 21.17 18.05 18.44
C CYS C 549 21.95 16.81 18.84
N ILE C 550 22.10 15.86 17.92
CA ILE C 550 22.88 14.66 18.22
C ILE C 550 24.33 15.03 18.48
N VAL C 551 24.90 15.88 17.64
CA VAL C 551 26.29 16.28 17.83
C VAL C 551 26.43 17.03 19.15
N PHE C 552 25.51 17.95 19.42
CA PHE C 552 25.58 18.72 20.65
C PHE C 552 25.48 17.81 21.87
N ALA C 553 24.58 16.83 21.83
CA ALA C 553 24.42 15.92 22.95
C ALA C 553 25.64 15.03 23.11
N TYR C 554 26.25 14.62 22.01
CA TYR C 554 27.49 13.84 22.09
C TYR C 554 28.56 14.64 22.81
N ILE C 555 28.76 15.88 22.39
CA ILE C 555 29.76 16.73 23.04
C ILE C 555 29.41 16.92 24.50
N GLY C 556 28.15 17.20 24.80
CA GLY C 556 27.76 17.47 26.17
C GLY C 556 27.97 16.28 27.08
N VAL C 557 27.57 15.10 26.62
CA VAL C 557 27.72 13.90 27.43
C VAL C 557 29.19 13.57 27.62
N SER C 558 30.00 13.73 26.57
CA SER C 558 31.43 13.49 26.74
C SER C 558 32.01 14.42 27.79
N VAL C 559 31.64 15.69 27.72
CA VAL C 559 32.16 16.66 28.68
C VAL C 559 31.71 16.33 30.09
N VAL C 560 30.43 16.00 30.26
CA VAL C 560 29.91 15.69 31.59
C VAL C 560 30.60 14.47 32.15
N LEU C 561 30.80 13.45 31.32
CA LEU C 561 31.50 12.26 31.78
C LEU C 561 32.92 12.60 32.19
N PHE C 562 33.58 13.46 31.42
CA PHE C 562 34.95 13.85 31.75
C PHE C 562 35.00 14.57 33.08
N LEU C 563 34.08 15.50 33.29
CA LEU C 563 34.02 16.22 34.57
C LEU C 563 33.82 15.26 35.72
N VAL C 564 32.82 14.39 35.60
CA VAL C 564 32.50 13.48 36.70
C VAL C 564 33.68 12.56 36.98
N SER C 565 34.33 12.06 35.93
CA SER C 565 35.46 11.17 36.13
C SER C 565 36.62 11.90 36.79
N ARG C 566 36.92 13.12 36.35
CA ARG C 566 38.07 13.84 36.88
C ARG C 566 37.86 14.27 38.32
N PHE C 567 36.65 14.70 38.65
CA PHE C 567 36.38 15.25 39.98
C PHE C 567 36.00 14.18 40.99
N SER C 568 35.49 13.04 40.53
CA SER C 568 35.18 11.90 41.40
C SER C 568 35.84 10.67 40.78
N PRO C 569 37.15 10.55 40.90
CA PRO C 569 37.87 9.47 40.20
C PRO C 569 37.45 8.08 40.64
N TYR C 570 36.79 7.94 41.78
CA TYR C 570 36.37 6.64 42.27
C TYR C 570 37.58 5.74 42.50
N GLU C 591 41.77 5.38 32.67
CA GLU C 591 41.23 6.62 33.21
C GLU C 591 40.48 7.39 32.14
N PHE C 592 39.34 7.97 32.52
CA PHE C 592 38.47 8.69 31.59
C PHE C 592 38.96 10.13 31.45
N GLY C 593 39.90 10.34 30.56
CA GLY C 593 40.27 11.68 30.16
C GLY C 593 39.29 12.24 29.15
N ILE C 594 39.53 13.48 28.76
CA ILE C 594 38.69 14.12 27.77
C ILE C 594 38.71 13.32 26.47
N PHE C 595 39.90 12.95 26.01
CA PHE C 595 40.01 12.21 24.76
C PHE C 595 39.36 10.84 24.88
N ASN C 596 39.64 10.13 25.96
CA ASN C 596 39.05 8.81 26.15
C ASN C 596 37.54 8.91 26.36
N SER C 597 37.08 9.98 27.02
CA SER C 597 35.65 10.17 27.17
C SER C 597 34.98 10.34 25.81
N LEU C 598 35.59 11.15 24.94
CA LEU C 598 35.03 11.32 23.60
C LEU C 598 35.04 10.00 22.84
N TRP C 599 36.13 9.23 22.97
CA TRP C 599 36.21 7.95 22.30
C TRP C 599 35.11 7.01 22.78
N PHE C 600 34.89 6.97 24.08
CA PHE C 600 33.85 6.10 24.64
C PHE C 600 32.49 6.50 24.13
N SER C 601 32.18 7.79 24.17
CA SER C 601 30.87 8.25 23.71
C SER C 601 30.68 7.94 22.22
N LEU C 602 31.70 8.16 21.41
CA LEU C 602 31.57 7.92 19.98
C LEU C 602 31.38 6.43 19.70
N GLY C 603 32.16 5.57 20.36
CA GLY C 603 31.98 4.15 20.20
C GLY C 603 30.67 3.65 20.73
N ALA C 604 30.08 4.38 21.67
CA ALA C 604 28.75 4.03 22.15
C ALA C 604 27.68 4.40 21.13
N PHE C 605 27.81 5.57 20.50
CA PHE C 605 26.80 5.98 19.54
C PHE C 605 26.80 5.12 18.29
N MET C 606 27.83 4.31 18.09
CA MET C 606 27.95 3.52 16.89
C MET C 606 27.85 2.02 17.19
N ARG C 607 27.34 1.68 18.38
CA ARG C 607 27.05 0.31 18.74
C ARG C 607 28.27 -0.57 18.61
N GLN C 608 29.43 -0.03 18.99
CA GLN C 608 30.69 -0.73 18.96
C GLN C 608 31.21 -0.95 20.36
N GLY C 609 32.13 -1.91 20.49
CA GLY C 609 32.69 -2.22 21.78
C GLY C 609 33.47 -1.05 22.35
N CYS C 610 33.42 -0.93 23.67
CA CYS C 610 34.14 0.09 24.40
C CYS C 610 35.22 -0.57 25.25
N ASP C 611 36.46 -0.11 25.09
CA ASP C 611 37.56 -0.69 25.84
C ASP C 611 37.43 -0.40 27.34
N ILE C 612 36.94 0.79 27.68
CA ILE C 612 36.80 1.21 29.07
C ILE C 612 35.33 1.45 29.36
N SER C 613 34.91 1.10 30.57
CA SER C 613 33.57 1.37 31.02
C SER C 613 33.62 2.03 32.39
N PRO C 614 32.82 3.07 32.62
CA PRO C 614 32.88 3.77 33.89
C PRO C 614 32.60 2.85 35.06
N ARG C 615 33.42 2.99 36.11
CA ARG C 615 33.21 2.27 37.35
C ARG C 615 32.53 3.13 38.41
N SER C 616 32.35 4.41 38.16
CA SER C 616 31.66 5.30 39.07
C SER C 616 30.18 5.36 38.75
N LEU C 617 29.37 5.43 39.81
CA LEU C 617 27.92 5.37 39.63
C LEU C 617 27.45 6.46 38.69
N SER C 618 27.97 7.67 38.83
CA SER C 618 27.58 8.75 37.94
C SER C 618 27.98 8.46 36.50
N GLY C 619 29.19 7.94 36.31
CA GLY C 619 29.59 7.54 34.98
C GLY C 619 28.68 6.48 34.40
N ARG C 620 28.25 5.54 35.24
CA ARG C 620 27.33 4.51 34.78
C ARG C 620 25.99 5.11 34.39
N ILE C 621 25.53 6.09 35.16
CA ILE C 621 24.29 6.80 34.81
C ILE C 621 24.43 7.39 33.42
N VAL C 622 25.52 8.11 33.20
CA VAL C 622 25.73 8.79 31.92
C VAL C 622 25.77 7.77 30.79
N GLY C 623 26.51 6.67 31.02
CA GLY C 623 26.65 5.68 29.97
C GLY C 623 25.33 5.04 29.60
N GLY C 624 24.54 4.67 30.61
CA GLY C 624 23.25 4.06 30.33
C GLY C 624 22.32 4.99 29.59
N VAL C 625 22.31 6.26 29.98
CA VAL C 625 21.46 7.22 29.31
C VAL C 625 21.89 7.39 27.85
N TRP C 626 23.19 7.52 27.63
CA TRP C 626 23.69 7.63 26.27
C TRP C 626 23.33 6.39 25.46
N TRP C 627 23.40 5.22 26.08
CA TRP C 627 23.07 3.98 25.40
C TRP C 627 21.62 3.97 24.95
N PHE C 628 20.71 4.38 25.84
CA PHE C 628 19.30 4.48 25.47
C PHE C 628 19.12 5.42 24.29
N PHE C 629 19.77 6.59 24.36
CA PHE C 629 19.63 7.58 23.30
C PHE C 629 20.07 7.01 21.96
N THR C 630 21.22 6.34 21.96
CA THR C 630 21.75 5.77 20.73
C THR C 630 20.80 4.73 20.16
N LEU C 631 20.34 3.83 21.01
CA LEU C 631 19.45 2.78 20.56
C LEU C 631 18.21 3.37 19.89
N ILE C 632 17.56 4.30 20.57
CA ILE C 632 16.34 4.88 20.03
C ILE C 632 16.63 5.59 18.72
N ILE C 633 17.70 6.37 18.69
CA ILE C 633 17.98 7.18 17.51
C ILE C 633 18.25 6.30 16.31
N ILE C 634 19.06 5.25 16.49
CA ILE C 634 19.41 4.40 15.37
C ILE C 634 18.20 3.63 14.88
N SER C 635 17.39 3.13 15.81
CA SER C 635 16.19 2.41 15.38
C SER C 635 15.27 3.32 14.60
N SER C 636 15.11 4.56 15.06
CA SER C 636 14.27 5.51 14.34
C SER C 636 14.83 5.80 12.96
N TYR C 637 16.14 5.95 12.85
CA TYR C 637 16.77 6.19 11.56
C TYR C 637 16.46 5.06 10.61
N THR C 638 16.72 3.83 11.04
CA THR C 638 16.50 2.68 10.18
C THR C 638 15.05 2.57 9.75
N ALA C 639 14.12 2.76 10.70
CA ALA C 639 12.71 2.64 10.38
C ALA C 639 12.27 3.71 9.38
N ASN C 640 12.70 4.95 9.57
CA ASN C 640 12.30 6.00 8.66
C ASN C 640 12.90 5.77 7.28
N LEU C 641 14.13 5.27 7.23
CA LEU C 641 14.73 4.94 5.95
C LEU C 641 13.93 3.84 5.24
N ALA C 642 13.50 2.84 5.98
CA ALA C 642 12.67 1.80 5.37
C ALA C 642 11.38 2.37 4.83
N ALA C 643 10.77 3.29 5.57
CA ALA C 643 9.56 3.93 5.09
C ALA C 643 9.83 4.71 3.81
N PHE C 644 10.95 5.43 3.77
CA PHE C 644 11.29 6.18 2.56
C PHE C 644 11.44 5.24 1.38
N LEU C 645 12.11 4.12 1.58
CA LEU C 645 12.39 3.20 0.48
C LEU C 645 11.18 2.40 0.07
N THR C 646 10.19 2.28 0.94
CA THR C 646 9.05 1.43 0.65
C THR C 646 8.05 2.12 -0.26
N VAL C 647 7.67 3.35 0.07
CA VAL C 647 6.68 4.10 -0.68
C VAL C 647 7.34 5.36 -1.22
N GLU C 648 7.14 5.60 -2.50
CA GLU C 648 7.66 6.79 -3.16
C GLU C 648 6.58 7.87 -3.17
N ARG C 649 6.99 9.10 -2.89
CA ARG C 649 6.07 10.24 -2.88
C ARG C 649 6.76 11.39 -3.60
N MET C 650 6.43 11.56 -4.87
CA MET C 650 6.97 12.65 -5.67
C MET C 650 6.09 13.88 -5.44
N VAL C 651 6.66 14.91 -4.83
CA VAL C 651 5.91 16.08 -4.42
C VAL C 651 6.32 17.24 -5.32
N SER C 652 5.34 17.89 -5.92
CA SER C 652 5.62 19.02 -6.77
C SER C 652 6.17 20.18 -5.93
N PRO C 653 7.16 20.90 -6.44
CA PRO C 653 7.73 22.02 -5.66
C PRO C 653 6.78 23.18 -5.49
N ILE C 654 5.74 23.29 -6.31
CA ILE C 654 4.83 24.42 -6.30
C ILE C 654 3.41 23.89 -6.17
N GLU C 655 2.60 24.60 -5.39
CA GLU C 655 1.21 24.23 -5.17
C GLU C 655 0.22 25.25 -5.72
N SER C 656 0.66 26.41 -6.16
CA SER C 656 -0.23 27.45 -6.66
C SER C 656 0.61 28.54 -7.31
N ALA C 657 -0.07 29.59 -7.78
CA ALA C 657 0.63 30.71 -8.41
C ALA C 657 1.53 31.43 -7.42
N GLU C 658 1.03 31.70 -6.22
CA GLU C 658 1.87 32.35 -5.22
C GLU C 658 3.08 31.49 -4.88
N ASP C 659 2.95 30.17 -5.03
CA ASP C 659 4.05 29.28 -4.68
C ASP C 659 5.28 29.58 -5.54
N LEU C 660 5.08 29.74 -6.84
CA LEU C 660 6.19 30.04 -7.74
C LEU C 660 6.41 31.53 -7.93
N SER C 661 5.49 32.37 -7.44
CA SER C 661 5.73 33.80 -7.46
C SER C 661 6.90 34.18 -6.58
N LYS C 662 7.26 33.33 -5.63
CA LYS C 662 8.39 33.53 -4.76
C LYS C 662 9.50 32.52 -4.99
N GLN C 663 9.28 31.53 -5.87
CA GLN C 663 10.31 30.53 -6.12
C GLN C 663 11.58 31.18 -6.67
N THR C 664 11.43 32.06 -7.64
CA THR C 664 12.53 32.79 -8.26
C THR C 664 13.57 31.86 -8.86
N GLU C 665 13.28 30.57 -8.97
CA GLU C 665 14.20 29.57 -9.51
C GLU C 665 13.69 28.98 -10.81
N ILE C 666 12.39 28.74 -10.93
CA ILE C 666 11.81 28.13 -12.12
C ILE C 666 11.29 29.24 -13.01
N ALA C 667 11.76 29.28 -14.25
CA ALA C 667 11.26 30.23 -15.21
C ALA C 667 9.79 29.95 -15.51
N TYR C 668 9.03 31.01 -15.72
CA TYR C 668 7.63 30.84 -16.11
C TYR C 668 7.23 32.02 -16.98
N GLY C 669 6.68 31.73 -18.15
CA GLY C 669 6.26 32.76 -19.06
C GLY C 669 5.16 32.28 -19.97
N THR C 670 4.31 33.20 -20.37
CA THR C 670 3.20 32.92 -21.27
C THR C 670 3.66 33.08 -22.72
N LEU C 671 2.70 33.11 -23.64
CA LEU C 671 3.01 33.44 -25.01
C LEU C 671 3.60 34.85 -25.09
N ASP C 672 4.55 35.03 -26.00
CA ASP C 672 5.16 36.35 -26.17
C ASP C 672 4.09 37.42 -26.36
N SER C 673 3.07 37.12 -27.16
CA SER C 673 1.94 38.02 -27.36
C SER C 673 0.67 37.19 -27.35
N GLY C 674 -0.23 37.50 -26.42
CA GLY C 674 -1.46 36.73 -26.30
C GLY C 674 -2.33 37.29 -25.21
N SER C 675 -3.45 36.61 -25.00
CA SER C 675 -4.43 37.08 -24.01
C SER C 675 -3.85 37.06 -22.61
N THR C 676 -3.12 36.00 -22.26
CA THR C 676 -2.58 35.90 -20.91
C THR C 676 -1.57 37.00 -20.64
N LYS C 677 -0.75 37.35 -21.63
CA LYS C 677 0.19 38.43 -21.46
C LYS C 677 -0.52 39.74 -21.14
N GLU C 678 -1.61 40.02 -21.86
CA GLU C 678 -2.38 41.22 -21.58
C GLU C 678 -3.00 41.15 -20.19
N PHE C 679 -3.51 39.99 -19.82
CA PHE C 679 -4.15 39.85 -18.51
C PHE C 679 -3.18 40.15 -17.39
N PHE C 680 -1.97 39.59 -17.47
CA PHE C 680 -0.95 39.92 -16.48
C PHE C 680 -0.59 41.40 -16.56
N ARG C 681 -0.48 41.93 -17.78
CA ARG C 681 -0.15 43.34 -17.94
C ARG C 681 -1.24 44.22 -17.37
N ARG C 682 -2.50 43.90 -17.65
CA ARG C 682 -3.63 44.71 -17.22
C ARG C 682 -4.10 44.35 -15.82
N SER C 683 -3.30 43.61 -15.06
CA SER C 683 -3.69 43.21 -13.73
C SER C 683 -3.56 44.36 -12.75
N LYS C 684 -4.40 44.33 -11.71
CA LYS C 684 -4.36 45.30 -10.64
C LYS C 684 -4.07 44.65 -9.29
N ILE C 685 -3.90 43.34 -9.24
CA ILE C 685 -3.65 42.61 -8.00
C ILE C 685 -2.15 42.36 -7.90
N ALA C 686 -1.60 42.60 -6.70
CA ALA C 686 -0.15 42.73 -6.58
C ALA C 686 0.57 41.39 -6.73
N VAL C 687 -0.04 40.29 -6.31
CA VAL C 687 0.64 39.00 -6.43
C VAL C 687 0.94 38.70 -7.88
N PHE C 688 -0.01 38.97 -8.77
CA PHE C 688 0.26 38.84 -10.18
C PHE C 688 1.09 39.99 -10.72
N ASP C 689 1.07 41.15 -10.05
CA ASP C 689 1.93 42.25 -10.46
C ASP C 689 3.40 41.88 -10.33
N LYS C 690 3.75 41.19 -9.24
CA LYS C 690 5.14 40.76 -9.07
C LYS C 690 5.55 39.77 -10.15
N MET C 691 4.66 38.83 -10.47
CA MET C 691 4.96 37.87 -11.54
C MET C 691 5.12 38.59 -12.88
N TRP C 692 4.28 39.60 -13.12
CA TRP C 692 4.38 40.36 -14.37
C TRP C 692 5.69 41.11 -14.44
N THR C 693 6.11 41.72 -13.33
CA THR C 693 7.40 42.41 -13.31
C THR C 693 8.53 41.43 -13.55
N TYR C 694 8.46 40.26 -12.93
CA TYR C 694 9.49 39.25 -13.14
C TYR C 694 9.56 38.85 -14.61
N MET C 695 8.40 38.64 -15.24
CA MET C 695 8.38 38.32 -16.66
C MET C 695 8.87 39.47 -17.51
N ARG C 696 8.72 40.70 -17.04
CA ARG C 696 9.23 41.86 -17.78
C ARG C 696 10.75 41.83 -17.82
N SER C 697 11.39 41.66 -16.66
CA SER C 697 12.85 41.57 -16.58
C SER C 697 13.22 40.11 -16.82
N ALA C 698 13.22 39.72 -18.10
CA ALA C 698 13.49 38.35 -18.50
C ALA C 698 14.81 38.30 -19.26
N GLU C 699 15.65 37.32 -18.92
CA GLU C 699 16.96 37.16 -19.54
C GLU C 699 17.36 35.70 -19.45
N PRO C 700 17.09 34.90 -20.49
CA PRO C 700 16.45 35.29 -21.75
C PRO C 700 14.96 35.58 -21.59
N SER C 701 14.34 36.11 -22.64
CA SER C 701 12.90 36.36 -22.60
C SER C 701 12.17 35.07 -22.30
N VAL C 702 11.41 35.06 -21.21
CA VAL C 702 10.65 33.87 -20.82
C VAL C 702 9.31 33.97 -21.52
N PHE C 703 9.32 33.61 -22.80
CA PHE C 703 8.14 33.69 -23.65
C PHE C 703 8.34 32.74 -24.82
N VAL C 704 7.25 32.44 -25.51
CA VAL C 704 7.27 31.58 -26.67
C VAL C 704 6.42 32.21 -27.77
N ARG C 705 6.48 31.62 -28.95
CA ARG C 705 5.70 32.06 -30.09
C ARG C 705 4.51 31.16 -30.38
N THR C 706 4.51 29.93 -29.86
CA THR C 706 3.44 28.98 -30.11
C THR C 706 3.27 28.07 -28.91
N THR C 707 2.06 27.54 -28.76
CA THR C 707 1.77 26.66 -27.64
C THR C 707 2.62 25.40 -27.71
N ALA C 708 2.77 24.82 -28.91
CA ALA C 708 3.66 23.68 -29.05
C ALA C 708 5.07 24.05 -28.62
N GLU C 709 5.47 25.29 -28.87
CA GLU C 709 6.78 25.74 -28.41
C GLU C 709 6.87 25.69 -26.90
N GLY C 710 5.85 26.17 -26.21
CA GLY C 710 5.86 26.12 -24.76
C GLY C 710 5.86 24.70 -24.23
N VAL C 711 5.08 23.82 -24.85
CA VAL C 711 5.04 22.42 -24.42
C VAL C 711 6.41 21.79 -24.57
N ALA C 712 7.05 22.00 -25.73
CA ALA C 712 8.36 21.42 -25.95
C ALA C 712 9.38 21.99 -24.97
N ARG C 713 9.29 23.30 -24.71
CA ARG C 713 10.23 23.92 -23.79
C ARG C 713 10.10 23.32 -22.40
N VAL C 714 8.88 23.25 -21.88
CA VAL C 714 8.70 22.70 -20.54
C VAL C 714 9.09 21.24 -20.49
N ARG C 715 8.83 20.49 -21.57
CA ARG C 715 9.20 19.09 -21.58
C ARG C 715 10.70 18.90 -21.59
N LYS C 716 11.42 19.81 -22.26
CA LYS C 716 12.86 19.73 -22.39
C LYS C 716 13.61 20.64 -21.42
N SER C 717 12.90 21.41 -20.60
CA SER C 717 13.55 22.27 -19.62
C SER C 717 13.95 21.52 -18.35
N LYS C 718 13.58 20.25 -18.24
CA LYS C 718 13.95 19.42 -17.09
C LYS C 718 13.57 20.11 -15.78
N GLY C 719 12.28 20.43 -15.67
CA GLY C 719 11.76 21.02 -14.46
C GLY C 719 12.34 22.39 -14.14
N LYS C 720 12.59 23.20 -15.17
CA LYS C 720 13.06 24.56 -14.96
C LYS C 720 12.14 25.61 -15.58
N TYR C 721 11.12 25.20 -16.33
CA TYR C 721 10.18 26.14 -16.95
C TYR C 721 8.75 25.70 -16.64
N ALA C 722 7.89 26.68 -16.36
CA ALA C 722 6.48 26.46 -16.11
C ALA C 722 5.67 27.33 -17.05
N TYR C 723 4.68 26.74 -17.72
CA TYR C 723 3.92 27.44 -18.74
C TYR C 723 2.52 27.75 -18.22
N LEU C 724 2.06 28.97 -18.47
CA LEU C 724 0.72 29.38 -18.10
C LEU C 724 -0.17 29.44 -19.33
N LEU C 725 -1.25 28.69 -19.30
CA LEU C 725 -2.15 28.60 -20.45
C LEU C 725 -3.54 28.25 -19.93
N GLU C 726 -4.46 28.09 -20.87
CA GLU C 726 -5.84 27.79 -20.53
C GLU C 726 -5.96 26.40 -19.94
N SER C 727 -6.75 26.29 -18.87
CA SER C 727 -6.84 25.03 -18.14
C SER C 727 -7.37 23.91 -19.01
N THR C 728 -8.16 24.23 -20.03
CA THR C 728 -8.67 23.20 -20.91
C THR C 728 -7.52 22.56 -21.68
N MET C 729 -6.67 23.37 -22.29
CA MET C 729 -5.54 22.85 -23.03
C MET C 729 -4.59 22.10 -22.12
N ASN C 730 -4.46 22.56 -20.88
CA ASN C 730 -3.53 21.92 -19.95
C ASN C 730 -4.04 20.55 -19.54
N GLU C 731 -5.32 20.45 -19.19
CA GLU C 731 -5.92 19.16 -18.89
C GLU C 731 -5.88 18.25 -20.11
N TYR C 732 -5.99 18.83 -21.30
CA TYR C 732 -5.86 18.06 -22.53
C TYR C 732 -4.47 17.46 -22.64
N ILE C 733 -3.44 18.29 -22.47
CA ILE C 733 -2.08 17.81 -22.64
C ILE C 733 -1.73 16.79 -21.59
N GLU C 734 -2.21 16.97 -20.36
CA GLU C 734 -1.91 16.03 -19.30
C GLU C 734 -2.42 14.63 -19.59
N GLN C 735 -3.29 14.47 -20.59
CA GLN C 735 -3.85 13.18 -20.96
C GLN C 735 -3.32 12.67 -22.30
N ARG C 736 -2.33 13.33 -22.88
CA ARG C 736 -1.74 12.91 -24.14
C ARG C 736 -0.28 12.48 -23.95
N LYS C 737 0.11 11.47 -24.71
CA LYS C 737 1.44 10.92 -24.59
C LYS C 737 2.48 12.00 -24.92
N PRO C 738 3.66 11.93 -24.30
CA PRO C 738 4.10 10.84 -23.43
C PRO C 738 3.65 10.99 -21.97
N CYS C 739 2.74 11.93 -21.70
CA CYS C 739 2.30 12.22 -20.35
C CYS C 739 3.48 12.61 -19.46
N ASP C 740 4.25 13.58 -19.95
CA ASP C 740 5.43 14.07 -19.27
C ASP C 740 5.18 15.39 -18.55
N THR C 741 3.92 15.75 -18.33
CA THR C 741 3.57 17.03 -17.75
C THR C 741 2.29 16.91 -16.95
N MET C 742 2.06 17.92 -16.12
CA MET C 742 0.92 17.95 -15.21
C MET C 742 0.45 19.38 -15.04
N LYS C 743 -0.79 19.48 -14.59
CA LYS C 743 -1.43 20.74 -14.23
C LYS C 743 -1.37 20.88 -12.72
N VAL C 744 -0.94 22.04 -12.26
CA VAL C 744 -0.79 22.29 -10.84
C VAL C 744 -1.52 23.57 -10.48
N GLY C 745 -1.94 23.65 -9.23
CA GLY C 745 -2.62 24.82 -8.75
C GLY C 745 -4.06 24.90 -9.24
N GLY C 746 -4.63 26.09 -9.06
CA GLY C 746 -5.99 26.36 -9.47
C GLY C 746 -6.05 27.52 -10.44
N ASN C 747 -7.23 27.72 -11.00
CA ASN C 747 -7.41 28.77 -12.00
C ASN C 747 -7.18 30.13 -11.36
N LEU C 748 -6.50 31.00 -12.12
CA LEU C 748 -6.21 32.35 -11.69
C LEU C 748 -7.28 33.34 -12.14
N ASP C 749 -7.71 33.25 -13.38
CA ASP C 749 -8.80 34.04 -13.92
C ASP C 749 -9.95 33.09 -14.26
N SER C 750 -11.02 33.65 -14.79
CA SER C 750 -12.15 32.84 -15.20
C SER C 750 -12.68 33.36 -16.53
N LYS C 751 -12.96 32.45 -17.45
CA LYS C 751 -13.51 32.79 -18.75
C LYS C 751 -14.58 31.77 -19.08
N GLY C 752 -15.02 31.79 -20.32
CA GLY C 752 -16.00 30.82 -20.77
C GLY C 752 -16.00 30.73 -22.27
N TYR C 753 -16.31 29.54 -22.76
CA TYR C 753 -16.54 29.30 -24.16
C TYR C 753 -18.04 29.27 -24.41
N GLY C 754 -18.45 29.92 -25.47
CA GLY C 754 -19.87 30.07 -25.74
C GLY C 754 -20.16 30.04 -27.22
N ILE C 755 -21.33 29.50 -27.57
CA ILE C 755 -21.81 29.61 -28.92
C ILE C 755 -21.86 31.09 -29.30
N ALA C 756 -21.77 31.34 -30.60
CA ALA C 756 -21.85 32.68 -31.14
C ALA C 756 -22.98 32.74 -32.16
N THR C 757 -23.44 33.95 -32.40
CA THR C 757 -24.56 34.16 -33.30
C THR C 757 -24.63 35.62 -33.70
N PRO C 758 -24.85 35.93 -34.98
CA PRO C 758 -24.93 37.33 -35.38
C PRO C 758 -26.13 38.03 -34.77
N LYS C 759 -25.97 39.34 -34.59
CA LYS C 759 -27.00 40.14 -33.94
C LYS C 759 -28.31 40.03 -34.71
N GLY C 760 -29.40 39.90 -33.97
CA GLY C 760 -30.72 39.83 -34.55
C GLY C 760 -31.08 38.49 -35.13
N SER C 761 -30.19 37.52 -35.09
CA SER C 761 -30.51 36.20 -35.60
C SER C 761 -31.71 35.62 -34.84
N SER C 762 -32.61 34.99 -35.58
CA SER C 762 -33.77 34.35 -34.99
C SER C 762 -33.42 33.01 -34.36
N LEU C 763 -32.14 32.76 -34.13
CA LEU C 763 -31.67 31.50 -33.57
C LEU C 763 -30.83 31.67 -32.31
N GLY C 764 -30.65 32.90 -31.81
CA GLY C 764 -29.87 33.08 -30.60
C GLY C 764 -30.57 32.52 -29.37
N THR C 765 -31.85 32.81 -29.20
CA THR C 765 -32.56 32.35 -28.02
C THR C 765 -32.68 30.84 -27.96
N PRO C 766 -33.12 30.15 -29.02
CA PRO C 766 -33.21 28.69 -28.92
C PRO C 766 -31.87 28.03 -28.66
N VAL C 767 -30.80 28.54 -29.26
CA VAL C 767 -29.49 27.93 -29.04
C VAL C 767 -29.01 28.20 -27.62
N ASN C 768 -29.29 29.39 -27.09
CA ASN C 768 -28.96 29.67 -25.70
C ASN C 768 -29.68 28.70 -24.77
N LEU C 769 -30.98 28.53 -24.98
CA LEU C 769 -31.75 27.62 -24.15
C LEU C 769 -31.26 26.20 -24.28
N ALA C 770 -30.90 25.79 -25.51
CA ALA C 770 -30.42 24.44 -25.73
C ALA C 770 -29.09 24.21 -25.03
N VAL C 771 -28.18 25.16 -25.16
CA VAL C 771 -26.90 25.06 -24.46
C VAL C 771 -27.13 24.87 -22.98
N LEU C 772 -27.99 25.71 -22.40
CA LEU C 772 -28.18 25.67 -20.96
C LEU C 772 -28.81 24.35 -20.53
N LYS C 773 -29.87 23.93 -21.23
CA LYS C 773 -30.56 22.70 -20.86
C LYS C 773 -29.64 21.50 -21.00
N LEU C 774 -28.83 21.48 -22.06
CA LEU C 774 -27.86 20.42 -22.22
C LEU C 774 -26.85 20.44 -21.09
N SER C 775 -26.42 21.64 -20.68
CA SER C 775 -25.45 21.74 -19.60
C SER C 775 -25.99 21.15 -18.31
N GLU C 776 -27.20 21.53 -17.93
CA GLU C 776 -27.77 21.00 -16.69
C GLU C 776 -28.35 19.61 -16.85
N GLN C 777 -28.45 19.12 -18.08
CA GLN C 777 -28.96 17.76 -18.30
C GLN C 777 -27.90 16.70 -18.05
N GLY C 778 -26.65 17.10 -17.85
CA GLY C 778 -25.59 16.13 -17.58
C GLY C 778 -24.99 15.58 -18.85
N VAL C 779 -24.65 16.45 -19.80
CA VAL C 779 -24.14 16.06 -21.10
C VAL C 779 -22.75 16.62 -21.36
N LEU C 780 -22.60 17.94 -21.27
CA LEU C 780 -21.29 18.54 -21.52
C LEU C 780 -20.23 17.90 -20.65
N ASP C 781 -20.58 17.54 -19.41
CA ASP C 781 -19.67 16.77 -18.59
C ASP C 781 -19.36 15.43 -19.25
N LYS C 782 -20.39 14.77 -19.79
CA LYS C 782 -20.18 13.48 -20.43
C LYS C 782 -19.27 13.62 -21.64
N LEU C 783 -19.49 14.64 -22.46
CA LEU C 783 -18.66 14.83 -23.64
C LEU C 783 -17.22 15.15 -23.26
N LYS C 784 -17.04 16.01 -22.25
CA LYS C 784 -15.70 16.35 -21.80
C LYS C 784 -14.98 15.10 -21.30
N ASN C 785 -15.68 14.27 -20.53
CA ASN C 785 -15.05 13.05 -20.05
C ASN C 785 -14.71 12.12 -21.21
N LYS C 786 -15.59 12.03 -22.20
CA LYS C 786 -15.36 11.12 -23.32
C LYS C 786 -14.12 11.55 -24.12
N TRP C 787 -13.94 12.86 -24.31
CA TRP C 787 -12.90 13.33 -25.20
C TRP C 787 -11.58 13.59 -24.47
N TRP C 788 -11.62 14.32 -23.36
CA TRP C 788 -10.39 14.64 -22.63
C TRP C 788 -9.82 13.40 -21.95
N TYR C 789 -10.69 12.58 -21.36
CA TYR C 789 -10.26 11.52 -20.44
C TYR C 789 -10.42 10.13 -21.03
N ASP C 790 -11.60 9.80 -21.56
CA ASP C 790 -11.79 8.47 -22.13
C ASP C 790 -10.81 8.22 -23.26
N LYS C 791 -10.65 9.18 -24.16
CA LYS C 791 -9.66 9.10 -25.23
C LYS C 791 -8.31 9.64 -24.75
N GLY C 792 -7.85 9.06 -23.64
CA GLY C 792 -6.65 9.52 -22.97
C GLY C 792 -5.47 8.60 -23.21
N GLU C 793 -4.31 9.20 -23.48
CA GLU C 793 -3.10 8.43 -23.74
C GLU C 793 -2.59 7.72 -22.49
N CYS C 794 -3.11 8.08 -21.32
CA CYS C 794 -2.65 7.48 -20.07
C CYS C 794 -3.63 7.80 -18.96
N GLY C 795 -3.87 6.81 -18.11
CA GLY C 795 -4.79 6.98 -17.00
C GLY C 795 -4.13 7.46 -15.73
N GLU C 803 5.14 -1.07 -7.79
CA GLU C 803 6.33 -1.39 -8.56
C GLU C 803 7.36 -2.08 -7.69
N LYS C 804 7.90 -3.20 -8.19
CA LYS C 804 8.94 -3.91 -7.47
C LYS C 804 10.14 -3.00 -7.27
N THR C 805 10.38 -2.60 -6.02
CA THR C 805 11.41 -1.62 -5.74
C THR C 805 12.77 -2.15 -6.20
N SER C 806 13.74 -1.25 -6.19
CA SER C 806 15.05 -1.52 -6.77
C SER C 806 16.13 -1.45 -5.69
N ALA C 807 17.18 -2.22 -5.91
CA ALA C 807 18.30 -2.22 -4.99
C ALA C 807 18.90 -0.83 -4.86
N LEU C 808 19.75 -0.68 -3.87
CA LEU C 808 20.43 0.59 -3.65
C LEU C 808 21.65 0.69 -4.56
N SER C 809 21.91 1.90 -5.02
CA SER C 809 23.02 2.17 -5.91
C SER C 809 24.01 3.11 -5.23
N LEU C 810 25.23 3.12 -5.76
CA LEU C 810 26.27 3.97 -5.22
C LEU C 810 25.83 5.42 -5.15
N SER C 811 25.01 5.85 -6.10
CA SER C 811 24.54 7.23 -6.08
C SER C 811 23.80 7.54 -4.79
N ASN C 812 23.17 6.54 -4.18
CA ASN C 812 22.44 6.75 -2.94
C ASN C 812 23.37 6.90 -1.75
N VAL C 813 24.54 6.26 -1.80
CA VAL C 813 25.34 6.05 -0.60
C VAL C 813 26.79 6.43 -0.85
N ALA C 814 27.04 7.21 -1.91
CA ALA C 814 28.41 7.59 -2.19
C ALA C 814 28.94 8.62 -1.21
N GLY C 815 28.05 9.38 -0.59
CA GLY C 815 28.50 10.42 0.32
C GLY C 815 29.27 9.86 1.49
N VAL C 816 28.81 8.74 2.04
CA VAL C 816 29.53 8.13 3.15
C VAL C 816 30.87 7.59 2.70
N PHE C 817 30.98 7.12 1.46
CA PHE C 817 32.28 6.73 0.94
C PHE C 817 33.22 7.92 0.85
N TYR C 818 32.72 9.05 0.36
CA TYR C 818 33.55 10.24 0.30
C TYR C 818 34.01 10.63 1.70
N ILE C 819 33.10 10.56 2.68
CA ILE C 819 33.47 10.88 4.05
C ILE C 819 34.52 9.91 4.56
N LEU C 820 34.39 8.63 4.21
CA LEU C 820 35.36 7.64 4.65
C LEU C 820 36.75 7.95 4.11
N VAL C 821 36.83 8.24 2.82
CA VAL C 821 38.13 8.50 2.22
C VAL C 821 38.71 9.81 2.75
N GLY C 822 37.85 10.81 2.96
CA GLY C 822 38.32 12.04 3.55
C GLY C 822 38.84 11.84 4.95
N GLY C 823 38.17 10.99 5.73
CA GLY C 823 38.66 10.68 7.06
C GLY C 823 39.98 9.95 7.04
N LEU C 824 40.15 9.04 6.08
CA LEU C 824 41.43 8.35 5.95
C LEU C 824 42.55 9.33 5.62
N GLY C 825 42.28 10.23 4.67
CA GLY C 825 43.28 11.24 4.33
C GLY C 825 43.61 12.12 5.51
N LEU C 826 42.58 12.56 6.24
CA LEU C 826 42.79 13.40 7.40
C LEU C 826 43.59 12.68 8.46
N ALA C 827 43.32 11.39 8.67
CA ALA C 827 44.04 10.64 9.68
C ALA C 827 45.50 10.46 9.31
N MET C 828 45.77 10.13 8.04
CA MET C 828 47.16 10.03 7.62
C MET C 828 47.86 11.36 7.78
N LEU C 829 47.19 12.45 7.39
CA LEU C 829 47.80 13.77 7.50
C LEU C 829 48.08 14.12 8.95
N VAL C 830 47.15 13.82 9.84
CA VAL C 830 47.31 14.19 11.25
C VAL C 830 48.41 13.35 11.88
N ALA C 831 48.46 12.06 11.56
CA ALA C 831 49.54 11.23 12.07
C ALA C 831 50.89 11.70 11.56
N LEU C 832 50.94 12.08 10.28
CA LEU C 832 52.17 12.61 9.72
C LEU C 832 52.59 13.88 10.44
N ILE C 833 51.63 14.77 10.71
CA ILE C 833 51.94 16.03 11.39
C ILE C 833 52.43 15.76 12.80
N GLU C 834 51.76 14.86 13.52
CA GLU C 834 52.19 14.52 14.86
C GLU C 834 53.58 13.91 14.86
N PHE C 835 53.86 13.06 13.88
CA PHE C 835 55.18 12.44 13.77
C PHE C 835 56.24 13.50 13.51
N CYS C 836 55.96 14.43 12.59
CA CYS C 836 56.91 15.49 12.30
C CYS C 836 57.15 16.36 13.53
N TYR C 837 56.08 16.67 14.27
CA TYR C 837 56.22 17.50 15.46
C TYR C 837 57.04 16.80 16.53
N LYS C 838 56.71 15.54 16.83
CA LYS C 838 57.43 14.81 17.86
C LYS C 838 58.86 14.51 17.44
N SER C 839 59.13 14.45 16.13
CA SER C 839 60.48 14.16 15.66
C SER C 839 61.44 15.27 16.05
N ARG C 840 61.00 16.52 15.94
CA ARG C 840 61.85 17.66 16.28
C ARG C 840 61.88 17.87 17.79
N VAL D 19 22.35 -6.58 62.29
CA VAL D 19 22.06 -5.22 61.83
C VAL D 19 21.09 -5.28 60.66
N GLN D 20 21.59 -5.72 59.50
CA GLN D 20 20.76 -5.82 58.31
C GLN D 20 19.70 -6.91 58.43
N VAL D 21 19.80 -7.79 59.42
CA VAL D 21 18.79 -8.83 59.59
C VAL D 21 17.44 -8.18 59.87
N LEU D 22 17.41 -7.12 60.65
CA LEU D 22 16.16 -6.43 60.95
C LEU D 22 15.56 -5.83 59.68
N LEU D 23 16.39 -5.19 58.86
CA LEU D 23 15.90 -4.64 57.60
C LEU D 23 15.33 -5.74 56.73
N THR D 24 16.04 -6.86 56.63
CA THR D 24 15.58 -7.99 55.83
C THR D 24 14.22 -8.49 56.32
N THR D 25 14.08 -8.66 57.63
CA THR D 25 12.85 -9.23 58.17
C THR D 25 11.67 -8.27 57.98
N ILE D 26 11.88 -6.99 58.25
CA ILE D 26 10.78 -6.03 58.07
C ILE D 26 10.40 -5.93 56.60
N GLY D 27 11.39 -5.99 55.70
CA GLY D 27 11.08 -5.94 54.29
C GLY D 27 10.32 -7.18 53.83
N ALA D 28 10.70 -8.34 54.35
CA ALA D 28 9.97 -9.57 54.02
C ALA D 28 8.54 -9.49 54.49
N PHE D 29 8.32 -9.01 55.72
CA PHE D 29 6.96 -8.87 56.23
C PHE D 29 6.16 -7.89 55.38
N ALA D 30 6.78 -6.76 55.02
CA ALA D 30 6.10 -5.77 54.20
C ALA D 30 5.74 -6.33 52.84
N ALA D 31 6.67 -7.07 52.22
CA ALA D 31 6.40 -7.64 50.91
C ALA D 31 5.27 -8.66 50.97
N PHE D 32 5.29 -9.53 51.99
CA PHE D 32 4.20 -10.48 52.14
C PHE D 32 2.88 -9.78 52.35
N GLY D 33 2.86 -8.75 53.19
CA GLY D 33 1.63 -8.02 53.41
C GLY D 33 1.11 -7.37 52.14
N LEU D 34 2.01 -6.74 51.38
CA LEU D 34 1.61 -6.10 50.13
C LEU D 34 1.03 -7.12 49.16
N MET D 35 1.70 -8.26 49.01
CA MET D 35 1.25 -9.26 48.05
C MET D 35 -0.08 -9.86 48.47
N THR D 36 -0.23 -10.16 49.77
CA THR D 36 -1.48 -10.71 50.27
C THR D 36 -2.62 -9.71 50.10
N ILE D 37 -2.33 -8.43 50.32
CA ILE D 37 -3.34 -7.40 50.13
C ILE D 37 -3.74 -7.31 48.66
N ALA D 38 -2.75 -7.32 47.77
CA ALA D 38 -3.05 -7.21 46.35
C ALA D 38 -3.87 -8.40 45.88
N ILE D 39 -3.52 -9.61 46.32
CA ILE D 39 -4.31 -10.78 45.97
C ILE D 39 -5.71 -10.65 46.51
N SER D 40 -5.83 -10.18 47.75
CA SER D 40 -7.14 -10.11 48.39
C SER D 40 -8.02 -9.05 47.74
N THR D 41 -7.47 -7.85 47.54
CA THR D 41 -8.28 -6.75 47.04
C THR D 41 -8.70 -7.00 45.60
N ASP D 42 -9.94 -6.65 45.29
CA ASP D 42 -10.44 -6.70 43.92
C ASP D 42 -10.34 -5.32 43.27
N TYR D 43 -9.12 -4.77 43.29
CA TYR D 43 -8.84 -3.44 42.76
C TYR D 43 -7.66 -3.50 41.79
N TRP D 44 -7.71 -4.45 40.86
CA TRP D 44 -6.62 -4.61 39.91
C TRP D 44 -6.82 -3.74 38.66
N LEU D 45 -8.00 -3.78 38.08
CA LEU D 45 -8.28 -3.16 36.79
C LEU D 45 -9.41 -2.16 36.90
N TYR D 46 -9.32 -1.07 36.15
CA TYR D 46 -10.42 -0.13 35.97
C TYR D 46 -10.84 -0.16 34.52
N THR D 47 -12.02 -0.70 34.25
CA THR D 47 -12.46 -0.87 32.86
C THR D 47 -13.97 -0.65 32.76
N ARG D 48 -14.40 -0.27 31.56
CA ARG D 48 -15.82 -0.11 31.26
C ARG D 48 -16.33 -1.40 30.64
N ALA D 49 -17.19 -2.11 31.37
CA ALA D 49 -17.71 -3.39 30.93
C ALA D 49 -19.18 -3.28 30.58
N LEU D 50 -19.69 -4.35 29.95
CA LEU D 50 -21.09 -4.42 29.52
C LEU D 50 -21.90 -5.43 30.31
N ILE D 51 -21.26 -6.39 30.97
CA ILE D 51 -22.00 -7.36 31.77
C ILE D 51 -22.75 -6.68 32.90
N CYS D 52 -22.21 -5.59 33.42
CA CYS D 52 -22.83 -4.87 34.52
C CYS D 52 -23.98 -3.98 34.09
N ASN D 53 -24.10 -3.69 32.79
CA ASN D 53 -25.17 -2.82 32.30
C ASN D 53 -25.06 -1.43 32.92
N GLY D 80 -20.49 0.44 31.56
CA GLY D 80 -20.36 0.99 32.90
C GLY D 80 -18.99 0.75 33.52
N LEU D 81 -18.52 1.73 34.29
CA LEU D 81 -17.22 1.61 34.93
C LEU D 81 -17.21 0.47 35.94
N THR D 82 -16.03 -0.09 36.15
CA THR D 82 -15.87 -1.25 37.00
C THR D 82 -14.45 -1.32 37.51
N HIS D 83 -14.30 -1.58 38.81
CA HIS D 83 -13.02 -1.89 39.42
C HIS D 83 -12.89 -3.41 39.50
N SER D 84 -12.61 -4.00 38.35
CA SER D 84 -12.40 -5.44 38.30
C SER D 84 -11.19 -5.82 39.16
N GLY D 85 -11.22 -7.06 39.64
CA GLY D 85 -10.17 -7.56 40.50
C GLY D 85 -9.68 -8.92 40.03
N LEU D 86 -8.72 -9.44 40.80
CA LEU D 86 -8.14 -10.74 40.47
C LEU D 86 -9.19 -11.84 40.54
N TRP D 87 -10.03 -11.82 41.58
CA TRP D 87 -10.98 -12.89 41.83
C TRP D 87 -12.39 -12.55 41.35
N ARG D 88 -12.95 -11.46 41.83
CA ARG D 88 -14.33 -11.09 41.51
C ARG D 88 -14.34 -9.70 40.88
N ILE D 89 -14.89 -9.61 39.67
CA ILE D 89 -15.17 -8.31 39.07
C ILE D 89 -16.29 -7.65 39.86
N CYS D 90 -16.09 -6.41 40.26
CA CYS D 90 -17.06 -5.77 41.13
C CYS D 90 -17.42 -4.40 40.59
N CYS D 91 -18.72 -4.18 40.40
CA CYS D 91 -19.23 -3.04 39.66
C CYS D 91 -19.00 -1.74 40.42
N LEU D 92 -19.31 -0.64 39.74
CA LEU D 92 -19.17 0.70 40.26
C LEU D 92 -19.88 1.66 39.32
N GLU D 93 -20.41 2.74 39.87
CA GLU D 93 -21.13 3.75 39.09
C GLU D 93 -22.19 3.09 38.21
N GLY D 94 -23.09 2.36 38.87
CA GLY D 94 -24.15 1.66 38.15
C GLY D 94 -25.27 1.27 39.08
N LEU D 95 -26.33 0.73 38.48
CA LEU D 95 -27.50 0.31 39.26
C LEU D 95 -27.14 -0.79 40.23
N LYS D 96 -26.37 -1.78 39.77
CA LYS D 96 -25.92 -2.87 40.64
C LYS D 96 -24.57 -2.53 41.27
N ARG D 97 -24.48 -1.34 41.88
CA ARG D 97 -23.26 -0.93 42.53
C ARG D 97 -23.05 -1.72 43.81
N GLY D 98 -21.83 -2.23 43.98
CA GLY D 98 -21.50 -2.97 45.19
C GLY D 98 -21.90 -4.43 45.11
N VAL D 99 -23.07 -4.70 44.53
CA VAL D 99 -23.54 -6.07 44.40
C VAL D 99 -22.70 -6.74 43.33
N CYS D 100 -21.71 -7.52 43.75
CA CYS D 100 -20.71 -8.05 42.83
C CYS D 100 -20.30 -9.46 43.23
N VAL D 101 -19.77 -10.18 42.24
CA VAL D 101 -19.60 -11.63 42.31
C VAL D 101 -18.31 -12.02 41.61
N LYS D 102 -17.94 -13.29 41.76
CA LYS D 102 -16.79 -13.86 41.09
C LYS D 102 -16.98 -13.80 39.58
N ILE D 103 -15.90 -14.07 38.85
CA ILE D 103 -15.89 -13.97 37.40
C ILE D 103 -16.01 -15.35 36.78
N ASN D 104 -16.29 -15.37 35.48
CA ASN D 104 -16.31 -16.59 34.69
C ASN D 104 -15.12 -16.55 33.74
N HIS D 105 -14.25 -17.55 33.85
CA HIS D 105 -13.03 -17.60 33.05
C HIS D 105 -13.24 -18.27 31.70
N PHE D 106 -14.49 -18.57 31.34
CA PHE D 106 -14.77 -19.29 30.10
C PHE D 106 -16.05 -18.77 29.46
N ALA D 117 -3.95 -25.03 23.98
CA ALA D 117 -2.91 -24.09 24.40
C ALA D 117 -3.54 -22.95 25.22
N GLU D 118 -4.41 -22.16 24.58
CA GLU D 118 -5.12 -21.11 25.30
C GLU D 118 -5.90 -21.66 26.48
N TYR D 119 -6.37 -22.91 26.40
CA TYR D 119 -7.00 -23.51 27.56
C TYR D 119 -6.12 -23.35 28.77
N LEU D 120 -4.84 -23.67 28.61
CA LEU D 120 -3.95 -23.69 29.75
C LEU D 120 -3.78 -22.30 30.33
N LEU D 121 -3.74 -21.28 29.46
CA LEU D 121 -3.66 -19.91 29.97
C LEU D 121 -4.90 -19.57 30.78
N ARG D 122 -6.08 -19.98 30.30
CA ARG D 122 -7.29 -19.74 31.07
C ARG D 122 -7.22 -20.45 32.42
N VAL D 123 -6.73 -21.69 32.41
CA VAL D 123 -6.65 -22.47 33.65
C VAL D 123 -5.76 -21.76 34.65
N VAL D 124 -4.56 -21.37 34.21
CA VAL D 124 -3.60 -20.78 35.13
C VAL D 124 -4.08 -19.42 35.60
N ARG D 125 -4.73 -18.66 34.73
CA ARG D 125 -5.26 -17.38 35.15
C ARG D 125 -6.35 -17.56 36.19
N ALA D 126 -7.24 -18.53 35.99
CA ALA D 126 -8.32 -18.75 36.94
C ALA D 126 -7.77 -19.15 38.30
N SER D 127 -6.85 -20.10 38.32
CA SER D 127 -6.14 -20.47 39.53
C SER D 127 -4.88 -19.62 39.58
N SER D 128 -4.96 -18.50 40.28
CA SER D 128 -3.82 -17.59 40.30
C SER D 128 -2.72 -18.20 41.13
N ILE D 129 -2.19 -19.34 40.66
CA ILE D 129 -1.24 -20.10 41.43
C ILE D 129 0.11 -19.40 41.52
N PHE D 130 0.42 -18.52 40.59
CA PHE D 130 1.74 -17.91 40.58
C PHE D 130 1.83 -16.76 41.56
N PRO D 131 0.86 -15.84 41.59
CA PRO D 131 0.84 -14.86 42.68
C PRO D 131 0.75 -15.50 44.05
N ILE D 132 -0.07 -16.55 44.16
CA ILE D 132 -0.19 -17.27 45.43
C ILE D 132 1.13 -17.93 45.78
N LEU D 133 1.82 -18.46 44.78
CA LEU D 133 3.12 -19.08 45.01
C LEU D 133 4.14 -18.03 45.44
N SER D 134 4.08 -16.84 44.85
CA SER D 134 4.97 -15.77 45.28
C SER D 134 4.74 -15.42 46.73
N ALA D 135 3.46 -15.31 47.13
CA ALA D 135 3.15 -15.01 48.52
C ALA D 135 3.61 -16.13 49.44
N ILE D 136 3.38 -17.38 49.04
CA ILE D 136 3.77 -18.53 49.86
C ILE D 136 5.28 -18.58 50.01
N LEU D 137 6.01 -18.35 48.92
CA LEU D 137 7.46 -18.35 48.99
C LEU D 137 7.97 -17.20 49.85
N LEU D 138 7.31 -16.05 49.78
CA LEU D 138 7.68 -14.94 50.65
C LEU D 138 7.50 -15.32 52.10
N LEU D 139 6.37 -15.95 52.42
CA LEU D 139 6.10 -16.37 53.79
C LEU D 139 7.14 -17.39 54.26
N LEU D 140 7.41 -18.38 53.41
CA LEU D 140 8.34 -19.44 53.79
C LEU D 140 9.76 -18.89 53.93
N GLY D 141 10.13 -17.92 53.09
CA GLY D 141 11.43 -17.29 53.24
C GLY D 141 11.53 -16.46 54.49
N GLY D 142 10.46 -15.75 54.84
CA GLY D 142 10.46 -15.02 56.11
C GLY D 142 10.57 -15.96 57.29
N VAL D 143 9.88 -17.10 57.23
CA VAL D 143 9.98 -18.11 58.27
C VAL D 143 11.40 -18.65 58.34
N CYS D 144 12.04 -18.85 57.19
CA CYS D 144 13.42 -19.33 57.17
C CYS D 144 14.37 -18.29 57.76
N VAL D 145 14.14 -17.01 57.48
CA VAL D 145 14.95 -15.96 58.07
C VAL D 145 14.78 -15.96 59.59
N ALA D 146 13.54 -16.08 60.06
CA ALA D 146 13.31 -16.15 61.49
C ALA D 146 14.02 -17.35 62.11
N ALA D 147 13.92 -18.50 61.45
CA ALA D 147 14.58 -19.71 61.93
C ALA D 147 16.10 -19.60 61.86
N SER D 148 16.62 -18.74 61.00
CA SER D 148 18.05 -18.47 60.96
C SER D 148 18.49 -17.48 62.03
N ARG D 149 17.59 -16.59 62.45
CA ARG D 149 17.91 -15.68 63.55
C ARG D 149 18.19 -16.48 64.82
N VAL D 150 17.40 -17.51 65.08
CA VAL D 150 17.68 -18.45 66.14
C VAL D 150 18.33 -19.69 65.51
N TYR D 151 18.87 -20.56 66.35
CA TYR D 151 19.51 -21.79 65.88
C TYR D 151 20.54 -21.46 64.80
N LYS D 152 21.34 -20.44 65.07
CA LYS D 152 22.28 -19.91 64.09
C LYS D 152 23.48 -20.86 63.98
N SER D 153 24.51 -20.42 63.28
CA SER D 153 25.71 -21.24 63.02
C SER D 153 25.39 -22.38 62.07
N LYS D 154 24.40 -22.18 61.21
CA LYS D 154 24.06 -23.12 60.16
C LYS D 154 24.63 -22.73 58.80
N ARG D 155 24.60 -21.45 58.46
CA ARG D 155 25.21 -20.93 57.23
C ARG D 155 24.63 -21.62 55.99
N ASN D 156 23.39 -22.10 56.09
CA ASN D 156 22.71 -22.68 54.93
C ASN D 156 21.23 -22.34 54.92
N ILE D 157 20.76 -21.49 55.82
CA ILE D 157 19.33 -21.20 55.95
C ILE D 157 18.97 -19.91 55.22
N ILE D 158 19.69 -18.82 55.51
CA ILE D 158 19.42 -17.56 54.83
C ILE D 158 19.69 -17.68 53.35
N LEU D 159 20.60 -18.57 52.96
CA LEU D 159 20.78 -18.86 51.55
C LEU D 159 19.47 -19.34 50.93
N GLY D 160 18.84 -20.33 51.57
CA GLY D 160 17.54 -20.78 51.11
C GLY D 160 16.51 -19.66 51.16
N ALA D 161 16.60 -18.79 52.16
CA ALA D 161 15.67 -17.68 52.24
C ALA D 161 15.78 -16.79 51.01
N GLY D 162 17.00 -16.45 50.63
CA GLY D 162 17.20 -15.63 49.44
C GLY D 162 16.77 -16.34 48.17
N ILE D 163 17.04 -17.65 48.10
CA ILE D 163 16.56 -18.43 46.96
C ILE D 163 15.05 -18.32 46.85
N LEU D 164 14.36 -18.46 47.99
CA LEU D 164 12.91 -18.40 47.98
C LEU D 164 12.42 -17.01 47.63
N PHE D 165 13.12 -15.98 48.09
CA PHE D 165 12.72 -14.61 47.75
C PHE D 165 12.84 -14.37 46.24
N VAL D 166 13.94 -14.82 45.65
CA VAL D 166 14.11 -14.68 44.21
C VAL D 166 13.03 -15.48 43.46
N ALA D 167 12.76 -16.69 43.93
CA ALA D 167 11.72 -17.49 43.29
C ALA D 167 10.37 -16.81 43.40
N ALA D 168 10.10 -16.16 44.53
CA ALA D 168 8.86 -15.42 44.70
C ALA D 168 8.79 -14.25 43.73
N GLY D 169 9.90 -13.56 43.54
CA GLY D 169 9.93 -12.49 42.55
C GLY D 169 9.61 -12.99 41.17
N LEU D 170 10.24 -14.10 40.77
CA LEU D 170 9.97 -14.66 39.45
C LEU D 170 8.52 -15.11 39.34
N SER D 171 7.98 -15.69 40.42
CA SER D 171 6.59 -16.11 40.41
C SER D 171 5.66 -14.92 40.24
N ASN D 172 5.96 -13.81 40.91
CA ASN D 172 5.14 -12.62 40.76
C ASN D 172 5.22 -12.10 39.33
N ILE D 173 6.41 -12.12 38.74
CA ILE D 173 6.57 -11.67 37.35
C ILE D 173 5.72 -12.55 36.44
N ILE D 174 5.79 -13.86 36.63
CA ILE D 174 5.03 -14.78 35.79
C ILE D 174 3.55 -14.54 35.97
N GLY D 175 3.10 -14.35 37.21
CA GLY D 175 1.69 -14.13 37.44
C GLY D 175 1.21 -12.85 36.79
N VAL D 176 2.02 -11.79 36.86
CA VAL D 176 1.65 -10.54 36.22
C VAL D 176 1.54 -10.72 34.72
N ILE D 177 2.54 -11.38 34.12
CA ILE D 177 2.51 -11.61 32.68
C ILE D 177 1.27 -12.38 32.30
N VAL D 178 0.97 -13.44 33.03
CA VAL D 178 -0.17 -14.28 32.71
C VAL D 178 -1.46 -13.50 32.86
N TYR D 179 -1.57 -12.71 33.93
CA TYR D 179 -2.78 -11.93 34.15
C TYR D 179 -3.02 -10.96 33.01
N ILE D 180 -1.97 -10.26 32.59
CA ILE D 180 -2.14 -9.27 31.53
C ILE D 180 -2.44 -9.95 30.21
N SER D 181 -1.73 -11.05 29.91
CA SER D 181 -1.95 -11.74 28.65
C SER D 181 -3.37 -12.27 28.55
N ALA D 182 -3.86 -12.89 29.62
CA ALA D 182 -5.21 -13.45 29.60
C ALA D 182 -6.26 -12.35 29.62
N ASN D 183 -6.01 -11.26 30.33
CA ASN D 183 -6.98 -10.18 30.40
C ASN D 183 -7.26 -9.60 29.03
N ALA D 184 -6.21 -9.35 28.26
CA ALA D 184 -6.38 -8.78 26.93
C ALA D 184 -7.03 -9.78 25.99
N GLY D 185 -7.87 -9.27 25.10
CA GLY D 185 -8.57 -10.11 24.15
C GLY D 185 -9.26 -9.31 23.05
N LYS D 196 -12.10 1.55 20.59
CA LYS D 196 -11.18 1.05 21.61
C LYS D 196 -11.72 1.35 23.01
N ASN D 197 -11.58 0.39 23.91
CA ASN D 197 -12.06 0.52 25.28
C ASN D 197 -10.88 0.85 26.19
N HIS D 198 -10.84 2.08 26.68
CA HIS D 198 -9.77 2.50 27.58
C HIS D 198 -9.94 1.83 28.94
N TYR D 199 -8.82 1.69 29.64
CA TYR D 199 -8.81 1.10 30.96
C TYR D 199 -7.56 1.53 31.69
N SER D 200 -7.42 1.08 32.93
CA SER D 200 -6.30 1.45 33.77
C SER D 200 -6.09 0.39 34.83
N TYR D 201 -4.99 0.50 35.55
CA TYR D 201 -4.59 -0.47 36.56
C TYR D 201 -4.77 0.12 37.95
N GLY D 202 -5.43 -0.65 38.82
CA GLY D 202 -5.64 -0.24 40.19
C GLY D 202 -4.40 -0.45 41.03
N TRP D 203 -4.45 0.06 42.25
CA TRP D 203 -3.29 0.00 43.13
C TRP D 203 -2.99 -1.40 43.61
N SER D 204 -3.88 -2.37 43.38
CA SER D 204 -3.53 -3.76 43.66
C SER D 204 -2.36 -4.21 42.79
N PHE D 205 -2.40 -3.82 41.52
CA PHE D 205 -1.32 -4.15 40.60
C PHE D 205 0.00 -3.53 41.05
N TYR D 206 -0.04 -2.26 41.45
CA TYR D 206 1.16 -1.61 41.92
C TYR D 206 1.62 -2.18 43.25
N PHE D 207 0.70 -2.68 44.06
CA PHE D 207 1.08 -3.39 45.28
C PHE D 207 1.85 -4.66 44.92
N GLY D 208 1.37 -5.39 43.93
CA GLY D 208 2.10 -6.57 43.48
C GLY D 208 3.49 -6.21 42.95
N GLY D 209 3.57 -5.12 42.20
CA GLY D 209 4.87 -4.69 41.71
C GLY D 209 5.83 -4.30 42.83
N LEU D 210 5.32 -3.58 43.82
CA LEU D 210 6.14 -3.23 44.98
C LEU D 210 6.57 -4.48 45.73
N SER D 211 5.68 -5.47 45.83
CA SER D 211 6.04 -6.72 46.48
C SER D 211 7.16 -7.41 45.73
N PHE D 212 7.09 -7.41 44.40
CA PHE D 212 8.18 -8.01 43.62
C PHE D 212 9.49 -7.27 43.84
N ILE D 213 9.44 -5.94 43.84
CA ILE D 213 10.66 -5.16 44.03
C ILE D 213 11.26 -5.46 45.39
N LEU D 214 10.42 -5.48 46.42
CA LEU D 214 10.89 -5.78 47.76
C LEU D 214 11.44 -7.20 47.83
N ALA D 215 10.81 -8.14 47.12
CA ALA D 215 11.32 -9.50 47.12
C ALA D 215 12.72 -9.57 46.53
N GLU D 216 12.94 -8.86 45.42
CA GLU D 216 14.28 -8.85 44.84
C GLU D 216 15.29 -8.22 45.77
N VAL D 217 14.93 -7.08 46.37
CA VAL D 217 15.84 -6.40 47.27
C VAL D 217 16.15 -7.27 48.48
N ILE D 218 15.15 -7.96 49.00
CA ILE D 218 15.34 -8.81 50.16
C ILE D 218 16.20 -10.01 49.80
N GLY D 219 16.00 -10.57 48.60
CA GLY D 219 16.86 -11.66 48.19
C GLY D 219 18.31 -11.25 48.12
N VAL D 220 18.57 -10.10 47.50
CA VAL D 220 19.95 -9.64 47.39
C VAL D 220 20.53 -9.34 48.77
N LEU D 221 19.74 -8.70 49.64
CA LEU D 221 20.23 -8.38 50.98
C LEU D 221 20.51 -9.64 51.78
N ALA D 222 19.63 -10.64 51.67
CA ALA D 222 19.82 -11.88 52.41
C ALA D 222 21.04 -12.63 51.93
N VAL D 223 21.25 -12.68 50.62
CA VAL D 223 22.44 -13.37 50.12
C VAL D 223 23.70 -12.59 50.49
N ASN D 224 23.61 -11.26 50.53
CA ASN D 224 24.75 -10.47 50.98
C ASN D 224 25.07 -10.76 52.43
N ILE D 225 24.03 -10.87 53.27
CA ILE D 225 24.23 -11.24 54.66
C ILE D 225 24.87 -12.61 54.76
N TYR D 226 24.40 -13.56 53.94
CA TYR D 226 24.96 -14.90 53.96
C TYR D 226 26.43 -14.89 53.59
N ILE D 227 26.78 -14.16 52.54
CA ILE D 227 28.17 -14.17 52.09
C ILE D 227 29.06 -13.49 53.10
N GLU D 228 28.57 -12.41 53.73
CA GLU D 228 29.35 -11.77 54.79
C GLU D 228 29.56 -12.71 55.96
N ARG D 229 28.50 -13.39 56.40
CA ARG D 229 28.62 -14.28 57.56
C ARG D 229 29.53 -15.45 57.25
N SER D 230 29.40 -16.05 56.07
CA SER D 230 30.24 -17.17 55.67
C SER D 230 31.65 -16.74 55.35
N ARG D 231 31.89 -15.46 55.11
CA ARG D 231 33.24 -14.94 54.95
C ARG D 231 34.02 -14.98 56.26
N GLU D 232 33.33 -15.11 57.39
CA GLU D 232 34.04 -15.24 58.67
C GLU D 232 34.90 -16.48 58.69
N ALA D 233 34.38 -17.60 58.19
CA ALA D 233 35.13 -18.85 58.13
C ALA D 233 36.15 -18.80 57.01
N VAL E 19 66.08 -7.98 0.19
CA VAL E 19 65.27 -9.15 -0.13
C VAL E 19 63.90 -8.71 -0.61
N GLN E 20 63.07 -8.23 0.32
CA GLN E 20 61.74 -7.78 -0.02
C GLN E 20 61.75 -6.51 -0.88
N VAL E 21 62.89 -5.83 -0.98
CA VAL E 21 62.96 -4.64 -1.83
C VAL E 21 62.65 -5.00 -3.27
N LEU E 22 63.15 -6.16 -3.72
CA LEU E 22 62.88 -6.58 -5.10
C LEU E 22 61.39 -6.84 -5.29
N LEU E 23 60.76 -7.51 -4.35
CA LEU E 23 59.32 -7.74 -4.46
C LEU E 23 58.57 -6.43 -4.50
N THR E 24 58.94 -5.49 -3.64
CA THR E 24 58.30 -4.18 -3.61
C THR E 24 58.43 -3.49 -4.96
N THR E 25 59.64 -3.49 -5.52
CA THR E 25 59.87 -2.75 -6.76
C THR E 25 59.12 -3.39 -7.93
N ILE E 26 59.17 -4.72 -8.04
CA ILE E 26 58.46 -5.37 -9.13
C ILE E 26 56.95 -5.17 -8.99
N GLY E 27 56.45 -5.19 -7.76
CA GLY E 27 55.03 -4.96 -7.57
C GLY E 27 54.63 -3.53 -7.91
N ALA E 28 55.48 -2.56 -7.56
CA ALA E 28 55.21 -1.18 -7.93
C ALA E 28 55.18 -1.01 -9.44
N PHE E 29 56.15 -1.61 -10.14
CA PHE E 29 56.16 -1.53 -11.59
C PHE E 29 54.93 -2.19 -12.18
N ALA E 30 54.54 -3.35 -11.66
CA ALA E 30 53.36 -4.03 -12.16
C ALA E 30 52.10 -3.20 -11.93
N ALA E 31 51.98 -2.60 -10.76
CA ALA E 31 50.81 -1.79 -10.45
C ALA E 31 50.73 -0.57 -11.37
N PHE E 32 51.86 0.10 -11.56
CA PHE E 32 51.86 1.25 -12.48
C PHE E 32 51.51 0.81 -13.89
N GLY E 33 52.05 -0.31 -14.36
CA GLY E 33 51.71 -0.77 -15.69
C GLY E 33 50.25 -1.09 -15.82
N LEU E 34 49.68 -1.78 -14.82
CA LEU E 34 48.26 -2.12 -14.86
C LEU E 34 47.40 -0.87 -14.89
N MET E 35 47.72 0.10 -14.04
CA MET E 35 46.90 1.31 -13.98
C MET E 35 47.01 2.12 -15.26
N THR E 36 48.22 2.24 -15.80
CA THR E 36 48.42 2.96 -17.05
C THR E 36 47.69 2.27 -18.20
N ILE E 37 47.70 0.95 -18.21
CA ILE E 37 46.99 0.20 -19.24
C ILE E 37 45.50 0.43 -19.11
N ALA E 38 44.98 0.35 -17.88
CA ALA E 38 43.54 0.53 -17.68
C ALA E 38 43.11 1.92 -18.10
N ILE E 39 43.89 2.94 -17.74
CA ILE E 39 43.57 4.29 -18.16
C ILE E 39 43.61 4.39 -19.67
N SER E 40 44.62 3.79 -20.29
CA SER E 40 44.79 3.90 -21.73
C SER E 40 43.68 3.17 -22.48
N THR E 41 43.41 1.92 -22.10
CA THR E 41 42.46 1.11 -22.84
C THR E 41 41.05 1.65 -22.68
N ASP E 42 40.30 1.63 -23.78
CA ASP E 42 38.88 1.99 -23.76
C ASP E 42 38.02 0.74 -23.66
N TYR E 43 38.30 -0.05 -22.62
CA TYR E 43 37.62 -1.33 -22.38
C TYR E 43 37.10 -1.37 -20.94
N TRP E 44 36.41 -0.31 -20.52
CA TRP E 44 35.91 -0.25 -19.16
C TRP E 44 34.52 -0.85 -19.04
N LEU E 45 33.61 -0.47 -19.94
CA LEU E 45 32.20 -0.81 -19.82
C LEU E 45 31.74 -1.54 -21.07
N TYR E 46 30.83 -2.51 -20.89
CA TYR E 46 30.13 -3.15 -21.99
C TYR E 46 28.66 -2.81 -21.87
N THR E 47 28.15 -1.98 -22.78
CA THR E 47 26.77 -1.53 -22.68
C THR E 47 26.16 -1.39 -24.08
N ARG E 48 24.84 -1.47 -24.13
CA ARG E 48 24.08 -1.29 -25.36
C ARG E 48 23.62 0.17 -25.43
N ALA E 49 24.18 0.92 -26.35
CA ALA E 49 23.90 2.34 -26.49
C ALA E 49 23.08 2.61 -27.75
N LEU E 50 22.56 3.84 -27.84
CA LEU E 50 21.76 4.27 -28.97
C LEU E 50 22.45 5.31 -29.84
N ILE E 51 23.48 5.98 -29.33
CA ILE E 51 24.19 6.97 -30.14
C ILE E 51 24.85 6.30 -31.33
N CYS E 52 25.27 5.05 -31.17
CA CYS E 52 25.94 4.34 -32.25
C CYS E 52 24.98 3.78 -33.29
N ASN E 53 23.69 3.72 -33.00
CA ASN E 53 22.72 3.19 -33.95
C ASN E 53 23.03 1.74 -34.28
N GLY E 80 22.79 -0.86 -29.86
CA GLY E 80 23.95 -1.62 -30.29
C GLY E 80 25.00 -1.77 -29.22
N LEU E 81 25.65 -2.93 -29.19
CA LEU E 81 26.67 -3.20 -28.20
C LEU E 81 27.85 -2.25 -28.35
N THR E 82 28.54 -2.00 -27.25
CA THR E 82 29.62 -1.04 -27.22
C THR E 82 30.56 -1.36 -26.07
N HIS E 83 31.86 -1.33 -26.35
CA HIS E 83 32.89 -1.41 -25.32
C HIS E 83 33.33 0.02 -25.00
N SER E 84 32.48 0.70 -24.25
CA SER E 84 32.80 2.05 -23.82
C SER E 84 34.05 2.02 -22.95
N GLY E 85 34.77 3.15 -22.94
CA GLY E 85 35.99 3.29 -22.20
C GLY E 85 36.01 4.55 -21.36
N LEU E 86 37.12 4.73 -20.66
CA LEU E 86 37.28 5.91 -19.82
C LEU E 86 37.25 7.19 -20.65
N TRP E 87 37.95 7.20 -21.78
CA TRP E 87 38.11 8.40 -22.59
C TRP E 87 37.16 8.45 -23.77
N ARG E 88 37.19 7.45 -24.63
CA ARG E 88 36.39 7.43 -25.84
C ARG E 88 35.51 6.19 -25.86
N ILE E 89 34.19 6.40 -25.95
CA ILE E 89 33.28 5.30 -26.21
C ILE E 89 33.52 4.80 -27.62
N CYS E 90 33.68 3.49 -27.75
CA CYS E 90 34.05 2.95 -29.06
C CYS E 90 33.14 1.79 -29.42
N CYS E 91 32.51 1.89 -30.59
CA CYS E 91 31.43 1.01 -30.97
C CYS E 91 31.92 -0.41 -31.22
N LEU E 92 30.96 -1.30 -31.45
CA LEU E 92 31.21 -2.70 -31.71
C LEU E 92 29.89 -3.33 -32.17
N GLU E 93 30.01 -4.34 -33.03
CA GLU E 93 28.85 -5.04 -33.58
C GLU E 93 27.85 -4.05 -34.16
N GLY E 94 28.33 -3.25 -35.11
CA GLY E 94 27.49 -2.24 -35.73
C GLY E 94 28.09 -1.76 -37.03
N LEU E 95 27.30 -0.91 -37.71
CA LEU E 95 27.76 -0.37 -38.99
C LEU E 95 29.01 0.47 -38.83
N LYS E 96 29.04 1.33 -37.82
CA LYS E 96 30.22 2.13 -37.52
C LYS E 96 31.14 1.42 -36.55
N ARG E 97 31.48 0.18 -36.87
CA ARG E 97 32.37 -0.58 -36.02
C ARG E 97 33.79 -0.06 -36.15
N GLY E 98 34.45 0.14 -35.01
CA GLY E 98 35.81 0.59 -35.01
C GLY E 98 35.93 2.10 -35.12
N VAL E 99 35.10 2.71 -35.97
CA VAL E 99 35.12 4.15 -36.15
C VAL E 99 34.53 4.79 -34.90
N CYS E 100 35.40 5.25 -34.00
CA CYS E 100 34.97 5.69 -32.68
C CYS E 100 35.77 6.89 -32.22
N VAL E 101 35.18 7.62 -31.27
CA VAL E 101 35.60 8.97 -30.92
C VAL E 101 35.44 9.18 -29.42
N LYS E 102 35.98 10.30 -28.94
CA LYS E 102 35.82 10.71 -27.55
C LYS E 102 34.35 10.92 -27.22
N ILE E 103 34.07 11.06 -25.93
CA ILE E 103 32.72 11.17 -25.42
C ILE E 103 32.40 12.62 -25.12
N ASN E 104 31.11 12.90 -24.92
CA ASN E 104 30.64 14.19 -24.47
C ASN E 104 30.12 14.05 -23.05
N HIS E 105 30.70 14.81 -22.13
CA HIS E 105 30.36 14.71 -20.72
C HIS E 105 29.18 15.60 -20.33
N PHE E 106 28.52 16.22 -21.31
CA PHE E 106 27.46 17.16 -21.04
C PHE E 106 26.34 17.03 -22.08
N ALA E 117 26.39 21.28 -8.03
CA ALA E 117 26.90 20.08 -7.37
C ALA E 117 27.21 19.00 -8.39
N GLU E 118 26.19 18.51 -9.09
CA GLU E 118 26.39 17.54 -10.16
C GLU E 118 27.36 18.06 -11.22
N TYR E 119 27.40 19.39 -11.43
CA TYR E 119 28.41 19.93 -12.32
C TYR E 119 29.78 19.40 -11.95
N LEU E 120 30.10 19.46 -10.66
CA LEU E 120 31.43 19.11 -10.23
C LEU E 120 31.73 17.65 -10.48
N LEU E 121 30.73 16.78 -10.30
CA LEU E 121 30.91 15.38 -10.62
C LEU E 121 31.20 15.20 -12.10
N ARG E 122 30.47 15.92 -12.96
CA ARG E 122 30.77 15.83 -14.39
C ARG E 122 32.19 16.30 -14.68
N VAL E 123 32.61 17.39 -14.04
CA VAL E 123 33.94 17.94 -14.26
C VAL E 123 35.00 16.91 -13.90
N VAL E 124 34.88 16.35 -12.71
CA VAL E 124 35.91 15.42 -12.22
C VAL E 124 35.90 14.15 -13.04
N ARG E 125 34.72 13.69 -13.45
CA ARG E 125 34.67 12.50 -14.28
C ARG E 125 35.34 12.74 -15.63
N ALA E 126 35.08 13.91 -16.23
CA ALA E 126 35.68 14.21 -17.53
C ALA E 126 37.18 14.26 -17.43
N SER E 127 37.69 14.99 -16.44
CA SER E 127 39.12 15.01 -16.14
C SER E 127 39.38 13.91 -15.13
N SER E 128 39.76 12.73 -15.61
CA SER E 128 39.94 11.61 -14.71
C SER E 128 41.18 11.84 -13.88
N ILE E 129 41.14 12.89 -13.05
CA ILE E 129 42.33 13.31 -12.33
C ILE E 129 42.68 12.33 -11.22
N PHE E 130 41.72 11.55 -10.74
CA PHE E 130 42.00 10.69 -9.60
C PHE E 130 42.68 9.39 -10.04
N PRO E 131 42.21 8.73 -11.09
CA PRO E 131 43.01 7.62 -11.64
C PRO E 131 44.38 8.05 -12.10
N ILE E 132 44.46 9.22 -12.73
CA ILE E 132 45.74 9.74 -13.18
C ILE E 132 46.62 10.04 -11.98
N LEU E 133 46.02 10.56 -10.91
CA LEU E 133 46.77 10.83 -9.68
C LEU E 133 47.27 9.54 -9.06
N SER E 134 46.46 8.50 -9.09
CA SER E 134 46.89 7.21 -8.58
C SER E 134 48.09 6.70 -9.36
N ALA E 135 48.04 6.81 -10.69
CA ALA E 135 49.17 6.37 -11.51
C ALA E 135 50.40 7.22 -11.22
N ILE E 136 50.22 8.54 -11.11
CA ILE E 136 51.34 9.44 -10.85
C ILE E 136 51.97 9.14 -9.51
N LEU E 137 51.15 8.92 -8.49
CA LEU E 137 51.66 8.60 -7.16
C LEU E 137 52.36 7.25 -7.17
N LEU E 138 51.84 6.29 -7.93
CA LEU E 138 52.52 5.00 -8.06
C LEU E 138 53.90 5.20 -8.67
N LEU E 139 53.97 6.00 -9.73
CA LEU E 139 55.26 6.25 -10.38
C LEU E 139 56.22 6.95 -9.43
N LEU E 140 55.74 7.97 -8.74
CA LEU E 140 56.60 8.73 -7.84
C LEU E 140 57.07 7.87 -6.68
N GLY E 141 56.20 7.00 -6.18
CA GLY E 141 56.59 6.08 -5.12
C GLY E 141 57.61 5.07 -5.59
N GLY E 142 57.46 4.55 -6.82
CA GLY E 142 58.46 3.67 -7.37
C GLY E 142 59.80 4.37 -7.53
N VAL E 143 59.77 5.63 -7.97
CA VAL E 143 60.98 6.42 -8.09
C VAL E 143 61.61 6.61 -6.71
N CYS E 144 60.78 6.84 -5.70
CA CYS E 144 61.29 7.01 -4.34
C CYS E 144 61.91 5.73 -3.82
N VAL E 145 61.30 4.59 -4.14
CA VAL E 145 61.88 3.30 -3.76
C VAL E 145 63.23 3.11 -4.43
N ALA E 146 63.31 3.43 -5.72
CA ALA E 146 64.59 3.32 -6.43
C ALA E 146 65.63 4.23 -5.81
N ALA E 147 65.24 5.47 -5.49
CA ALA E 147 66.15 6.42 -4.86
C ALA E 147 66.53 5.99 -3.45
N SER E 148 65.70 5.17 -2.79
CA SER E 148 66.06 4.62 -1.49
C SER E 148 66.97 3.40 -1.62
N ARG E 149 66.89 2.68 -2.73
CA ARG E 149 67.82 1.57 -2.96
C ARG E 149 69.25 2.08 -3.01
N VAL E 150 69.47 3.21 -3.67
CA VAL E 150 70.73 3.90 -3.64
C VAL E 150 70.63 5.03 -2.63
N TYR E 151 71.76 5.64 -2.29
CA TYR E 151 71.79 6.75 -1.35
C TYR E 151 71.04 6.38 -0.07
N LYS E 152 71.32 5.18 0.42
CA LYS E 152 70.59 4.62 1.55
C LYS E 152 71.07 5.30 2.85
N SER E 153 70.63 4.75 3.98
CA SER E 153 70.94 5.31 5.29
C SER E 153 70.21 6.64 5.51
N LYS E 154 69.06 6.78 4.86
CA LYS E 154 68.19 7.93 5.06
C LYS E 154 67.03 7.63 5.99
N ARG E 155 66.42 6.45 5.89
CA ARG E 155 65.36 6.01 6.79
C ARG E 155 64.19 6.98 6.79
N ASN E 156 64.00 7.70 5.69
CA ASN E 156 62.83 8.58 5.55
C ASN E 156 62.28 8.58 4.13
N ILE E 157 62.79 7.72 3.25
CA ILE E 157 62.40 7.72 1.84
C ILE E 157 61.34 6.67 1.56
N ILE E 158 61.61 5.42 1.95
CA ILE E 158 60.61 4.36 1.75
C ILE E 158 59.35 4.65 2.54
N LEU E 159 59.47 5.37 3.65
CA LEU E 159 58.28 5.82 4.35
C LEU E 159 57.41 6.66 3.43
N GLY E 160 58.01 7.65 2.77
CA GLY E 160 57.28 8.43 1.80
C GLY E 160 56.76 7.58 0.66
N ALA E 161 57.52 6.57 0.27
CA ALA E 161 57.08 5.68 -0.80
C ALA E 161 55.78 4.98 -0.41
N GLY E 162 55.73 4.44 0.81
CA GLY E 162 54.52 3.79 1.28
C GLY E 162 53.37 4.77 1.42
N ILE E 163 53.66 5.98 1.91
CA ILE E 163 52.63 7.01 1.97
C ILE E 163 52.03 7.25 0.59
N LEU E 164 52.90 7.36 -0.41
CA LEU E 164 52.44 7.61 -1.77
C LEU E 164 51.65 6.44 -2.32
N PHE E 165 52.07 5.22 -1.99
CA PHE E 165 51.34 4.04 -2.44
C PHE E 165 49.94 4.01 -1.85
N VAL E 166 49.82 4.29 -0.56
CA VAL E 166 48.51 4.34 0.08
C VAL E 166 47.66 5.45 -0.54
N ALA E 167 48.26 6.62 -0.76
CA ALA E 167 47.52 7.70 -1.38
C ALA E 167 47.05 7.33 -2.77
N ALA E 168 47.88 6.58 -3.51
CA ALA E 168 47.49 6.12 -4.83
C ALA E 168 46.32 5.15 -4.74
N GLY E 169 46.34 4.27 -3.74
CA GLY E 169 45.22 3.38 -3.55
C GLY E 169 43.94 4.14 -3.29
N LEU E 170 44.00 5.14 -2.40
CA LEU E 170 42.81 5.93 -2.11
C LEU E 170 42.35 6.70 -3.34
N SER E 171 43.31 7.21 -4.12
CA SER E 171 42.97 7.92 -5.34
C SER E 171 42.26 7.00 -6.33
N ASN E 172 42.74 5.77 -6.45
CA ASN E 172 42.08 4.82 -7.33
C ASN E 172 40.67 4.51 -6.85
N ILE E 173 40.51 4.36 -5.54
CA ILE E 173 39.17 4.11 -4.99
C ILE E 173 38.24 5.27 -5.31
N ILE E 174 38.73 6.49 -5.11
CA ILE E 174 37.91 7.67 -5.38
C ILE E 174 37.56 7.73 -6.86
N GLY E 175 38.53 7.46 -7.72
CA GLY E 175 38.26 7.51 -9.14
C GLY E 175 37.23 6.49 -9.56
N VAL E 176 37.33 5.28 -9.00
CA VAL E 176 36.35 4.24 -9.32
C VAL E 176 34.96 4.67 -8.87
N ILE E 177 34.86 5.17 -7.63
CA ILE E 177 33.57 5.62 -7.12
C ILE E 177 32.99 6.69 -8.03
N VAL E 178 33.81 7.67 -8.39
CA VAL E 178 33.34 8.78 -9.21
C VAL E 178 32.90 8.27 -10.57
N TYR E 179 33.69 7.38 -11.16
CA TYR E 179 33.35 6.86 -12.48
C TYR E 179 32.01 6.15 -12.46
N ILE E 180 31.80 5.31 -11.44
CA ILE E 180 30.56 4.55 -11.39
C ILE E 180 29.39 5.46 -11.10
N SER E 181 29.56 6.42 -10.18
CA SER E 181 28.48 7.31 -9.83
C SER E 181 28.06 8.16 -11.04
N ALA E 182 29.03 8.70 -11.77
CA ALA E 182 28.71 9.53 -12.92
C ALA E 182 28.16 8.70 -14.07
N ASN E 183 28.67 7.49 -14.24
CA ASN E 183 28.19 6.65 -15.34
C ASN E 183 26.72 6.36 -15.21
N ALA E 184 26.27 6.00 -14.01
CA ALA E 184 24.87 5.68 -13.79
C ALA E 184 24.02 6.94 -13.91
N GLY E 185 22.82 6.76 -14.46
CA GLY E 185 21.90 7.86 -14.64
C GLY E 185 20.51 7.40 -15.03
N LYS E 196 15.01 -2.09 -18.47
CA LYS E 196 16.34 -1.96 -17.90
C LYS E 196 17.40 -2.34 -18.93
N ASN E 197 18.50 -1.58 -18.96
CA ASN E 197 19.59 -1.81 -19.90
C ASN E 197 20.72 -2.52 -19.17
N HIS E 198 20.93 -3.79 -19.50
CA HIS E 198 21.99 -4.55 -18.89
C HIS E 198 23.35 -4.08 -19.40
N TYR E 199 24.37 -4.29 -18.59
CA TYR E 199 25.73 -3.92 -18.96
C TYR E 199 26.71 -4.73 -18.11
N SER E 200 27.98 -4.50 -18.34
CA SER E 200 29.03 -5.24 -17.65
C SER E 200 30.31 -4.42 -17.68
N TYR E 201 31.29 -4.88 -16.91
CA TYR E 201 32.55 -4.17 -16.75
C TYR E 201 33.66 -4.90 -17.49
N GLY E 202 34.42 -4.15 -18.28
CA GLY E 202 35.55 -4.71 -19.00
C GLY E 202 36.75 -4.91 -18.11
N TRP E 203 37.76 -5.57 -18.67
CA TRP E 203 38.94 -5.90 -17.89
C TRP E 203 39.79 -4.68 -17.58
N SER E 204 39.51 -3.52 -18.16
CA SER E 204 40.18 -2.30 -17.72
C SER E 204 39.82 -1.99 -16.27
N PHE E 205 38.55 -2.16 -15.92
CA PHE E 205 38.11 -1.94 -14.55
C PHE E 205 38.81 -2.89 -13.59
N TYR E 206 38.88 -4.16 -13.96
CA TYR E 206 39.56 -5.13 -13.11
C TYR E 206 41.05 -4.86 -13.05
N PHE E 207 41.63 -4.32 -14.12
CA PHE E 207 43.02 -3.90 -14.07
C PHE E 207 43.21 -2.78 -13.06
N GLY E 208 42.30 -1.82 -13.03
CA GLY E 208 42.36 -0.78 -12.02
C GLY E 208 42.22 -1.33 -10.61
N GLY E 209 41.33 -2.30 -10.43
CA GLY E 209 41.17 -2.93 -9.13
C GLY E 209 42.43 -3.67 -8.70
N LEU E 210 43.03 -4.41 -9.62
CA LEU E 210 44.29 -5.10 -9.32
C LEU E 210 45.38 -4.10 -8.99
N SER E 211 45.41 -2.97 -9.70
CA SER E 211 46.39 -1.93 -9.39
C SER E 211 46.19 -1.40 -7.99
N PHE E 212 44.94 -1.17 -7.59
CA PHE E 212 44.68 -0.73 -6.23
C PHE E 212 45.14 -1.75 -5.21
N ILE E 213 44.84 -3.02 -5.44
CA ILE E 213 45.23 -4.08 -4.51
C ILE E 213 46.75 -4.11 -4.38
N LEU E 214 47.44 -4.07 -5.51
CA LEU E 214 48.89 -4.08 -5.50
C LEU E 214 49.43 -2.85 -4.79
N ALA E 215 48.79 -1.69 -4.99
CA ALA E 215 49.24 -0.49 -4.31
C ALA E 215 49.14 -0.65 -2.80
N GLU E 216 48.03 -1.21 -2.32
CA GLU E 216 47.89 -1.41 -0.88
C GLU E 216 48.94 -2.39 -0.37
N VAL E 217 49.14 -3.49 -1.08
CA VAL E 217 50.12 -4.49 -0.65
C VAL E 217 51.51 -3.90 -0.65
N ILE E 218 51.83 -3.09 -1.65
CA ILE E 218 53.14 -2.48 -1.74
C ILE E 218 53.34 -1.46 -0.64
N GLY E 219 52.30 -0.70 -0.32
CA GLY E 219 52.40 0.24 0.78
C GLY E 219 52.71 -0.46 2.09
N VAL E 220 51.97 -1.54 2.36
CA VAL E 220 52.20 -2.26 3.61
C VAL E 220 53.59 -2.89 3.62
N LEU E 221 54.02 -3.46 2.48
CA LEU E 221 55.33 -4.07 2.44
C LEU E 221 56.44 -3.04 2.61
N ALA E 222 56.27 -1.88 1.98
CA ALA E 222 57.29 -0.83 2.09
C ALA E 222 57.38 -0.31 3.50
N VAL E 223 56.24 -0.10 4.16
CA VAL E 223 56.30 0.38 5.54
C VAL E 223 56.86 -0.70 6.45
N ASN E 224 56.58 -1.98 6.16
CA ASN E 224 57.19 -3.05 6.94
C ASN E 224 58.70 -3.05 6.77
N ILE E 225 59.17 -2.84 5.55
CA ILE E 225 60.61 -2.75 5.30
C ILE E 225 61.18 -1.57 6.07
N TYR E 226 60.49 -0.44 6.05
CA TYR E 226 60.96 0.73 6.77
C TYR E 226 61.07 0.46 8.26
N ILE E 227 60.05 -0.16 8.84
CA ILE E 227 60.07 -0.38 10.28
C ILE E 227 61.14 -1.39 10.64
N GLU E 228 61.34 -2.41 9.81
CA GLU E 228 62.43 -3.36 10.06
C GLU E 228 63.79 -2.67 10.00
N ARG E 229 64.01 -1.86 8.97
CA ARG E 229 65.31 -1.20 8.82
C ARG E 229 65.56 -0.22 9.95
N SER E 230 64.54 0.56 10.32
CA SER E 230 64.69 1.52 11.41
C SER E 230 64.73 0.85 12.77
N ARG E 231 64.31 -0.41 12.87
CA ARG E 231 64.47 -1.16 14.10
C ARG E 231 65.92 -1.51 14.37
N GLU E 232 66.79 -1.39 13.37
CA GLU E 232 68.22 -1.61 13.59
C GLU E 232 68.78 -0.60 14.58
N ALA E 233 68.40 0.66 14.44
CA ALA E 233 68.84 1.71 15.34
C ALA E 233 68.11 1.61 16.68
N VAL F 418 -50.01 -14.34 -11.48
CA VAL F 418 -48.61 -14.42 -11.11
C VAL F 418 -48.44 -14.85 -9.67
N THR F 419 -48.08 -16.10 -9.47
CA THR F 419 -47.81 -16.63 -8.15
C THR F 419 -46.31 -16.62 -7.89
N THR F 420 -45.93 -16.10 -6.73
CA THR F 420 -44.54 -16.07 -6.31
C THR F 420 -44.41 -16.66 -4.93
N ILE F 421 -43.21 -16.60 -4.35
CA ILE F 421 -42.97 -17.01 -2.98
C ILE F 421 -42.11 -15.94 -2.33
N LEU F 422 -42.16 -15.88 -1.01
CA LEU F 422 -41.44 -14.85 -0.27
C LEU F 422 -40.12 -15.45 0.24
N GLU F 423 -39.03 -15.00 -0.37
CA GLU F 423 -37.68 -15.40 0.01
C GLU F 423 -36.75 -14.30 -0.46
N SER F 424 -35.86 -13.85 0.42
CA SER F 424 -35.19 -12.61 0.16
C SER F 424 -33.81 -12.83 -0.44
N PRO F 425 -33.33 -11.92 -1.32
CA PRO F 425 -34.15 -10.89 -1.96
C PRO F 425 -34.75 -11.40 -3.26
N TYR F 426 -35.99 -11.79 -3.22
CA TYR F 426 -36.79 -11.98 -4.43
C TYR F 426 -38.18 -11.37 -4.30
N VAL F 427 -38.79 -11.49 -3.13
CA VAL F 427 -40.11 -10.94 -2.86
C VAL F 427 -40.12 -10.54 -1.40
N MET F 428 -40.23 -9.24 -1.15
CA MET F 428 -40.23 -8.74 0.22
C MET F 428 -41.22 -7.59 0.33
N MET F 429 -41.60 -7.30 1.56
CA MET F 429 -42.59 -6.26 1.82
C MET F 429 -41.94 -4.89 1.69
N LYS F 430 -42.48 -4.07 0.81
CA LYS F 430 -41.94 -2.73 0.61
C LYS F 430 -42.08 -1.92 1.89
N LYS F 431 -41.38 -0.79 1.94
CA LYS F 431 -41.50 0.11 3.07
C LYS F 431 -42.96 0.49 3.27
N ASN F 432 -43.41 0.44 4.53
CA ASN F 432 -44.82 0.61 4.86
C ASN F 432 -45.66 -0.47 4.17
N HIS F 433 -45.41 -1.71 4.58
CA HIS F 433 -46.12 -2.84 3.99
C HIS F 433 -47.63 -2.67 4.06
N GLU F 434 -48.13 -2.05 5.13
CA GLU F 434 -49.56 -1.79 5.27
C GLU F 434 -49.98 -0.45 4.70
N MET F 435 -49.11 0.56 4.74
CA MET F 435 -49.43 1.86 4.16
C MET F 435 -49.27 1.89 2.64
N LEU F 436 -48.56 0.92 2.07
CA LEU F 436 -48.40 0.81 0.62
C LEU F 436 -49.29 -0.32 0.12
N GLU F 437 -50.14 0.00 -0.86
CA GLU F 437 -51.12 -0.95 -1.38
C GLU F 437 -51.03 -0.99 -2.89
N GLY F 438 -51.32 -2.17 -3.45
CA GLY F 438 -51.25 -2.38 -4.88
C GLY F 438 -50.10 -3.31 -5.24
N ASN F 439 -49.46 -3.05 -6.38
CA ASN F 439 -48.28 -3.81 -6.76
C ASN F 439 -47.00 -3.20 -6.19
N GLU F 440 -47.08 -2.02 -5.59
CA GLU F 440 -45.93 -1.38 -4.97
C GLU F 440 -45.67 -1.89 -3.56
N ARG F 441 -46.56 -2.72 -3.01
CA ARG F 441 -46.37 -3.27 -1.68
C ARG F 441 -45.15 -4.18 -1.60
N TYR F 442 -44.64 -4.65 -2.74
CA TYR F 442 -43.55 -5.61 -2.77
C TYR F 442 -42.34 -5.01 -3.47
N GLU F 443 -41.17 -5.52 -3.11
CA GLU F 443 -39.92 -5.12 -3.74
C GLU F 443 -38.98 -6.31 -3.75
N GLY F 444 -38.11 -6.34 -4.74
CA GLY F 444 -37.14 -7.41 -4.87
C GLY F 444 -36.79 -7.68 -6.31
N TYR F 445 -36.00 -8.73 -6.49
CA TYR F 445 -35.48 -9.07 -7.80
C TYR F 445 -36.58 -9.62 -8.70
N CYS F 446 -37.36 -10.57 -8.19
CA CYS F 446 -38.40 -11.17 -9.01
C CYS F 446 -39.48 -10.17 -9.38
N VAL F 447 -39.69 -9.12 -8.58
CA VAL F 447 -40.66 -8.11 -8.96
C VAL F 447 -40.21 -7.39 -10.23
N ASP F 448 -38.95 -6.95 -10.24
CA ASP F 448 -38.41 -6.31 -11.44
C ASP F 448 -38.39 -7.28 -12.60
N LEU F 449 -38.10 -8.55 -12.34
CA LEU F 449 -38.08 -9.55 -13.40
C LEU F 449 -39.47 -9.73 -14.00
N ALA F 450 -40.50 -9.81 -13.16
CA ALA F 450 -41.85 -9.92 -13.67
C ALA F 450 -42.23 -8.69 -14.47
N ALA F 451 -41.82 -7.51 -14.02
CA ALA F 451 -42.10 -6.31 -14.77
C ALA F 451 -41.42 -6.34 -16.14
N GLU F 452 -40.16 -6.77 -16.18
CA GLU F 452 -39.45 -6.84 -17.45
C GLU F 452 -40.06 -7.89 -18.36
N ILE F 453 -40.52 -9.00 -17.81
CA ILE F 453 -41.15 -10.03 -18.61
C ILE F 453 -42.47 -9.54 -19.17
N ALA F 454 -43.21 -8.76 -18.37
CA ALA F 454 -44.47 -8.19 -18.85
C ALA F 454 -44.22 -7.17 -19.95
N LYS F 455 -43.17 -6.36 -19.81
CA LYS F 455 -42.87 -5.35 -20.81
C LYS F 455 -42.67 -5.95 -22.18
N HIS F 456 -42.44 -7.26 -22.29
CA HIS F 456 -42.35 -7.96 -23.55
C HIS F 456 -43.62 -8.75 -23.86
N CYS F 457 -44.07 -9.55 -22.89
CA CYS F 457 -45.32 -10.27 -23.05
C CYS F 457 -46.50 -9.31 -23.19
N GLY F 458 -46.47 -8.18 -22.48
CA GLY F 458 -47.57 -7.24 -22.51
C GLY F 458 -48.84 -7.84 -21.95
N PHE F 459 -48.73 -8.49 -20.80
CA PHE F 459 -49.86 -9.11 -20.12
C PHE F 459 -50.28 -8.25 -18.92
N LYS F 460 -51.38 -8.65 -18.30
CA LYS F 460 -51.89 -8.01 -17.10
C LYS F 460 -51.76 -9.00 -15.94
N TYR F 461 -51.10 -8.57 -14.87
CA TYR F 461 -50.81 -9.46 -13.76
C TYR F 461 -50.95 -8.70 -12.44
N LYS F 462 -51.19 -9.47 -11.38
CA LYS F 462 -51.23 -8.94 -10.03
C LYS F 462 -50.33 -9.78 -9.14
N LEU F 463 -49.45 -9.12 -8.39
CA LEU F 463 -48.54 -9.84 -7.51
C LEU F 463 -49.32 -10.71 -6.53
N THR F 464 -48.85 -11.93 -6.34
CA THR F 464 -49.51 -12.90 -5.48
C THR F 464 -48.45 -13.71 -4.75
N ILE F 465 -48.91 -14.50 -3.77
CA ILE F 465 -48.03 -15.32 -2.95
C ILE F 465 -48.66 -16.69 -2.75
N VAL F 466 -47.81 -17.70 -2.65
CA VAL F 466 -48.29 -19.06 -2.41
C VAL F 466 -48.88 -19.15 -1.01
N GLY F 467 -49.70 -20.17 -0.81
CA GLY F 467 -50.42 -20.34 0.44
C GLY F 467 -49.73 -21.28 1.42
N ASP F 468 -49.33 -22.45 0.93
CA ASP F 468 -48.74 -23.45 1.81
C ASP F 468 -47.47 -22.93 2.48
N GLY F 469 -46.66 -22.20 1.75
CA GLY F 469 -45.40 -21.69 2.25
C GLY F 469 -44.16 -22.34 1.67
N LYS F 470 -44.30 -23.18 0.64
CA LYS F 470 -43.17 -23.84 0.02
C LYS F 470 -43.23 -23.56 -1.48
N TYR F 471 -42.07 -23.66 -2.13
CA TYR F 471 -42.01 -23.45 -3.57
C TYR F 471 -42.87 -24.47 -4.29
N GLY F 472 -42.75 -25.73 -3.89
CA GLY F 472 -43.51 -26.79 -4.52
C GLY F 472 -42.83 -28.13 -4.40
N ALA F 473 -43.61 -29.19 -4.22
CA ALA F 473 -43.06 -30.52 -4.11
C ALA F 473 -44.18 -31.52 -4.27
N ARG F 474 -43.80 -32.77 -4.50
CA ARG F 474 -44.76 -33.87 -4.64
C ARG F 474 -45.15 -34.37 -3.27
N ASP F 475 -46.44 -34.36 -2.98
CA ASP F 475 -46.92 -34.81 -1.68
C ASP F 475 -46.52 -36.26 -1.45
N ALA F 476 -46.24 -36.59 -0.19
CA ALA F 476 -45.75 -37.93 0.13
C ALA F 476 -46.74 -39.00 -0.33
N ASP F 477 -48.02 -38.81 -0.03
CA ASP F 477 -49.06 -39.76 -0.41
C ASP F 477 -50.21 -39.11 -1.18
N THR F 478 -50.59 -37.88 -0.80
CA THR F 478 -51.67 -37.21 -1.52
C THR F 478 -51.29 -36.93 -2.98
N LYS F 479 -50.00 -36.74 -3.24
CA LYS F 479 -49.52 -36.41 -4.59
C LYS F 479 -50.14 -35.14 -5.12
N ILE F 480 -50.58 -34.26 -4.22
CA ILE F 480 -51.17 -32.98 -4.61
C ILE F 480 -50.06 -31.93 -4.60
N TRP F 481 -49.84 -31.29 -5.74
CA TRP F 481 -48.80 -30.28 -5.84
C TRP F 481 -49.14 -29.09 -4.95
N ASN F 482 -48.15 -28.65 -4.19
CA ASN F 482 -48.29 -27.54 -3.26
C ASN F 482 -47.44 -26.37 -3.74
N GLY F 483 -47.61 -25.23 -3.06
CA GLY F 483 -46.77 -24.09 -3.37
C GLY F 483 -47.04 -23.52 -4.76
N MET F 484 -45.99 -22.95 -5.35
CA MET F 484 -46.13 -22.32 -6.65
C MET F 484 -46.56 -23.33 -7.70
N VAL F 485 -45.95 -24.52 -7.68
CA VAL F 485 -46.30 -25.54 -8.66
C VAL F 485 -47.75 -25.98 -8.49
N GLY F 486 -48.20 -26.13 -7.24
CA GLY F 486 -49.58 -26.48 -7.01
C GLY F 486 -50.53 -25.43 -7.53
N GLU F 487 -50.23 -24.16 -7.26
CA GLU F 487 -51.08 -23.07 -7.73
C GLU F 487 -51.11 -23.02 -9.25
N LEU F 488 -49.97 -23.27 -9.89
CA LEU F 488 -49.89 -23.16 -11.34
C LEU F 488 -50.61 -24.32 -12.02
N VAL F 489 -50.40 -25.54 -11.53
CA VAL F 489 -50.97 -26.73 -12.15
C VAL F 489 -52.47 -26.87 -11.92
N TYR F 490 -53.04 -26.10 -11.00
CA TYR F 490 -54.46 -26.17 -10.68
C TYR F 490 -55.20 -24.90 -11.08
N GLY F 491 -54.62 -24.09 -11.95
CA GLY F 491 -55.28 -22.92 -12.47
C GLY F 491 -55.34 -21.74 -11.53
N LYS F 492 -54.79 -21.85 -10.32
CA LYS F 492 -54.83 -20.74 -9.39
C LYS F 492 -54.07 -19.54 -9.93
N ALA F 493 -52.94 -19.78 -10.59
CA ALA F 493 -52.12 -18.72 -11.16
C ALA F 493 -51.70 -19.10 -12.57
N ASP F 494 -51.30 -18.10 -13.34
CA ASP F 494 -50.92 -18.31 -14.73
C ASP F 494 -49.44 -18.62 -14.88
N ILE F 495 -48.58 -17.71 -14.41
CA ILE F 495 -47.14 -17.89 -14.46
C ILE F 495 -46.59 -17.79 -13.05
N ALA F 496 -45.36 -18.27 -12.87
CA ALA F 496 -44.68 -18.21 -11.59
C ALA F 496 -43.31 -17.56 -11.77
N ILE F 497 -42.92 -16.76 -10.79
CA ILE F 497 -41.63 -16.09 -10.82
C ILE F 497 -41.04 -16.18 -9.42
N ALA F 498 -40.14 -17.14 -9.21
CA ALA F 498 -39.55 -17.35 -7.91
C ALA F 498 -38.29 -18.17 -8.09
N PRO F 499 -37.43 -18.22 -7.08
CA PRO F 499 -36.24 -19.05 -7.19
C PRO F 499 -36.60 -20.53 -7.17
N LEU F 500 -37.18 -21.00 -8.26
CA LEU F 500 -37.53 -22.41 -8.43
C LEU F 500 -36.35 -23.18 -8.97
N THR F 501 -35.96 -24.23 -8.26
CA THR F 501 -34.89 -25.09 -8.72
C THR F 501 -35.41 -26.01 -9.80
N ILE F 502 -35.04 -25.73 -11.05
CA ILE F 502 -35.41 -26.59 -12.16
C ILE F 502 -35.00 -28.02 -11.83
N THR F 503 -35.90 -28.95 -12.08
CA THR F 503 -35.61 -30.36 -11.86
C THR F 503 -36.53 -31.22 -12.72
N LEU F 504 -36.19 -32.50 -12.79
CA LEU F 504 -36.92 -33.42 -13.65
C LEU F 504 -38.37 -33.56 -13.19
N VAL F 505 -38.58 -33.68 -11.88
CA VAL F 505 -39.91 -33.99 -11.37
C VAL F 505 -40.89 -32.91 -11.75
N ARG F 506 -40.50 -31.65 -11.57
CA ARG F 506 -41.36 -30.54 -11.99
C ARG F 506 -41.38 -30.36 -13.50
N GLU F 507 -40.28 -30.67 -14.19
CA GLU F 507 -40.29 -30.61 -15.64
C GLU F 507 -41.28 -31.59 -16.23
N GLU F 508 -41.65 -32.63 -15.48
CA GLU F 508 -42.60 -33.62 -16.00
C GLU F 508 -44.02 -33.07 -16.03
N VAL F 509 -44.35 -32.11 -15.17
CA VAL F 509 -45.73 -31.67 -15.00
C VAL F 509 -45.93 -30.27 -15.58
N ILE F 510 -44.84 -29.50 -15.67
CA ILE F 510 -44.91 -28.14 -16.19
C ILE F 510 -43.70 -27.89 -17.08
N ASP F 511 -43.79 -26.80 -17.84
CA ASP F 511 -42.75 -26.40 -18.78
C ASP F 511 -42.08 -25.15 -18.26
N PHE F 512 -40.80 -25.26 -17.93
CA PHE F 512 -40.02 -24.13 -17.46
C PHE F 512 -39.57 -23.29 -18.65
N SER F 513 -38.68 -22.35 -18.40
CA SER F 513 -37.97 -21.62 -19.42
C SER F 513 -36.48 -21.89 -19.26
N LYS F 514 -35.69 -21.26 -20.11
CA LYS F 514 -34.26 -21.34 -19.93
C LYS F 514 -33.90 -20.61 -18.63
N PRO F 515 -32.93 -21.10 -17.89
CA PRO F 515 -32.63 -20.50 -16.59
C PRO F 515 -32.30 -19.03 -16.72
N PHE F 516 -32.89 -18.24 -15.85
CA PHE F 516 -32.56 -16.83 -15.73
C PHE F 516 -31.52 -16.57 -14.66
N MET F 517 -31.06 -17.60 -13.97
CA MET F 517 -29.97 -17.45 -13.03
C MET F 517 -29.43 -18.84 -12.71
N SER F 518 -28.13 -19.01 -12.93
CA SER F 518 -27.45 -20.26 -12.65
C SER F 518 -26.74 -20.16 -11.30
N LEU F 519 -26.57 -21.32 -10.69
CA LEU F 519 -26.05 -21.38 -9.33
C LEU F 519 -25.57 -22.80 -9.06
N GLY F 520 -25.19 -23.04 -7.81
CA GLY F 520 -24.78 -24.35 -7.39
C GLY F 520 -24.41 -24.32 -5.92
N ILE F 521 -24.14 -25.50 -5.38
CA ILE F 521 -23.69 -25.60 -4.00
C ILE F 521 -22.35 -24.90 -3.86
N SER F 522 -22.19 -24.19 -2.74
CA SER F 522 -20.98 -23.45 -2.46
C SER F 522 -20.62 -23.68 -0.99
N ILE F 523 -19.65 -22.90 -0.50
CA ILE F 523 -19.15 -23.06 0.85
C ILE F 523 -19.17 -21.71 1.55
N MET F 524 -19.68 -21.72 2.78
CA MET F 524 -19.86 -20.54 3.60
C MET F 524 -19.07 -20.71 4.88
N ILE F 525 -18.28 -19.69 5.22
CA ILE F 525 -17.48 -19.71 6.44
C ILE F 525 -17.55 -18.35 7.10
N LYS F 526 -17.04 -18.28 8.32
CA LYS F 526 -16.89 -17.00 9.01
C LYS F 526 -15.72 -16.24 8.42
N LYS F 527 -15.91 -14.94 8.21
CA LYS F 527 -14.83 -14.13 7.67
C LYS F 527 -13.63 -14.20 8.62
N PRO F 528 -12.48 -14.67 8.15
CA PRO F 528 -11.35 -14.86 9.07
C PRO F 528 -10.90 -13.54 9.66
N GLN F 529 -10.58 -13.57 10.95
CA GLN F 529 -10.20 -12.39 11.71
C GLN F 529 -8.79 -12.57 12.25
N LYS F 530 -8.28 -11.51 12.89
CA LYS F 530 -6.95 -11.54 13.48
C LYS F 530 -6.98 -12.43 14.70
N SER F 531 -6.51 -13.67 14.54
CA SER F 531 -6.41 -14.59 15.66
C SER F 531 -5.49 -14.00 16.72
N LYS F 532 -5.85 -14.20 17.98
CA LYS F 532 -5.02 -13.71 19.05
C LYS F 532 -3.62 -14.31 18.89
N PRO F 533 -2.58 -13.49 18.89
CA PRO F 533 -1.24 -14.03 18.61
C PRO F 533 -0.86 -15.09 19.62
N GLY F 534 -0.44 -16.23 19.12
CA GLY F 534 -0.06 -17.33 19.97
C GLY F 534 1.31 -17.16 20.58
N VAL F 535 1.51 -17.84 21.70
CA VAL F 535 2.85 -17.90 22.28
C VAL F 535 3.80 -18.42 21.21
N PHE F 536 5.00 -17.86 21.19
CA PHE F 536 6.00 -18.18 20.17
C PHE F 536 5.60 -17.66 18.80
N SER F 537 4.80 -16.59 18.77
CA SER F 537 4.51 -15.91 17.52
C SER F 537 5.70 -15.12 17.01
N PHE F 538 6.71 -14.89 17.85
CA PHE F 538 7.88 -14.15 17.43
C PHE F 538 8.77 -14.93 16.49
N LEU F 539 8.50 -16.22 16.30
CA LEU F 539 9.22 -17.02 15.33
C LEU F 539 8.55 -17.05 13.97
N ASP F 540 7.37 -16.43 13.85
CA ASP F 540 6.69 -16.42 12.57
C ASP F 540 7.54 -15.88 11.43
N PRO F 541 8.36 -14.85 11.62
CA PRO F 541 9.11 -14.28 10.50
C PRO F 541 9.98 -15.29 9.78
N LEU F 542 10.50 -16.28 10.49
CA LEU F 542 11.40 -17.26 9.90
C LEU F 542 10.83 -18.65 10.05
N ALA F 543 10.99 -19.45 9.00
CA ALA F 543 10.49 -20.81 9.01
C ALA F 543 11.29 -21.67 9.98
N TYR F 544 10.63 -22.73 10.46
CA TYR F 544 11.27 -23.61 11.43
C TYR F 544 12.51 -24.29 10.85
N GLU F 545 12.51 -24.52 9.54
CA GLU F 545 13.72 -25.04 8.90
C GLU F 545 14.90 -24.12 9.16
N ILE F 546 14.68 -22.81 9.07
CA ILE F 546 15.77 -21.87 9.27
C ILE F 546 16.24 -21.91 10.72
N TRP F 547 15.31 -21.98 11.68
CA TRP F 547 15.72 -22.04 13.07
C TRP F 547 16.54 -23.28 13.36
N MET F 548 16.09 -24.43 12.83
CA MET F 548 16.84 -25.67 13.05
C MET F 548 18.23 -25.57 12.42
N CYS F 549 18.31 -25.02 11.21
CA CYS F 549 19.61 -24.86 10.57
C CYS F 549 20.49 -23.90 11.35
N ILE F 550 19.90 -22.87 11.95
CA ILE F 550 20.68 -21.93 12.75
C ILE F 550 21.27 -22.64 13.96
N VAL F 551 20.47 -23.45 14.64
CA VAL F 551 20.99 -24.17 15.79
C VAL F 551 22.10 -25.13 15.36
N PHE F 552 21.87 -25.85 14.27
CA PHE F 552 22.87 -26.80 13.79
C PHE F 552 24.16 -26.10 13.42
N ALA F 553 24.06 -24.95 12.75
CA ALA F 553 25.25 -24.20 12.37
C ALA F 553 25.96 -23.65 13.59
N TYR F 554 25.21 -23.20 14.59
CA TYR F 554 25.83 -22.74 15.83
C TYR F 554 26.66 -23.85 16.46
N ILE F 555 26.06 -25.03 16.59
CA ILE F 555 26.78 -26.17 17.17
C ILE F 555 28.00 -26.49 16.32
N GLY F 556 27.83 -26.54 15.01
CA GLY F 556 28.92 -26.94 14.14
C GLY F 556 30.08 -25.96 14.20
N VAL F 557 29.78 -24.67 14.18
CA VAL F 557 30.85 -23.67 14.21
C VAL F 557 31.55 -23.69 15.56
N SER F 558 30.79 -23.87 16.64
CA SER F 558 31.42 -23.98 17.95
C SER F 558 32.38 -25.16 17.99
N VAL F 559 31.93 -26.30 17.47
CA VAL F 559 32.77 -27.50 17.48
C VAL F 559 34.01 -27.29 16.62
N VAL F 560 33.84 -26.72 15.43
CA VAL F 560 34.98 -26.52 14.54
C VAL F 560 35.98 -25.58 15.18
N LEU F 561 35.50 -24.51 15.81
CA LEU F 561 36.39 -23.59 16.48
C LEU F 561 37.14 -24.28 17.61
N PHE F 562 36.43 -25.13 18.36
CA PHE F 562 37.07 -25.86 19.45
C PHE F 562 38.17 -26.78 18.93
N LEU F 563 37.88 -27.51 17.86
CA LEU F 563 38.89 -28.39 17.27
C LEU F 563 40.10 -27.59 16.84
N VAL F 564 39.87 -26.52 16.07
CA VAL F 564 40.98 -25.74 15.55
C VAL F 564 41.81 -25.17 16.69
N SER F 565 41.16 -24.65 17.72
CA SER F 565 41.87 -24.07 18.84
C SER F 565 42.68 -25.12 19.59
N ARG F 566 42.10 -26.31 19.81
CA ARG F 566 42.79 -27.32 20.60
C ARG F 566 43.96 -27.91 19.84
N PHE F 567 43.81 -28.12 18.54
CA PHE F 567 44.84 -28.79 17.75
C PHE F 567 45.89 -27.83 17.22
N SER F 568 45.56 -26.56 17.08
CA SER F 568 46.51 -25.53 16.67
C SER F 568 46.41 -24.39 17.68
N PRO F 569 46.96 -24.58 18.88
CA PRO F 569 46.75 -23.59 19.94
C PRO F 569 47.33 -22.23 19.63
N TYR F 570 48.22 -22.12 18.65
CA TYR F 570 48.83 -20.84 18.29
C TYR F 570 49.61 -20.29 19.48
N GLU F 591 41.84 -19.33 26.78
CA GLU F 591 41.92 -20.49 25.89
C GLU F 591 40.52 -20.91 25.43
N PHE F 592 40.40 -21.27 24.16
CA PHE F 592 39.11 -21.63 23.58
C PHE F 592 38.83 -23.10 23.84
N GLY F 593 38.24 -23.38 25.00
CA GLY F 593 37.69 -24.68 25.26
C GLY F 593 36.34 -24.85 24.61
N ILE F 594 35.78 -26.05 24.78
CA ILE F 594 34.45 -26.32 24.24
C ILE F 594 33.44 -25.35 24.81
N PHE F 595 33.45 -25.18 26.14
CA PHE F 595 32.49 -24.30 26.78
C PHE F 595 32.70 -22.86 26.35
N ASN F 596 33.95 -22.41 26.35
CA ASN F 596 34.23 -21.03 25.94
C ASN F 596 33.93 -20.84 24.46
N SER F 597 34.18 -21.86 23.64
CA SER F 597 33.83 -21.76 22.23
C SER F 597 32.33 -21.56 22.05
N LEU F 598 31.53 -22.34 22.78
CA LEU F 598 30.09 -22.18 22.71
C LEU F 598 29.68 -20.80 23.17
N TRP F 599 30.30 -20.32 24.25
CA TRP F 599 29.97 -18.99 24.76
C TRP F 599 30.28 -17.92 23.72
N PHE F 600 31.44 -18.04 23.07
CA PHE F 600 31.83 -17.06 22.06
C PHE F 600 30.85 -17.07 20.91
N SER F 601 30.51 -18.25 20.41
CA SER F 601 29.58 -18.33 19.29
C SER F 601 28.22 -17.76 19.65
N LEU F 602 27.72 -18.08 20.85
CA LEU F 602 26.42 -17.59 21.25
C LEU F 602 26.42 -16.08 21.40
N GLY F 603 27.46 -15.52 22.03
CA GLY F 603 27.56 -14.08 22.15
C GLY F 603 27.77 -13.40 20.82
N ALA F 604 28.29 -14.12 19.84
CA ALA F 604 28.41 -13.58 18.50
C ALA F 604 27.07 -13.53 17.80
N PHE F 605 26.27 -14.59 17.95
CA PHE F 605 24.98 -14.62 17.28
C PHE F 605 24.01 -13.60 17.84
N MET F 606 24.31 -13.01 18.99
CA MET F 606 23.40 -12.08 19.63
C MET F 606 23.98 -10.68 19.67
N ARG F 607 24.99 -10.42 18.84
CA ARG F 607 25.54 -9.08 18.66
C ARG F 607 25.99 -8.48 19.99
N GLN F 608 26.57 -9.32 20.83
CA GLN F 608 27.07 -8.90 22.12
C GLN F 608 28.59 -9.03 22.17
N GLY F 609 29.19 -8.32 23.11
CA GLY F 609 30.63 -8.35 23.24
C GLY F 609 31.14 -9.73 23.60
N CYS F 610 32.33 -10.04 23.09
CA CYS F 610 33.00 -11.30 23.34
C CYS F 610 34.26 -11.03 24.14
N ASP F 611 34.38 -11.71 25.29
CA ASP F 611 35.55 -11.50 26.13
C ASP F 611 36.83 -11.99 25.46
N ILE F 612 36.74 -13.07 24.70
CA ILE F 612 37.89 -13.67 24.04
C ILE F 612 37.67 -13.63 22.53
N SER F 613 38.73 -13.38 21.79
CA SER F 613 38.69 -13.43 20.34
C SER F 613 39.82 -14.29 19.83
N PRO F 614 39.57 -15.14 18.84
CA PRO F 614 40.63 -16.04 18.36
C PRO F 614 41.82 -15.27 17.84
N ARG F 615 43.01 -15.73 18.22
CA ARG F 615 44.26 -15.19 17.72
C ARG F 615 44.84 -16.03 16.59
N SER F 616 44.27 -17.19 16.31
CA SER F 616 44.71 -18.04 15.22
C SER F 616 43.96 -17.72 13.95
N LEU F 617 44.68 -17.78 12.83
CA LEU F 617 44.07 -17.38 11.56
C LEU F 617 42.82 -18.18 11.27
N SER F 618 42.85 -19.48 11.53
CA SER F 618 41.67 -20.30 11.30
C SER F 618 40.52 -19.89 12.21
N GLY F 619 40.83 -19.62 13.47
CA GLY F 619 39.81 -19.11 14.36
C GLY F 619 39.22 -17.81 13.88
N ARG F 620 40.07 -16.93 13.33
CA ARG F 620 39.59 -15.66 12.80
C ARG F 620 38.69 -15.89 11.59
N ILE F 621 39.04 -16.86 10.75
CA ILE F 621 38.19 -17.23 9.62
C ILE F 621 36.81 -17.61 10.12
N VAL F 622 36.78 -18.51 11.10
CA VAL F 622 35.51 -19.00 11.62
C VAL F 622 34.71 -17.86 12.22
N GLY F 623 35.37 -17.00 12.99
CA GLY F 623 34.67 -15.92 13.63
C GLY F 623 34.07 -14.95 12.63
N GLY F 624 34.84 -14.57 11.61
CA GLY F 624 34.31 -13.66 10.61
C GLY F 624 33.14 -14.24 9.85
N VAL F 625 33.23 -15.52 9.50
CA VAL F 625 32.13 -16.17 8.80
C VAL F 625 30.88 -16.20 9.67
N TRP F 626 31.04 -16.57 10.94
CA TRP F 626 29.91 -16.57 11.86
C TRP F 626 29.32 -15.17 11.97
N TRP F 627 30.18 -14.16 12.01
CA TRP F 627 29.70 -12.78 12.13
C TRP F 627 28.84 -12.40 10.94
N PHE F 628 29.31 -12.73 9.73
CA PHE F 628 28.51 -12.46 8.54
C PHE F 628 27.16 -13.16 8.62
N PHE F 629 27.17 -14.42 9.02
CA PHE F 629 25.93 -15.18 9.09
C PHE F 629 24.95 -14.53 10.06
N THR F 630 25.44 -14.12 11.22
CA THR F 630 24.58 -13.51 12.22
C THR F 630 23.99 -12.21 11.70
N LEU F 631 24.84 -11.37 11.11
CA LEU F 631 24.37 -10.09 10.61
C LEU F 631 23.24 -10.29 9.61
N ILE F 632 23.48 -11.16 8.62
CA ILE F 632 22.48 -11.36 7.58
C ILE F 632 21.20 -11.90 8.19
N ILE F 633 21.32 -12.89 9.07
CA ILE F 633 20.14 -13.54 9.61
C ILE F 633 19.30 -12.56 10.41
N ILE F 634 19.94 -11.77 11.25
CA ILE F 634 19.19 -10.85 12.09
C ILE F 634 18.55 -9.77 11.25
N SER F 635 19.26 -9.24 10.26
CA SER F 635 18.66 -8.22 9.41
C SER F 635 17.45 -8.79 8.68
N SER F 636 17.56 -10.02 8.19
CA SER F 636 16.43 -10.64 7.51
C SER F 636 15.26 -10.83 8.46
N TYR F 637 15.54 -11.25 9.69
CA TYR F 637 14.47 -11.41 10.66
C TYR F 637 13.74 -10.10 10.89
N THR F 638 14.49 -9.05 11.16
CA THR F 638 13.86 -7.76 11.43
C THR F 638 13.05 -7.27 10.25
N ALA F 639 13.61 -7.40 9.04
CA ALA F 639 12.90 -6.93 7.86
C ALA F 639 11.61 -7.70 7.63
N ASN F 640 11.66 -9.02 7.76
CA ASN F 640 10.45 -9.81 7.54
C ASN F 640 9.41 -9.51 8.61
N LEU F 641 9.85 -9.27 9.84
CA LEU F 641 8.91 -8.89 10.88
C LEU F 641 8.25 -7.56 10.56
N ALA F 642 9.03 -6.61 10.06
CA ALA F 642 8.44 -5.33 9.66
C ALA F 642 7.41 -5.52 8.56
N ALA F 643 7.72 -6.38 7.60
CA ALA F 643 6.76 -6.67 6.54
C ALA F 643 5.49 -7.28 7.11
N PHE F 644 5.63 -8.21 8.05
CA PHE F 644 4.46 -8.82 8.66
C PHE F 644 3.61 -7.76 9.35
N LEU F 645 4.24 -6.86 10.08
CA LEU F 645 3.52 -5.87 10.86
C LEU F 645 2.93 -4.77 9.99
N THR F 646 3.47 -4.58 8.80
CA THR F 646 3.04 -3.46 7.97
C THR F 646 1.73 -3.76 7.25
N VAL F 647 1.67 -4.91 6.60
CA VAL F 647 0.51 -5.31 5.82
C VAL F 647 -0.08 -6.58 6.42
N GLU F 648 -1.38 -6.58 6.63
CA GLU F 648 -2.09 -7.74 7.15
C GLU F 648 -2.66 -8.54 5.99
N ARG F 649 -2.54 -9.85 6.09
CA ARG F 649 -3.05 -10.75 5.06
C ARG F 649 -3.77 -11.90 5.76
N MET F 650 -5.09 -11.80 5.86
CA MET F 650 -5.90 -12.84 6.46
C MET F 650 -6.22 -13.87 5.39
N VAL F 651 -5.71 -15.08 5.55
CA VAL F 651 -5.81 -16.12 4.52
C VAL F 651 -6.77 -17.18 5.03
N SER F 652 -7.77 -17.50 4.23
CA SER F 652 -8.71 -18.53 4.60
C SER F 652 -8.02 -19.89 4.64
N PRO F 653 -8.34 -20.73 5.63
CA PRO F 653 -7.69 -22.03 5.72
C PRO F 653 -8.07 -22.98 4.60
N ILE F 654 -9.18 -22.73 3.90
CA ILE F 654 -9.70 -23.62 2.87
C ILE F 654 -9.89 -22.83 1.59
N GLU F 655 -9.57 -23.46 0.46
CA GLU F 655 -9.71 -22.84 -0.84
C GLU F 655 -10.74 -23.50 -1.73
N SER F 656 -11.27 -24.66 -1.34
CA SER F 656 -12.23 -25.38 -2.15
C SER F 656 -12.81 -26.52 -1.34
N ALA F 657 -13.68 -27.32 -1.96
CA ALA F 657 -14.30 -28.44 -1.27
C ALA F 657 -13.26 -29.48 -0.87
N GLU F 658 -12.36 -29.84 -1.80
CA GLU F 658 -11.31 -30.79 -1.47
C GLU F 658 -10.45 -30.28 -0.34
N ASP F 659 -10.33 -28.96 -0.20
CA ASP F 659 -9.49 -28.39 0.85
C ASP F 659 -9.97 -28.81 2.23
N LEU F 660 -11.27 -28.72 2.48
CA LEU F 660 -11.83 -29.11 3.77
C LEU F 660 -12.27 -30.56 3.79
N SER F 661 -12.27 -31.24 2.65
CA SER F 661 -12.53 -32.67 2.66
C SER F 661 -11.44 -33.44 3.39
N LYS F 662 -10.26 -32.83 3.52
CA LYS F 662 -9.15 -33.42 4.25
C LYS F 662 -8.81 -32.65 5.52
N GLN F 663 -9.48 -31.51 5.76
CA GLN F 663 -9.18 -30.73 6.95
C GLN F 663 -9.44 -31.54 8.21
N THR F 664 -10.58 -32.21 8.27
CA THR F 664 -10.98 -33.06 9.39
C THR F 664 -11.02 -32.30 10.71
N GLU F 665 -10.93 -30.97 10.66
CA GLU F 665 -10.94 -30.13 11.85
C GLU F 665 -12.16 -29.25 11.93
N ILE F 666 -12.62 -28.72 10.80
CA ILE F 666 -13.76 -27.83 10.76
C ILE F 666 -14.99 -28.65 10.41
N ALA F 667 -16.00 -28.59 11.27
CA ALA F 667 -17.25 -29.25 10.98
C ALA F 667 -17.92 -28.62 9.76
N TYR F 668 -18.59 -29.44 8.96
CA TYR F 668 -19.33 -28.91 7.83
C TYR F 668 -20.52 -29.82 7.57
N GLY F 669 -21.70 -29.23 7.50
CA GLY F 669 -22.90 -30.01 7.27
C GLY F 669 -23.98 -29.15 6.63
N THR F 670 -24.81 -29.81 5.84
CA THR F 670 -25.91 -29.15 5.16
C THR F 670 -27.14 -29.18 6.05
N LEU F 671 -28.31 -28.87 5.47
CA LEU F 671 -29.56 -29.04 6.18
C LEU F 671 -29.76 -30.51 6.53
N ASP F 672 -30.35 -30.75 7.70
CA ASP F 672 -30.61 -32.13 8.12
C ASP F 672 -31.35 -32.89 7.03
N SER F 673 -32.32 -32.26 6.40
CA SER F 673 -33.05 -32.85 5.28
C SER F 673 -33.25 -31.78 4.23
N GLY F 674 -32.75 -32.02 3.02
CA GLY F 674 -32.83 -31.04 1.97
C GLY F 674 -32.21 -31.55 0.70
N SER F 675 -32.21 -30.69 -0.31
CA SER F 675 -31.69 -31.08 -1.62
C SER F 675 -30.21 -31.40 -1.56
N THR F 676 -29.43 -30.59 -0.84
CA THR F 676 -27.99 -30.82 -0.78
C THR F 676 -27.67 -32.15 -0.11
N LYS F 677 -28.43 -32.50 0.93
CA LYS F 677 -28.21 -33.78 1.58
C LYS F 677 -28.42 -34.92 0.60
N GLU F 678 -29.47 -34.86 -0.20
CA GLU F 678 -29.71 -35.89 -1.19
C GLU F 678 -28.60 -35.91 -2.23
N PHE F 679 -28.16 -34.73 -2.66
CA PHE F 679 -27.11 -34.66 -3.67
C PHE F 679 -25.84 -35.33 -3.19
N PHE F 680 -25.43 -35.04 -1.96
CA PHE F 680 -24.28 -35.73 -1.41
C PHE F 680 -24.55 -37.22 -1.27
N ARG F 681 -25.76 -37.57 -0.84
CA ARG F 681 -26.13 -38.97 -0.70
C ARG F 681 -26.11 -39.68 -2.04
N ARG F 682 -26.68 -39.05 -3.07
CA ARG F 682 -26.80 -39.66 -4.38
C ARG F 682 -25.57 -39.43 -5.24
N SER F 683 -24.47 -39.00 -4.64
CA SER F 683 -23.26 -38.73 -5.40
C SER F 683 -22.56 -40.02 -5.78
N LYS F 684 -21.86 -39.96 -6.91
CA LYS F 684 -21.05 -41.08 -7.39
C LYS F 684 -19.58 -40.73 -7.48
N ILE F 685 -19.20 -39.50 -7.14
CA ILE F 685 -17.82 -39.05 -7.22
C ILE F 685 -17.20 -39.14 -5.82
N ALA F 686 -15.99 -39.68 -5.75
CA ALA F 686 -15.45 -40.14 -4.48
C ALA F 686 -15.08 -39.00 -3.55
N VAL F 687 -14.64 -37.86 -4.10
CA VAL F 687 -14.25 -36.75 -3.23
C VAL F 687 -15.45 -36.29 -2.40
N PHE F 688 -16.62 -36.22 -3.01
CA PHE F 688 -17.83 -35.93 -2.26
C PHE F 688 -18.32 -37.15 -1.49
N ASP F 689 -17.95 -38.35 -1.91
CA ASP F 689 -18.32 -39.54 -1.15
C ASP F 689 -17.66 -39.52 0.22
N LYS F 690 -16.40 -39.10 0.29
CA LYS F 690 -15.71 -39.01 1.57
C LYS F 690 -16.38 -37.98 2.48
N MET F 691 -16.75 -36.83 1.91
CA MET F 691 -17.44 -35.82 2.70
C MET F 691 -18.79 -36.33 3.19
N TRP F 692 -19.49 -37.09 2.34
CA TRP F 692 -20.77 -37.64 2.74
C TRP F 692 -20.60 -38.63 3.88
N THR F 693 -19.59 -39.50 3.78
CA THR F 693 -19.33 -40.44 4.86
C THR F 693 -19.00 -39.71 6.15
N TYR F 694 -18.18 -38.66 6.06
CA TYR F 694 -17.84 -37.87 7.24
C TYR F 694 -19.10 -37.28 7.86
N MET F 695 -19.98 -36.73 7.04
CA MET F 695 -21.23 -36.19 7.55
C MET F 695 -22.12 -37.28 8.13
N ARG F 696 -22.00 -38.51 7.63
CA ARG F 696 -22.79 -39.61 8.18
C ARG F 696 -22.36 -39.92 9.60
N SER F 697 -21.05 -40.08 9.83
CA SER F 697 -20.51 -40.30 11.17
C SER F 697 -20.30 -38.95 11.83
N ALA F 698 -21.40 -38.38 12.32
CA ALA F 698 -21.39 -37.05 12.92
C ALA F 698 -21.68 -37.17 14.41
N GLU F 699 -20.90 -36.46 15.22
CA GLU F 699 -21.03 -36.51 16.67
C GLU F 699 -20.51 -35.19 17.23
N PRO F 700 -21.40 -34.21 17.46
CA PRO F 700 -22.84 -34.24 17.24
C PRO F 700 -23.20 -34.23 15.76
N SER F 701 -24.48 -34.44 15.46
CA SER F 701 -24.94 -34.38 14.08
C SER F 701 -24.61 -33.02 13.49
N VAL F 702 -23.82 -33.01 12.42
CA VAL F 702 -23.43 -31.76 11.77
C VAL F 702 -24.52 -31.45 10.75
N PHE F 703 -25.62 -30.90 11.25
CA PHE F 703 -26.79 -30.60 10.44
C PHE F 703 -27.60 -29.55 11.17
N VAL F 704 -28.51 -28.92 10.44
CA VAL F 704 -29.39 -27.90 10.99
C VAL F 704 -30.80 -28.17 10.48
N ARG F 705 -31.75 -27.42 11.03
CA ARG F 705 -33.15 -27.51 10.62
C ARG F 705 -33.58 -26.33 9.76
N THR F 706 -32.83 -25.23 9.77
CA THR F 706 -33.19 -24.04 9.00
C THR F 706 -31.93 -23.32 8.58
N THR F 707 -32.05 -22.56 7.48
CA THR F 707 -30.90 -21.82 6.98
C THR F 707 -30.43 -20.78 7.99
N ALA F 708 -31.37 -20.07 8.62
CA ALA F 708 -30.99 -19.14 9.66
C ALA F 708 -30.24 -19.87 10.77
N GLU F 709 -30.62 -21.12 11.04
CA GLU F 709 -29.89 -21.91 12.02
C GLU F 709 -28.45 -22.11 11.60
N GLY F 710 -28.23 -22.45 10.34
CA GLY F 710 -26.87 -22.64 9.86
C GLY F 710 -26.07 -21.35 9.91
N VAL F 711 -26.69 -20.24 9.53
CA VAL F 711 -25.99 -18.95 9.56
C VAL F 711 -25.57 -18.62 10.99
N ALA F 712 -26.51 -18.77 11.94
CA ALA F 712 -26.18 -18.46 13.33
C ALA F 712 -25.09 -19.39 13.84
N ARG F 713 -25.15 -20.67 13.47
CA ARG F 713 -24.15 -21.62 13.93
C ARG F 713 -22.77 -21.23 13.43
N VAL F 714 -22.64 -20.97 12.13
CA VAL F 714 -21.34 -20.62 11.59
C VAL F 714 -20.86 -19.30 12.16
N ARG F 715 -21.78 -18.35 12.40
CA ARG F 715 -21.37 -17.07 12.96
C ARG F 715 -20.89 -17.22 14.39
N LYS F 716 -21.48 -18.15 15.15
CA LYS F 716 -21.14 -18.37 16.54
C LYS F 716 -20.21 -19.56 16.76
N SER F 717 -19.84 -20.27 15.70
CA SER F 717 -18.92 -21.39 15.85
C SER F 717 -17.46 -20.95 15.89
N LYS F 718 -17.19 -19.66 15.71
CA LYS F 718 -15.83 -19.12 15.78
C LYS F 718 -14.89 -19.91 14.88
N GLY F 719 -15.24 -19.94 13.60
CA GLY F 719 -14.41 -20.60 12.61
C GLY F 719 -14.23 -22.09 12.83
N LYS F 720 -15.28 -22.77 13.29
CA LYS F 720 -15.25 -24.21 13.44
C LYS F 720 -16.33 -24.93 12.63
N TYR F 721 -17.25 -24.20 12.00
CA TYR F 721 -18.30 -24.81 11.20
C TYR F 721 -18.36 -24.12 9.84
N ALA F 722 -18.58 -24.92 8.81
CA ALA F 722 -18.72 -24.44 7.44
C ALA F 722 -20.03 -24.96 6.87
N TYR F 723 -20.82 -24.07 6.28
CA TYR F 723 -22.16 -24.42 5.81
C TYR F 723 -22.18 -24.49 4.28
N LEU F 724 -22.81 -25.53 3.75
CA LEU F 724 -22.96 -25.69 2.31
C LEU F 724 -24.39 -25.37 1.92
N LEU F 725 -24.54 -24.41 1.01
CA LEU F 725 -25.85 -23.96 0.58
C LEU F 725 -25.72 -23.40 -0.83
N GLU F 726 -26.84 -22.89 -1.34
CA GLU F 726 -26.88 -22.36 -2.69
C GLU F 726 -26.07 -21.07 -2.78
N SER F 727 -25.29 -20.96 -3.86
CA SER F 727 -24.37 -19.84 -4.00
C SER F 727 -25.09 -18.51 -4.02
N THR F 728 -26.34 -18.50 -4.46
CA THR F 728 -27.10 -17.25 -4.46
C THR F 728 -27.32 -16.76 -3.04
N MET F 729 -27.79 -17.65 -2.17
CA MET F 729 -28.03 -17.27 -0.78
C MET F 729 -26.72 -16.90 -0.10
N ASN F 730 -25.64 -17.56 -0.47
CA ASN F 730 -24.36 -17.30 0.16
C ASN F 730 -23.84 -15.91 -0.23
N GLU F 731 -23.88 -15.61 -1.53
CA GLU F 731 -23.50 -14.27 -1.97
C GLU F 731 -24.41 -13.22 -1.39
N TYR F 732 -25.69 -13.57 -1.18
CA TYR F 732 -26.61 -12.67 -0.52
C TYR F 732 -26.18 -12.37 0.91
N ILE F 733 -25.88 -13.41 1.67
CA ILE F 733 -25.52 -13.23 3.06
C ILE F 733 -24.20 -12.49 3.19
N GLU F 734 -23.25 -12.75 2.30
CA GLU F 734 -21.97 -12.07 2.37
C GLU F 734 -22.10 -10.56 2.21
N GLN F 735 -23.26 -10.07 1.76
CA GLN F 735 -23.49 -8.65 1.58
C GLN F 735 -24.46 -8.06 2.59
N ARG F 736 -24.84 -8.81 3.62
CA ARG F 736 -25.73 -8.34 4.66
C ARG F 736 -25.02 -8.29 6.00
N LYS F 737 -25.39 -7.28 6.79
CA LYS F 737 -24.76 -7.06 8.07
C LYS F 737 -24.97 -8.27 8.97
N PRO F 738 -24.02 -8.56 9.87
CA PRO F 738 -22.85 -7.74 10.14
C PRO F 738 -21.67 -8.00 9.21
N CYS F 739 -21.90 -8.76 8.13
CA CYS F 739 -20.84 -9.15 7.21
C CYS F 739 -19.74 -9.92 7.94
N ASP F 740 -20.17 -10.95 8.67
CA ASP F 740 -19.28 -11.78 9.46
C ASP F 740 -18.98 -13.11 8.78
N THR F 741 -19.25 -13.21 7.48
CA THR F 741 -19.09 -14.46 6.76
C THR F 741 -18.71 -14.19 5.32
N MET F 742 -18.23 -15.24 4.67
CA MET F 742 -17.74 -15.16 3.30
C MET F 742 -18.04 -16.46 2.58
N LYS F 743 -18.02 -16.37 1.25
CA LYS F 743 -18.15 -17.50 0.35
C LYS F 743 -16.77 -17.88 -0.14
N VAL F 744 -16.46 -19.16 -0.07
CA VAL F 744 -15.15 -19.66 -0.46
C VAL F 744 -15.32 -20.79 -1.45
N GLY F 745 -14.32 -20.96 -2.28
CA GLY F 745 -14.33 -22.01 -3.26
C GLY F 745 -15.23 -21.69 -4.44
N GLY F 746 -15.51 -22.75 -5.21
CA GLY F 746 -16.35 -22.65 -6.38
C GLY F 746 -17.52 -23.61 -6.27
N ASN F 747 -18.46 -23.45 -7.21
CA ASN F 747 -19.65 -24.27 -7.20
C ASN F 747 -19.30 -25.73 -7.41
N LEU F 748 -19.98 -26.60 -6.66
CA LEU F 748 -19.79 -28.04 -6.75
C LEU F 748 -20.74 -28.70 -7.74
N ASP F 749 -22.00 -28.31 -7.69
CA ASP F 749 -23.00 -28.75 -8.65
C ASP F 749 -23.46 -27.54 -9.45
N SER F 750 -24.42 -27.76 -10.35
CA SER F 750 -24.97 -26.66 -11.13
C SER F 750 -26.47 -26.86 -11.25
N LYS F 751 -27.20 -25.77 -11.05
CA LYS F 751 -28.64 -25.78 -11.17
C LYS F 751 -29.06 -24.52 -11.89
N GLY F 752 -30.35 -24.24 -11.89
CA GLY F 752 -30.85 -23.03 -12.48
C GLY F 752 -32.23 -22.71 -11.97
N TYR F 753 -32.51 -21.42 -11.90
CA TYR F 753 -33.84 -20.92 -11.60
C TYR F 753 -34.51 -20.53 -12.90
N GLY F 754 -35.77 -20.90 -13.02
CA GLY F 754 -36.49 -20.68 -14.26
C GLY F 754 -37.94 -20.37 -14.02
N ILE F 755 -38.50 -19.55 -14.91
CA ILE F 755 -39.93 -19.34 -14.91
C ILE F 755 -40.62 -20.69 -15.05
N ALA F 756 -41.84 -20.75 -14.56
CA ALA F 756 -42.66 -21.94 -14.67
C ALA F 756 -43.96 -21.60 -15.37
N THR F 757 -44.59 -22.63 -15.90
CA THR F 757 -45.81 -22.44 -16.66
C THR F 757 -46.52 -23.78 -16.82
N PRO F 758 -47.83 -23.83 -16.63
CA PRO F 758 -48.54 -25.10 -16.79
C PRO F 758 -48.49 -25.61 -18.22
N LYS F 759 -48.56 -26.94 -18.33
CA LYS F 759 -48.45 -27.58 -19.63
C LYS F 759 -49.54 -27.08 -20.57
N GLY F 760 -49.15 -26.82 -21.81
CA GLY F 760 -50.08 -26.39 -22.82
C GLY F 760 -50.45 -24.92 -22.75
N SER F 761 -49.91 -24.18 -21.79
CA SER F 761 -50.20 -22.76 -21.71
C SER F 761 -49.74 -22.06 -22.99
N SER F 762 -50.56 -21.15 -23.48
CA SER F 762 -50.23 -20.36 -24.66
C SER F 762 -49.24 -19.26 -24.35
N LEU F 763 -48.58 -19.33 -23.18
CA LEU F 763 -47.65 -18.30 -22.76
C LEU F 763 -46.26 -18.84 -22.43
N GLY F 764 -46.02 -20.14 -22.62
CA GLY F 764 -44.69 -20.67 -22.35
C GLY F 764 -43.64 -20.17 -23.32
N THR F 765 -43.95 -20.20 -24.62
CA THR F 765 -42.96 -19.78 -25.61
C THR F 765 -42.62 -18.31 -25.50
N PRO F 766 -43.57 -17.38 -25.44
CA PRO F 766 -43.19 -15.97 -25.33
C PRO F 766 -42.41 -15.67 -24.08
N VAL F 767 -42.75 -16.30 -22.95
CA VAL F 767 -42.01 -16.03 -21.73
C VAL F 767 -40.61 -16.61 -21.81
N ASN F 768 -40.45 -17.78 -22.43
CA ASN F 768 -39.13 -18.34 -22.64
C ASN F 768 -38.28 -17.38 -23.47
N LEU F 769 -38.83 -16.91 -24.58
CA LEU F 769 -38.10 -16.00 -25.45
C LEU F 769 -37.76 -14.72 -24.72
N ALA F 770 -38.69 -14.21 -23.91
CA ALA F 770 -38.46 -12.98 -23.18
C ALA F 770 -37.36 -13.15 -22.16
N VAL F 771 -37.41 -14.25 -21.41
CA VAL F 771 -36.36 -14.54 -20.45
C VAL F 771 -35.01 -14.53 -21.14
N LEU F 772 -34.91 -15.24 -22.26
CA LEU F 772 -33.62 -15.38 -22.92
C LEU F 772 -33.14 -14.04 -23.45
N LYS F 773 -34.01 -13.30 -24.12
CA LYS F 773 -33.62 -12.02 -24.70
C LYS F 773 -33.20 -11.05 -23.62
N LEU F 774 -33.94 -11.04 -22.51
CA LEU F 774 -33.56 -10.19 -21.38
C LEU F 774 -32.20 -10.61 -20.83
N SER F 775 -31.95 -11.92 -20.76
CA SER F 775 -30.68 -12.41 -20.24
C SER F 775 -29.52 -11.90 -21.09
N GLU F 776 -29.63 -12.07 -22.41
CA GLU F 776 -28.53 -11.65 -23.26
C GLU F 776 -28.55 -10.14 -23.54
N GLN F 777 -29.62 -9.45 -23.14
CA GLN F 777 -29.68 -8.00 -23.33
C GLN F 777 -28.90 -7.24 -22.27
N GLY F 778 -28.42 -7.93 -21.23
CA GLY F 778 -27.64 -7.28 -20.20
C GLY F 778 -28.50 -6.67 -19.11
N VAL F 779 -29.47 -7.45 -18.62
CA VAL F 779 -30.44 -6.98 -17.65
C VAL F 779 -30.37 -7.78 -16.35
N LEU F 780 -30.53 -9.10 -16.45
CA LEU F 780 -30.50 -9.93 -15.24
C LEU F 780 -29.22 -9.67 -14.45
N ASP F 781 -28.11 -9.45 -15.15
CA ASP F 781 -26.90 -9.02 -14.45
C ASP F 781 -27.12 -7.70 -13.74
N LYS F 782 -27.79 -6.76 -14.40
CA LYS F 782 -28.04 -5.46 -13.80
C LYS F 782 -28.91 -5.61 -12.55
N LEU F 783 -29.97 -6.42 -12.64
CA LEU F 783 -30.86 -6.59 -11.50
C LEU F 783 -30.13 -7.28 -10.35
N LYS F 784 -29.34 -8.30 -10.66
CA LYS F 784 -28.58 -8.98 -9.62
C LYS F 784 -27.62 -8.03 -8.93
N ASN F 785 -26.94 -7.19 -9.71
CA ASN F 785 -26.04 -6.22 -9.11
C ASN F 785 -26.80 -5.22 -8.25
N LYS F 786 -27.98 -4.79 -8.71
CA LYS F 786 -28.74 -3.80 -7.97
C LYS F 786 -29.20 -4.35 -6.63
N TRP F 787 -29.60 -5.62 -6.60
CA TRP F 787 -30.21 -6.16 -5.39
C TRP F 787 -29.20 -6.82 -4.46
N TRP F 788 -28.33 -7.68 -4.99
CA TRP F 788 -27.36 -8.36 -4.15
C TRP F 788 -26.28 -7.40 -3.66
N TYR F 789 -25.81 -6.52 -4.54
CA TYR F 789 -24.61 -5.73 -4.30
C TYR F 789 -24.89 -4.26 -4.03
N ASP F 790 -25.68 -3.60 -4.88
CA ASP F 790 -25.98 -2.19 -4.66
C ASP F 790 -26.67 -1.98 -3.32
N LYS F 791 -27.67 -2.82 -3.03
CA LYS F 791 -28.34 -2.79 -1.72
C LYS F 791 -27.59 -3.68 -0.73
N GLY F 792 -26.30 -3.39 -0.58
CA GLY F 792 -25.41 -4.21 0.23
C GLY F 792 -25.08 -3.52 1.55
N GLU F 793 -25.11 -4.32 2.62
CA GLU F 793 -24.81 -3.79 3.94
C GLU F 793 -23.34 -3.43 4.11
N CYS F 794 -22.49 -3.82 3.17
CA CYS F 794 -21.07 -3.55 3.27
C CYS F 794 -20.40 -3.81 1.92
N GLY F 795 -19.47 -2.94 1.55
CA GLY F 795 -18.76 -3.07 0.30
C GLY F 795 -17.49 -3.87 0.42
N GLU F 803 -5.44 1.10 7.61
CA GLU F 803 -5.73 1.27 9.03
C GLU F 803 -4.45 1.58 9.80
N LYS F 804 -4.50 2.62 10.64
CA LYS F 804 -3.36 2.97 11.47
C LYS F 804 -3.01 1.79 12.37
N THR F 805 -1.86 1.17 12.11
CA THR F 805 -1.50 -0.04 12.82
C THR F 805 -1.41 0.24 14.31
N SER F 806 -1.30 -0.83 15.07
CA SER F 806 -1.37 -0.78 16.52
C SER F 806 -0.06 -1.25 17.14
N ALA F 807 0.23 -0.70 18.31
CA ALA F 807 1.42 -1.08 19.04
C ALA F 807 1.42 -2.58 19.33
N LEU F 808 2.57 -3.07 19.75
CA LEU F 808 2.70 -4.46 20.12
C LEU F 808 2.21 -4.68 21.55
N SER F 809 1.61 -5.83 21.76
CA SER F 809 1.06 -6.20 23.05
C SER F 809 1.78 -7.43 23.59
N LEU F 810 1.66 -7.62 24.90
CA LEU F 810 2.31 -8.74 25.55
C LEU F 810 1.92 -10.06 24.90
N SER F 811 0.69 -10.15 24.39
CA SER F 811 0.26 -11.38 23.74
C SER F 811 1.17 -11.72 22.56
N ASN F 812 1.75 -10.70 21.92
CA ASN F 812 2.63 -10.95 20.79
C ASN F 812 3.99 -11.48 21.22
N VAL F 813 4.44 -11.11 22.42
CA VAL F 813 5.84 -11.26 22.77
C VAL F 813 5.97 -11.90 24.15
N ALA F 814 4.91 -12.54 24.63
CA ALA F 814 4.96 -13.16 25.94
C ALA F 814 5.82 -14.42 25.93
N GLY F 815 5.95 -15.07 24.78
CA GLY F 815 6.71 -16.30 24.73
C GLY F 815 8.16 -16.11 25.14
N VAL F 816 8.76 -15.02 24.69
CA VAL F 816 10.14 -14.75 25.07
C VAL F 816 10.25 -14.47 26.55
N PHE F 817 9.23 -13.84 27.15
CA PHE F 817 9.24 -13.66 28.60
C PHE F 817 9.18 -15.00 29.31
N TYR F 818 8.34 -15.91 28.83
CA TYR F 818 8.27 -17.23 29.43
C TYR F 818 9.62 -17.92 29.33
N ILE F 819 10.26 -17.81 28.17
CA ILE F 819 11.58 -18.40 27.99
C ILE F 819 12.59 -17.78 28.94
N LEU F 820 12.50 -16.47 29.14
CA LEU F 820 13.43 -15.79 30.04
C LEU F 820 13.28 -16.30 31.46
N VAL F 821 12.04 -16.40 31.94
CA VAL F 821 11.83 -16.84 33.31
C VAL F 821 12.21 -18.31 33.45
N GLY F 822 11.92 -19.11 32.43
CA GLY F 822 12.34 -20.50 32.47
C GLY F 822 13.84 -20.63 32.52
N GLY F 823 14.55 -19.79 31.77
CA GLY F 823 16.00 -19.81 31.80
C GLY F 823 16.55 -19.39 33.15
N LEU F 824 15.91 -18.40 33.77
CA LEU F 824 16.33 -17.99 35.12
C LEU F 824 16.14 -19.13 36.11
N GLY F 825 14.98 -19.80 36.04
CA GLY F 825 14.76 -20.93 36.93
C GLY F 825 15.76 -22.04 36.70
N LEU F 826 16.02 -22.33 35.43
CA LEU F 826 16.98 -23.38 35.09
C LEU F 826 18.37 -23.02 35.59
N ALA F 827 18.75 -21.75 35.47
CA ALA F 827 20.09 -21.34 35.90
C ALA F 827 20.21 -21.43 37.41
N MET F 828 19.20 -20.97 38.15
CA MET F 828 19.25 -21.12 39.60
C MET F 828 19.32 -22.58 39.98
N LEU F 829 18.52 -23.42 39.33
CA LEU F 829 18.53 -24.84 39.65
C LEU F 829 19.89 -25.46 39.37
N VAL F 830 20.49 -25.11 38.23
CA VAL F 830 21.76 -25.70 37.86
C VAL F 830 22.87 -25.25 38.79
N ALA F 831 22.86 -23.97 39.15
CA ALA F 831 23.86 -23.48 40.10
C ALA F 831 23.68 -24.14 41.44
N LEU F 832 22.44 -24.33 41.88
CA LEU F 832 22.17 -25.02 43.14
C LEU F 832 22.68 -26.45 43.07
N ILE F 833 22.45 -27.13 41.95
CA ILE F 833 22.90 -28.52 41.81
C ILE F 833 24.42 -28.59 41.82
N GLU F 834 25.07 -27.67 41.11
CA GLU F 834 26.54 -27.66 41.10
C GLU F 834 27.08 -27.37 42.49
N PHE F 835 26.44 -26.45 43.20
CA PHE F 835 26.87 -26.13 44.56
C PHE F 835 26.72 -27.34 45.47
N CYS F 836 25.60 -28.04 45.37
CA CYS F 836 25.38 -29.23 46.20
C CYS F 836 26.40 -30.30 45.86
N TYR F 837 26.70 -30.47 44.58
CA TYR F 837 27.66 -31.49 44.16
C TYR F 837 29.06 -31.17 44.67
N LYS F 838 29.51 -29.92 44.45
CA LYS F 838 30.84 -29.53 44.88
C LYS F 838 30.95 -29.50 46.40
N SER F 839 29.83 -29.29 47.10
CA SER F 839 29.87 -29.23 48.56
C SER F 839 30.28 -30.57 49.14
N ARG F 840 29.78 -31.67 48.59
CA ARG F 840 30.10 -33.00 49.07
C ARG F 840 31.47 -33.45 48.56
C01 E2Q G . -15.95 -18.47 -30.06
C02 E2Q G . -17.17 -19.03 -30.23
C03 E2Q G . -17.40 -20.35 -29.78
C04 E2Q G . -18.70 -20.91 -29.97
C05 E2Q G . -18.96 -22.19 -29.54
C06 E2Q G . -17.97 -22.95 -28.91
C07 E2Q G . -16.74 -22.40 -28.74
C08 E2Q G . -16.38 -21.08 -29.15
C09 E2Q G . -15.09 -20.49 -28.97
C10 E2Q G . -14.94 -19.22 -29.44
C19 E2Q G . -21.24 -22.10 -30.31
C21 E2Q G . -20.99 -20.72 -30.79
N14 E2Q G . -13.45 -22.59 -29.04
N15 E2Q G . -15.85 -23.39 -28.05
N18 E2Q G . -20.19 -22.78 -29.70
N23 E2Q G . -19.71 -20.20 -30.59
O12 E2Q G . -12.64 -20.41 -28.45
O13 E2Q G . -14.20 -21.66 -26.96
O16 E2Q G . -15.07 -23.95 -28.79
O17 E2Q G . -15.96 -23.55 -26.89
O20 E2Q G . -22.32 -22.65 -30.44
O22 E2Q G . -21.83 -20.05 -31.33
S11 E2Q G . -13.77 -21.24 -28.24
O21 PC1 H . 29.22 -13.26 -6.43
C21 PC1 H . 28.28 -14.15 -5.89
O22 PC1 H . 27.31 -14.43 -6.50
C22 PC1 H . 28.53 -14.76 -4.51
C23 PC1 H . 29.55 -13.92 -3.74
C24 PC1 H . 29.79 -14.56 -2.37
C25 PC1 H . 30.83 -13.75 -1.59
C26 PC1 H . 30.76 -14.11 -0.11
C27 PC1 H . 32.00 -13.60 0.61
C28 PC1 H . 31.85 -13.80 2.13
C29 PC1 H . 32.64 -12.72 2.87
C2A PC1 H . 32.55 -12.98 4.37
C2B PC1 H . 33.66 -13.93 4.80
C2C PC1 H . 34.63 -13.20 5.74
C2D PC1 H . 35.95 -13.96 5.77
C2E PC1 H . 36.97 -13.22 6.64
C2F PC1 H . 38.11 -14.17 6.98
C2G PC1 H . 39.00 -13.58 8.07
C2H PC1 H . 40.01 -12.62 7.47
C2I PC1 H . 41.01 -12.20 8.55
O21 PC1 I . 26.15 -12.51 -8.09
C21 PC1 I . 25.33 -11.39 -7.95
O22 PC1 I . 24.16 -11.53 -7.78
C22 PC1 I . 25.93 -9.99 -8.00
C23 PC1 I . 26.46 -9.60 -6.62
C24 PC1 I . 27.80 -10.28 -6.38
C25 PC1 I . 28.37 -9.78 -5.06
C26 PC1 I . 29.88 -9.99 -5.00
C27 PC1 I . 30.46 -9.21 -3.82
C28 PC1 I . 30.21 -9.99 -2.52
C29 PC1 I . 30.73 -9.19 -1.32
C2A PC1 I . 31.05 -10.14 -0.16
C2B PC1 I . 30.20 -9.80 1.06
C2C PC1 I . 30.74 -8.55 1.75
C2D PC1 I . 31.96 -8.90 2.59
C2E PC1 I . 32.33 -7.70 3.46
C2F PC1 I . 33.65 -7.97 4.18
C2G PC1 I . 33.97 -6.80 5.12
C01 E2Q J . -28.64 25.93 -1.62
C02 E2Q J . -29.07 26.74 -2.61
C03 E2Q J . -28.46 28.00 -2.78
C04 E2Q J . -28.92 28.85 -3.84
C05 E2Q J . -28.33 30.07 -4.03
C06 E2Q J . -27.30 30.51 -3.20
C07 E2Q J . -26.87 29.71 -2.20
C08 E2Q J . -27.41 28.41 -1.93
C09 E2Q J . -26.96 27.54 -0.89
C10 E2Q J . -27.61 26.34 -0.78
C19 E2Q J . -29.78 30.59 -5.89
C21 E2Q J . -30.41 29.26 -5.71
N14 E2Q J . -26.12 29.22 1.00
N15 E2Q J . -25.76 30.37 -1.46
N18 E2Q J . -28.74 30.93 -5.02
N23 E2Q J . -29.95 28.45 -4.68
O12 E2Q J . -25.73 26.87 1.20
O13 E2Q J . -24.57 28.23 -0.55
O16 E2Q J . -26.09 30.85 -0.40
O17 E2Q J . -24.68 30.40 -1.94
O20 E2Q J . -30.11 31.36 -6.77
O22 E2Q J . -31.31 28.87 -6.42
S11 E2Q J . -25.73 27.88 0.22
O21 PC1 K . 5.82 7.42 31.35
C21 PC1 K . 6.23 8.39 30.44
O22 PC1 K . 5.43 8.97 29.79
C22 PC1 K . 7.72 8.72 30.30
C23 PC1 K . 8.55 7.56 30.85
C24 PC1 K . 10.03 7.92 30.70
C25 PC1 K . 10.91 6.79 31.28
C26 PC1 K . 12.34 6.92 30.76
C27 PC1 K . 13.27 6.03 31.59
C28 PC1 K . 14.67 6.04 30.96
C29 PC1 K . 15.37 4.72 31.27
C2A PC1 K . 16.79 4.74 30.72
C2B PC1 K . 17.74 5.35 31.74
C2C PC1 K . 18.73 4.29 32.21
C2D PC1 K . 19.34 4.73 33.54
C2E PC1 K . 20.29 3.67 34.06
C2F PC1 K . 21.16 4.28 35.17
C2G PC1 K . 22.32 3.35 35.52
C2H PC1 K . 21.86 2.29 36.52
C2I PC1 K . 23.06 1.51 37.01
O21 PC1 L . 3.18 7.62 28.97
C21 PC1 L . 2.82 6.69 27.98
O22 PC1 L . 2.65 7.05 26.86
C22 PC1 L . 2.64 5.21 28.34
C23 PC1 L . 4.00 4.52 28.30
C24 PC1 L . 4.79 4.84 29.57
C25 PC1 L . 6.08 4.04 29.57
C26 PC1 L . 6.64 3.90 30.98
C27 PC1 L . 7.74 2.84 30.99
C28 PC1 L . 9.03 3.44 30.44
C29 PC1 L . 10.14 2.37 30.38
C2A PC1 L . 11.51 3.04 30.42
C2B PC1 L . 12.31 2.70 29.18
C2C PC1 L . 12.84 1.27 29.25
C2D PC1 L . 14.07 1.22 30.15
C2E PC1 L . 14.73 -0.15 30.00
C2F PC1 L . 15.86 -0.29 31.03
C2G PC1 L . 16.56 -1.63 30.82
C01 E2Q M . -4.45 31.16 -27.25
C02 E2Q M . -5.65 31.67 -27.62
C03 E2Q M . -6.77 30.81 -27.69
C04 E2Q M . -8.02 31.38 -28.07
C05 E2Q M . -9.14 30.57 -28.15
C06 E2Q M . -9.05 29.20 -27.84
C07 E2Q M . -7.85 28.69 -27.48
C08 E2Q M . -6.66 29.45 -27.37
C09 E2Q M . -5.38 28.91 -26.98
C10 E2Q M . -4.35 29.80 -26.94
C19 E2Q M . -10.54 32.41 -28.85
C21 E2Q M . -9.35 33.30 -28.76
N14 E2Q M . -5.50 26.37 -27.80
N15 E2Q M . -8.00 27.23 -27.20
N18 E2Q M . -10.37 31.06 -28.53
N23 E2Q M . -8.15 32.72 -28.38
O12 E2Q M . -3.67 27.15 -26.46
O13 E2Q M . -5.98 26.95 -25.54
O16 E2Q M . -7.61 26.52 -28.10
O17 E2Q M . -8.48 26.88 -26.18
O20 E2Q M . -11.64 32.82 -29.17
O22 E2Q M . -9.40 34.48 -29.03
S11 E2Q M . -5.08 27.29 -26.57
O11 PC1 N . 23.65 20.00 4.38
C1 PC1 N . 24.70 19.19 4.81
C2 PC1 N . 25.41 18.59 3.60
O21 PC1 N . 24.53 17.76 2.90
C3 PC1 N . 26.63 17.78 4.04
O31 PC1 N . 26.64 17.62 5.42
C31 PC1 N . 27.64 16.73 5.86
O32 PC1 N . 28.15 15.98 5.09
C32 PC1 N . 28.09 16.76 7.31
C33 PC1 N . 28.13 15.34 7.85
C34 PC1 N . 29.56 14.94 8.23
C35 PC1 N . 29.50 13.75 9.17
C36 PC1 N . 30.90 13.21 9.42
C37 PC1 N . 30.78 11.92 10.22
C38 PC1 N . 32.04 11.69 11.04
C39 PC1 N . 31.76 10.70 12.15
C3A PC1 N . 33.07 10.09 12.66
C3B PC1 N . 33.97 11.20 13.22
C3C PC1 N . 35.31 10.59 13.60
C3D PC1 N . 36.12 11.60 14.41
C3E PC1 N . 36.51 10.97 15.74
C3F PC1 N . 37.39 11.92 16.53
C3G PC1 N . 38.05 11.14 17.66
C3H PC1 N . 37.42 11.55 19.00
C3I PC1 N . 37.71 10.45 20.01
C01 E2Q O . -33.41 -24.87 0.38
C02 E2Q O . -34.23 -25.04 -0.68
C03 E2Q O . -34.45 -23.96 -1.57
C04 E2Q O . -35.32 -24.17 -2.69
C05 E2Q O . -35.55 -23.14 -3.57
C06 E2Q O . -34.95 -21.89 -3.39
C07 E2Q O . -34.13 -21.71 -2.32
C08 E2Q O . -33.83 -22.72 -1.36
C09 E2Q O . -32.96 -22.54 -0.23
C10 E2Q O . -32.80 -23.63 0.58
C19 E2Q O . -37.03 -24.50 -4.92
C21 E2Q O . -36.78 -25.63 -3.98
N14 E2Q O . -33.20 -19.93 0.34
N15 E2Q O . -33.60 -20.31 -2.33
N18 E2Q O . -36.38 -23.29 -4.66
N23 E2Q O . -35.93 -25.40 -2.89
O12 E2Q O . -31.57 -21.29 1.45
O13 E2Q O . -31.37 -20.74 -0.97
O16 E2Q O . -34.15 -19.57 -1.54
O17 E2Q O . -32.72 -20.03 -3.07
O20 E2Q O . -37.75 -24.61 -5.88
O22 E2Q O . -37.29 -26.72 -4.11
S11 E2Q O . -32.14 -21.11 0.16
O11 PC1 P . 6.91 -25.10 17.36
C1 PC1 P . 7.81 -24.62 18.31
C2 PC1 P . 7.02 -24.01 19.48
O21 PC1 P . 6.29 -22.92 19.02
C3 PC1 P . 7.98 -23.57 20.59
O31 PC1 P . 9.31 -23.62 20.15
C31 PC1 P . 10.20 -23.06 21.06
O32 PC1 P . 9.81 -22.32 21.90
C32 PC1 P . 11.68 -23.40 20.99
C33 PC1 P . 12.51 -22.13 21.05
C34 PC1 P . 13.37 -22.11 22.31
C35 PC1 P . 14.49 -21.09 22.11
C36 PC1 P . 15.27 -20.91 23.41
C37 PC1 P . 16.26 -19.77 23.23
C38 PC1 P . 17.45 -19.96 24.16
C39 PC1 P . 18.62 -19.11 23.66
C3A PC1 P . 19.61 -18.89 24.80
C3B PC1 P . 20.17 -20.23 25.28
C3C PC1 P . 21.06 -20.00 26.49
C3D PC1 P . 21.84 -21.28 26.80
C3E PC1 P . 23.32 -20.94 26.80
C3F PC1 P . 24.12 -22.18 27.20
C3G PC1 P . 25.55 -21.76 27.55
C3H PC1 P . 26.50 -22.21 26.46
C3I PC1 P . 27.76 -21.36 26.54
#